data_2V6H
# 
_entry.id   2V6H 
# 
_audit_conform.dict_name       mmcif_pdbx.dic 
_audit_conform.dict_version    5.391 
_audit_conform.dict_location   http://mmcif.pdb.org/dictionaries/ascii/mmcif_pdbx.dic 
# 
loop_
_database_2.database_id 
_database_2.database_code 
_database_2.pdbx_database_accession 
_database_2.pdbx_DOI 
PDB   2V6H         pdb_00002v6h 10.2210/pdb2v6h/pdb 
PDBE  EBI-33222    ?            ?                   
WWPDB D_1290033222 ?            ?                   
# 
loop_
_pdbx_audit_revision_history.ordinal 
_pdbx_audit_revision_history.data_content_type 
_pdbx_audit_revision_history.major_revision 
_pdbx_audit_revision_history.minor_revision 
_pdbx_audit_revision_history.revision_date 
1 'Structure model' 1 0 2008-07-22 
2 'Structure model' 1 1 2011-05-08 
3 'Structure model' 1 2 2011-07-13 
4 'Structure model' 1 3 2017-08-23 
5 'Structure model' 1 4 2019-05-08 
6 'Structure model' 1 5 2024-05-08 
# 
_pdbx_audit_revision_details.ordinal             1 
_pdbx_audit_revision_details.revision_ordinal    1 
_pdbx_audit_revision_details.data_content_type   'Structure model' 
_pdbx_audit_revision_details.provider            repository 
_pdbx_audit_revision_details.type                'Initial release' 
_pdbx_audit_revision_details.description         ? 
_pdbx_audit_revision_details.details             ? 
# 
loop_
_pdbx_audit_revision_group.ordinal 
_pdbx_audit_revision_group.revision_ordinal 
_pdbx_audit_revision_group.data_content_type 
_pdbx_audit_revision_group.group 
1 2 'Structure model' 'Version format compliance' 
2 3 'Structure model' 'Version format compliance' 
3 4 'Structure model' 'Database references'       
4 4 'Structure model' 'Refinement description'    
5 5 'Structure model' 'Data collection'           
6 5 'Structure model' 'Experimental preparation'  
7 6 'Structure model' 'Data collection'           
8 6 'Structure model' 'Database references'       
9 6 'Structure model' Other                       
# 
loop_
_pdbx_audit_revision_category.ordinal 
_pdbx_audit_revision_category.revision_ordinal 
_pdbx_audit_revision_category.data_content_type 
_pdbx_audit_revision_category.category 
1  4 'Structure model' citation                
2  4 'Structure model' citation_author         
3  4 'Structure model' software                
4  5 'Structure model' database_PDB_rev        
5  5 'Structure model' database_PDB_rev_record 
6  5 'Structure model' exptl_crystal_grow      
7  6 'Structure model' chem_comp_atom          
8  6 'Structure model' chem_comp_bond          
9  6 'Structure model' database_2              
10 6 'Structure model' pdbx_database_status    
# 
loop_
_pdbx_audit_revision_item.ordinal 
_pdbx_audit_revision_item.revision_ordinal 
_pdbx_audit_revision_item.data_content_type 
_pdbx_audit_revision_item.item 
1  4 'Structure model' '_citation.journal_abbrev'             
2  4 'Structure model' '_citation.journal_id_ISSN'            
3  4 'Structure model' '_citation.page_last'                  
4  4 'Structure model' '_citation.pdbx_database_id_DOI'       
5  4 'Structure model' '_citation.pdbx_database_id_PubMed'    
6  4 'Structure model' '_citation.title'                      
7  4 'Structure model' '_citation_author.name'                
8  5 'Structure model' '_exptl_crystal_grow.method'           
9  5 'Structure model' '_exptl_crystal_grow.temp'             
10 6 'Structure model' '_database_2.pdbx_DOI'                 
11 6 'Structure model' '_database_2.pdbx_database_accession'  
12 6 'Structure model' '_pdbx_database_status.status_code_sf' 
# 
_pdbx_database_status.status_code                     REL 
_pdbx_database_status.entry_id                        2V6H 
_pdbx_database_status.deposit_site                    PDBE 
_pdbx_database_status.process_site                    PDBE 
_pdbx_database_status.SG_entry                        . 
_pdbx_database_status.recvd_initial_deposition_date   2007-07-18 
_pdbx_database_status.pdb_format_compatible           Y 
_pdbx_database_status.status_code_sf                  REL 
_pdbx_database_status.status_code_mr                  ? 
_pdbx_database_status.status_code_cs                  ? 
_pdbx_database_status.methods_development_category    ? 
_pdbx_database_status.status_code_nmr_data            ? 
# 
loop_
_pdbx_database_related.db_name 
_pdbx_database_related.db_id 
_pdbx_database_related.content_type 
_pdbx_database_related.details 
PDB 1GXE unspecified 'CENTRAL DOMAIN OF CARDIAC MYOSIN BINDING PROTEIN C'                      
PDB 1PD6 unspecified 'THE NMR STRUCTURE OF DOMAIN C2 OF HUMAN CARDIAC MYOSINBINDING PROTEIN C' 
# 
loop_
_audit_author.name 
_audit_author.pdbx_ordinal 
'Govata, L.'         1 
'Carpenter, L.'      2 
'Da Fonseca, P.C.A.' 3 
'Helliwell, J.R.'    4 
'Rizkallah, P.J.'    5 
'Flashman, E.'       6 
'Chayen, N.E.'       7 
'Redwood, C.'        8 
'Squire, J.M.'       9 
# 
_citation.id                        primary 
_citation.title                     
'Crystal structure of the C1 domain of cardiac myosin binding protein-C: implications for hypertrophic cardiomyopathy.' 
_citation.journal_abbrev            'J. Mol. Biol.' 
_citation.journal_volume            378 
_citation.page_first                387 
_citation.page_last                 397 
_citation.year                      2008 
_citation.journal_id_ASTM           JMOBAK 
_citation.country                   UK 
_citation.journal_id_ISSN           1089-8638 
_citation.journal_id_CSD            0070 
_citation.book_publisher            ? 
_citation.pdbx_database_id_PubMed   18374358 
_citation.pdbx_database_id_DOI      10.1016/j.jmb.2008.02.044 
# 
loop_
_citation_author.citation_id 
_citation_author.name 
_citation_author.ordinal 
_citation_author.identifier_ORCID 
primary 'Govada, L.'       1 ? 
primary 'Carpenter, L.'    2 ? 
primary 'da Fonseca, P.C.' 3 ? 
primary 'Helliwell, J.R.'  4 ? 
primary 'Rizkallah, P.'    5 ? 
primary 'Flashman, E.'     6 ? 
primary 'Chayen, N.E.'     7 ? 
primary 'Redwood, C.'      8 ? 
primary 'Squire, J.M.'     9 ? 
# 
loop_
_entity.id 
_entity.type 
_entity.src_method 
_entity.pdbx_description 
_entity.formula_weight 
_entity.pdbx_number_of_molecules 
_entity.pdbx_ec 
_entity.pdbx_mutation 
_entity.pdbx_fragment 
_entity.details 
1 polymer man 'MYOSIN-BINDING PROTEIN C, CARDIAC-TYPE' 12049.611 1   ? ? 'C1 DOMAIN, RESIDUES 151-258' ? 
2 water   nat water                                    18.015    170 ? ? ?                             ? 
# 
_entity_name_com.entity_id   1 
_entity_name_com.name        'CARDIAC MYBP-C, C-PROTEIN, CARDIAC MUSCLE ISOFORM' 
# 
_entity_poly.entity_id                      1 
_entity_poly.type                           'polypeptide(L)' 
_entity_poly.nstd_linkage                   no 
_entity_poly.nstd_monomer                   no 
_entity_poly.pdbx_seq_one_letter_code       
;DDPIGLFVMRPQDGEVTVGGSITFSARVAGASLLKPPVVKWFKGKWVDLSSKVGQHLQLHDSYDRASKVYLFELHITDAQ
PAFTGSYRCEVSTKDKFDCSNFNLTVHE
;
_entity_poly.pdbx_seq_one_letter_code_can   
;DDPIGLFVMRPQDGEVTVGGSITFSARVAGASLLKPPVVKWFKGKWVDLSSKVGQHLQLHDSYDRASKVYLFELHITDAQ
PAFTGSYRCEVSTKDKFDCSNFNLTVHE
;
_entity_poly.pdbx_strand_id                 A 
_entity_poly.pdbx_target_identifier         ? 
# 
_pdbx_entity_nonpoly.entity_id   2 
_pdbx_entity_nonpoly.name        water 
_pdbx_entity_nonpoly.comp_id     HOH 
# 
loop_
_entity_poly_seq.entity_id 
_entity_poly_seq.num 
_entity_poly_seq.mon_id 
_entity_poly_seq.hetero 
1 1   ASP n 
1 2   ASP n 
1 3   PRO n 
1 4   ILE n 
1 5   GLY n 
1 6   LEU n 
1 7   PHE n 
1 8   VAL n 
1 9   MET n 
1 10  ARG n 
1 11  PRO n 
1 12  GLN n 
1 13  ASP n 
1 14  GLY n 
1 15  GLU n 
1 16  VAL n 
1 17  THR n 
1 18  VAL n 
1 19  GLY n 
1 20  GLY n 
1 21  SER n 
1 22  ILE n 
1 23  THR n 
1 24  PHE n 
1 25  SER n 
1 26  ALA n 
1 27  ARG n 
1 28  VAL n 
1 29  ALA n 
1 30  GLY n 
1 31  ALA n 
1 32  SER n 
1 33  LEU n 
1 34  LEU n 
1 35  LYS n 
1 36  PRO n 
1 37  PRO n 
1 38  VAL n 
1 39  VAL n 
1 40  LYS n 
1 41  TRP n 
1 42  PHE n 
1 43  LYS n 
1 44  GLY n 
1 45  LYS n 
1 46  TRP n 
1 47  VAL n 
1 48  ASP n 
1 49  LEU n 
1 50  SER n 
1 51  SER n 
1 52  LYS n 
1 53  VAL n 
1 54  GLY n 
1 55  GLN n 
1 56  HIS n 
1 57  LEU n 
1 58  GLN n 
1 59  LEU n 
1 60  HIS n 
1 61  ASP n 
1 62  SER n 
1 63  TYR n 
1 64  ASP n 
1 65  ARG n 
1 66  ALA n 
1 67  SER n 
1 68  LYS n 
1 69  VAL n 
1 70  TYR n 
1 71  LEU n 
1 72  PHE n 
1 73  GLU n 
1 74  LEU n 
1 75  HIS n 
1 76  ILE n 
1 77  THR n 
1 78  ASP n 
1 79  ALA n 
1 80  GLN n 
1 81  PRO n 
1 82  ALA n 
1 83  PHE n 
1 84  THR n 
1 85  GLY n 
1 86  SER n 
1 87  TYR n 
1 88  ARG n 
1 89  CYS n 
1 90  GLU n 
1 91  VAL n 
1 92  SER n 
1 93  THR n 
1 94  LYS n 
1 95  ASP n 
1 96  LYS n 
1 97  PHE n 
1 98  ASP n 
1 99  CYS n 
1 100 SER n 
1 101 ASN n 
1 102 PHE n 
1 103 ASN n 
1 104 LEU n 
1 105 THR n 
1 106 VAL n 
1 107 HIS n 
1 108 GLU n 
# 
_entity_src_gen.entity_id                          1 
_entity_src_gen.pdbx_src_id                        1 
_entity_src_gen.pdbx_alt_source_flag               sample 
_entity_src_gen.pdbx_seq_type                      ? 
_entity_src_gen.pdbx_beg_seq_num                   ? 
_entity_src_gen.pdbx_end_seq_num                   ? 
_entity_src_gen.gene_src_common_name               HUMAN 
_entity_src_gen.gene_src_genus                     ? 
_entity_src_gen.pdbx_gene_src_gene                 ? 
_entity_src_gen.gene_src_species                   ? 
_entity_src_gen.gene_src_strain                    ? 
_entity_src_gen.gene_src_tissue                    CARDIAC 
_entity_src_gen.gene_src_tissue_fraction           ? 
_entity_src_gen.gene_src_details                   ? 
_entity_src_gen.pdbx_gene_src_fragment             ? 
_entity_src_gen.pdbx_gene_src_scientific_name      'HOMO SAPIENS' 
_entity_src_gen.pdbx_gene_src_ncbi_taxonomy_id     9606 
_entity_src_gen.pdbx_gene_src_variant              ? 
_entity_src_gen.pdbx_gene_src_cell_line            ? 
_entity_src_gen.pdbx_gene_src_atcc                 ? 
_entity_src_gen.pdbx_gene_src_organ                HEART 
_entity_src_gen.pdbx_gene_src_organelle            ? 
_entity_src_gen.pdbx_gene_src_cell                 ? 
_entity_src_gen.pdbx_gene_src_cellular_location    ? 
_entity_src_gen.host_org_common_name               ? 
_entity_src_gen.pdbx_host_org_scientific_name      'ESCHERICHIA COLI' 
_entity_src_gen.pdbx_host_org_ncbi_taxonomy_id     562 
_entity_src_gen.host_org_genus                     ? 
_entity_src_gen.pdbx_host_org_gene                 ? 
_entity_src_gen.pdbx_host_org_organ                ? 
_entity_src_gen.host_org_species                   ? 
_entity_src_gen.pdbx_host_org_tissue               ? 
_entity_src_gen.pdbx_host_org_tissue_fraction      ? 
_entity_src_gen.pdbx_host_org_strain               ? 
_entity_src_gen.pdbx_host_org_variant              ? 
_entity_src_gen.pdbx_host_org_cell_line            ? 
_entity_src_gen.pdbx_host_org_atcc                 ? 
_entity_src_gen.pdbx_host_org_culture_collection   ? 
_entity_src_gen.pdbx_host_org_cell                 ? 
_entity_src_gen.pdbx_host_org_organelle            ? 
_entity_src_gen.pdbx_host_org_cellular_location    ? 
_entity_src_gen.pdbx_host_org_vector_type          ? 
_entity_src_gen.pdbx_host_org_vector               PET28A 
_entity_src_gen.host_org_details                   ? 
_entity_src_gen.expression_system_id               ? 
_entity_src_gen.plasmid_name                       ? 
_entity_src_gen.plasmid_details                    ? 
_entity_src_gen.pdbx_description                   ? 
# 
loop_
_chem_comp.id 
_chem_comp.type 
_chem_comp.mon_nstd_flag 
_chem_comp.name 
_chem_comp.pdbx_synonyms 
_chem_comp.formula 
_chem_comp.formula_weight 
ALA 'L-peptide linking' y ALANINE         ? 'C3 H7 N O2'     89.093  
ARG 'L-peptide linking' y ARGININE        ? 'C6 H15 N4 O2 1' 175.209 
ASN 'L-peptide linking' y ASPARAGINE      ? 'C4 H8 N2 O3'    132.118 
ASP 'L-peptide linking' y 'ASPARTIC ACID' ? 'C4 H7 N O4'     133.103 
CYS 'L-peptide linking' y CYSTEINE        ? 'C3 H7 N O2 S'   121.158 
GLN 'L-peptide linking' y GLUTAMINE       ? 'C5 H10 N2 O3'   146.144 
GLU 'L-peptide linking' y 'GLUTAMIC ACID' ? 'C5 H9 N O4'     147.129 
GLY 'peptide linking'   y GLYCINE         ? 'C2 H5 N O2'     75.067  
HIS 'L-peptide linking' y HISTIDINE       ? 'C6 H10 N3 O2 1' 156.162 
HOH non-polymer         . WATER           ? 'H2 O'           18.015  
ILE 'L-peptide linking' y ISOLEUCINE      ? 'C6 H13 N O2'    131.173 
LEU 'L-peptide linking' y LEUCINE         ? 'C6 H13 N O2'    131.173 
LYS 'L-peptide linking' y LYSINE          ? 'C6 H15 N2 O2 1' 147.195 
MET 'L-peptide linking' y METHIONINE      ? 'C5 H11 N O2 S'  149.211 
PHE 'L-peptide linking' y PHENYLALANINE   ? 'C9 H11 N O2'    165.189 
PRO 'L-peptide linking' y PROLINE         ? 'C5 H9 N O2'     115.130 
SER 'L-peptide linking' y SERINE          ? 'C3 H7 N O3'     105.093 
THR 'L-peptide linking' y THREONINE       ? 'C4 H9 N O3'     119.119 
TRP 'L-peptide linking' y TRYPTOPHAN      ? 'C11 H12 N2 O2'  204.225 
TYR 'L-peptide linking' y TYROSINE        ? 'C9 H11 N O3'    181.189 
VAL 'L-peptide linking' y VALINE          ? 'C5 H11 N O2'    117.146 
# 
loop_
_pdbx_poly_seq_scheme.asym_id 
_pdbx_poly_seq_scheme.entity_id 
_pdbx_poly_seq_scheme.seq_id 
_pdbx_poly_seq_scheme.mon_id 
_pdbx_poly_seq_scheme.ndb_seq_num 
_pdbx_poly_seq_scheme.pdb_seq_num 
_pdbx_poly_seq_scheme.auth_seq_num 
_pdbx_poly_seq_scheme.pdb_mon_id 
_pdbx_poly_seq_scheme.auth_mon_id 
_pdbx_poly_seq_scheme.pdb_strand_id 
_pdbx_poly_seq_scheme.pdb_ins_code 
_pdbx_poly_seq_scheme.hetero 
A 1 1   ASP 1   151 151 ASP ASP A . n 
A 1 2   ASP 2   152 152 ASP ASP A . n 
A 1 3   PRO 3   153 153 PRO PRO A . n 
A 1 4   ILE 4   154 154 ILE ILE A . n 
A 1 5   GLY 5   155 155 GLY GLY A . n 
A 1 6   LEU 6   156 156 LEU LEU A . n 
A 1 7   PHE 7   157 157 PHE PHE A . n 
A 1 8   VAL 8   158 158 VAL VAL A . n 
A 1 9   MET 9   159 159 MET MET A . n 
A 1 10  ARG 10  160 160 ARG ARG A . n 
A 1 11  PRO 11  161 161 PRO PRO A . n 
A 1 12  GLN 12  162 162 GLN GLN A . n 
A 1 13  ASP 13  163 163 ASP ASP A . n 
A 1 14  GLY 14  164 164 GLY GLY A . n 
A 1 15  GLU 15  165 165 GLU GLU A . n 
A 1 16  VAL 16  166 166 VAL VAL A . n 
A 1 17  THR 17  167 167 THR THR A . n 
A 1 18  VAL 18  168 168 VAL VAL A . n 
A 1 19  GLY 19  169 169 GLY GLY A . n 
A 1 20  GLY 20  170 170 GLY GLY A . n 
A 1 21  SER 21  171 171 SER SER A . n 
A 1 22  ILE 22  172 172 ILE ILE A . n 
A 1 23  THR 23  173 173 THR THR A . n 
A 1 24  PHE 24  174 174 PHE PHE A . n 
A 1 25  SER 25  175 175 SER SER A . n 
A 1 26  ALA 26  176 176 ALA ALA A . n 
A 1 27  ARG 27  177 177 ARG ARG A . n 
A 1 28  VAL 28  178 178 VAL VAL A . n 
A 1 29  ALA 29  179 179 ALA ALA A . n 
A 1 30  GLY 30  180 180 GLY GLY A . n 
A 1 31  ALA 31  181 ?   ?   ?   A . n 
A 1 32  SER 32  182 ?   ?   ?   A . n 
A 1 33  LEU 33  183 ?   ?   ?   A . n 
A 1 34  LEU 34  184 ?   ?   ?   A . n 
A 1 35  LYS 35  185 185 LYS LYS A . n 
A 1 36  PRO 36  186 186 PRO PRO A . n 
A 1 37  PRO 37  187 187 PRO PRO A . n 
A 1 38  VAL 38  188 188 VAL VAL A . n 
A 1 39  VAL 39  189 189 VAL VAL A . n 
A 1 40  LYS 40  190 190 LYS LYS A . n 
A 1 41  TRP 41  191 191 TRP TRP A . n 
A 1 42  PHE 42  192 192 PHE PHE A . n 
A 1 43  LYS 43  193 193 LYS LYS A . n 
A 1 44  GLY 44  194 194 GLY GLY A . n 
A 1 45  LYS 45  195 195 LYS LYS A . n 
A 1 46  TRP 46  196 196 TRP TRP A . n 
A 1 47  VAL 47  197 197 VAL VAL A . n 
A 1 48  ASP 48  198 198 ASP ASP A . n 
A 1 49  LEU 49  199 199 LEU LEU A . n 
A 1 50  SER 50  200 200 SER SER A . n 
A 1 51  SER 51  201 201 SER SER A . n 
A 1 52  LYS 52  202 202 LYS LYS A . n 
A 1 53  VAL 53  203 203 VAL VAL A . n 
A 1 54  GLY 54  204 204 GLY GLY A . n 
A 1 55  GLN 55  205 205 GLN GLN A . n 
A 1 56  HIS 56  206 206 HIS HIS A . n 
A 1 57  LEU 57  207 207 LEU LEU A . n 
A 1 58  GLN 58  208 208 GLN GLN A . n 
A 1 59  LEU 59  209 209 LEU LEU A . n 
A 1 60  HIS 60  210 210 HIS HIS A . n 
A 1 61  ASP 61  211 211 ASP ASP A . n 
A 1 62  SER 62  212 212 SER SER A . n 
A 1 63  TYR 63  213 213 TYR TYR A . n 
A 1 64  ASP 64  214 214 ASP ASP A . n 
A 1 65  ARG 65  215 215 ARG ARG A . n 
A 1 66  ALA 66  216 216 ALA ALA A . n 
A 1 67  SER 67  217 217 SER SER A . n 
A 1 68  LYS 68  218 218 LYS LYS A . n 
A 1 69  VAL 69  219 219 VAL VAL A . n 
A 1 70  TYR 70  220 220 TYR TYR A . n 
A 1 71  LEU 71  221 221 LEU LEU A . n 
A 1 72  PHE 72  222 222 PHE PHE A . n 
A 1 73  GLU 73  223 223 GLU GLU A . n 
A 1 74  LEU 74  224 224 LEU LEU A . n 
A 1 75  HIS 75  225 225 HIS HIS A . n 
A 1 76  ILE 76  226 226 ILE ILE A . n 
A 1 77  THR 77  227 227 THR THR A . n 
A 1 78  ASP 78  228 228 ASP ASP A . n 
A 1 79  ALA 79  229 229 ALA ALA A . n 
A 1 80  GLN 80  230 230 GLN GLN A . n 
A 1 81  PRO 81  231 231 PRO PRO A . n 
A 1 82  ALA 82  232 232 ALA ALA A . n 
A 1 83  PHE 83  233 233 PHE PHE A . n 
A 1 84  THR 84  234 234 THR THR A . n 
A 1 85  GLY 85  235 235 GLY GLY A . n 
A 1 86  SER 86  236 236 SER SER A . n 
A 1 87  TYR 87  237 237 TYR TYR A . n 
A 1 88  ARG 88  238 238 ARG ARG A . n 
A 1 89  CYS 89  239 239 CYS CYS A . n 
A 1 90  GLU 90  240 240 GLU GLU A . n 
A 1 91  VAL 91  241 241 VAL VAL A . n 
A 1 92  SER 92  242 242 SER SER A . n 
A 1 93  THR 93  243 243 THR THR A . n 
A 1 94  LYS 94  244 244 LYS LYS A . n 
A 1 95  ASP 95  245 245 ASP ASP A . n 
A 1 96  LYS 96  246 246 LYS LYS A . n 
A 1 97  PHE 97  247 247 PHE PHE A . n 
A 1 98  ASP 98  248 248 ASP ASP A . n 
A 1 99  CYS 99  249 249 CYS CYS A . n 
A 1 100 SER 100 250 250 SER SER A . n 
A 1 101 ASN 101 251 251 ASN ASN A . n 
A 1 102 PHE 102 252 252 PHE PHE A . n 
A 1 103 ASN 103 253 253 ASN ASN A . n 
A 1 104 LEU 104 254 254 LEU LEU A . n 
A 1 105 THR 105 255 255 THR THR A . n 
A 1 106 VAL 106 256 256 VAL VAL A . n 
A 1 107 HIS 107 257 257 HIS HIS A . n 
A 1 108 GLU 108 258 258 GLU GLU A . n 
# 
loop_
_pdbx_nonpoly_scheme.asym_id 
_pdbx_nonpoly_scheme.entity_id 
_pdbx_nonpoly_scheme.mon_id 
_pdbx_nonpoly_scheme.ndb_seq_num 
_pdbx_nonpoly_scheme.pdb_seq_num 
_pdbx_nonpoly_scheme.auth_seq_num 
_pdbx_nonpoly_scheme.pdb_mon_id 
_pdbx_nonpoly_scheme.auth_mon_id 
_pdbx_nonpoly_scheme.pdb_strand_id 
_pdbx_nonpoly_scheme.pdb_ins_code 
B 2 HOH 1   1001 1001 HOH HOH A . 
B 2 HOH 2   1002 1002 HOH HOH A . 
B 2 HOH 3   1003 1003 HOH HOH A . 
B 2 HOH 4   1004 1004 HOH HOH A . 
B 2 HOH 5   1005 1005 HOH HOH A . 
B 2 HOH 6   1006 1006 HOH HOH A . 
B 2 HOH 7   1007 1007 HOH HOH A . 
B 2 HOH 8   1008 1008 HOH HOH A . 
B 2 HOH 9   1009 1009 HOH HOH A . 
B 2 HOH 10  1010 1010 HOH HOH A . 
B 2 HOH 11  1011 1011 HOH HOH A . 
B 2 HOH 12  1012 1012 HOH HOH A . 
B 2 HOH 13  1013 1013 HOH HOH A . 
B 2 HOH 14  1014 1014 HOH HOH A . 
B 2 HOH 15  1015 1015 HOH HOH A . 
B 2 HOH 16  1016 1016 HOH HOH A . 
B 2 HOH 17  1017 1017 HOH HOH A . 
B 2 HOH 18  1018 1018 HOH HOH A . 
B 2 HOH 19  1019 1019 HOH HOH A . 
B 2 HOH 20  1020 1020 HOH HOH A . 
B 2 HOH 21  1021 1021 HOH HOH A . 
B 2 HOH 22  1022 1022 HOH HOH A . 
B 2 HOH 23  1023 1023 HOH HOH A . 
B 2 HOH 24  1024 1024 HOH HOH A . 
B 2 HOH 25  1025 1025 HOH HOH A . 
B 2 HOH 26  1026 1026 HOH HOH A . 
B 2 HOH 27  1027 1027 HOH HOH A . 
B 2 HOH 28  1028 1028 HOH HOH A . 
B 2 HOH 29  1029 1029 HOH HOH A . 
B 2 HOH 30  1030 1030 HOH HOH A . 
B 2 HOH 31  1031 1031 HOH HOH A . 
B 2 HOH 32  1032 1032 HOH HOH A . 
B 2 HOH 33  1033 1033 HOH HOH A . 
B 2 HOH 34  1034 1034 HOH HOH A . 
B 2 HOH 35  1035 1035 HOH HOH A . 
B 2 HOH 36  1036 1036 HOH HOH A . 
B 2 HOH 37  1037 1037 HOH HOH A . 
B 2 HOH 38  1038 1038 HOH HOH A . 
B 2 HOH 39  1039 1039 HOH HOH A . 
B 2 HOH 40  1040 1040 HOH HOH A . 
B 2 HOH 41  1041 1041 HOH HOH A . 
B 2 HOH 42  1042 1042 HOH HOH A . 
B 2 HOH 43  1043 1043 HOH HOH A . 
B 2 HOH 44  1044 1044 HOH HOH A . 
B 2 HOH 45  1045 1045 HOH HOH A . 
B 2 HOH 46  1046 1046 HOH HOH A . 
B 2 HOH 47  1047 1047 HOH HOH A . 
B 2 HOH 48  1048 1048 HOH HOH A . 
B 2 HOH 49  1049 1049 HOH HOH A . 
B 2 HOH 50  1050 1050 HOH HOH A . 
B 2 HOH 51  1051 1051 HOH HOH A . 
B 2 HOH 52  1052 1052 HOH HOH A . 
B 2 HOH 53  1053 1053 HOH HOH A . 
B 2 HOH 54  1054 1054 HOH HOH A . 
B 2 HOH 55  1055 1055 HOH HOH A . 
B 2 HOH 56  1056 1056 HOH HOH A . 
B 2 HOH 57  1057 1057 HOH HOH A . 
B 2 HOH 58  1058 1058 HOH HOH A . 
B 2 HOH 59  1059 1059 HOH HOH A . 
B 2 HOH 60  1060 1060 HOH HOH A . 
B 2 HOH 61  1061 1061 HOH HOH A . 
B 2 HOH 62  1062 1062 HOH HOH A . 
B 2 HOH 63  1063 1063 HOH HOH A . 
B 2 HOH 64  1064 1064 HOH HOH A . 
B 2 HOH 65  1065 1065 HOH HOH A . 
B 2 HOH 66  1066 1066 HOH HOH A . 
B 2 HOH 67  1067 1067 HOH HOH A . 
B 2 HOH 68  1068 1068 HOH HOH A . 
B 2 HOH 69  1069 1069 HOH HOH A . 
B 2 HOH 70  1070 1070 HOH HOH A . 
B 2 HOH 71  1071 1071 HOH HOH A . 
B 2 HOH 72  1072 1072 HOH HOH A . 
B 2 HOH 73  1073 1073 HOH HOH A . 
B 2 HOH 74  1074 1074 HOH HOH A . 
B 2 HOH 75  1075 1075 HOH HOH A . 
B 2 HOH 76  1076 1076 HOH HOH A . 
B 2 HOH 77  1077 1077 HOH HOH A . 
B 2 HOH 78  1078 1078 HOH HOH A . 
B 2 HOH 79  1079 1079 HOH HOH A . 
B 2 HOH 80  1080 1080 HOH HOH A . 
B 2 HOH 81  1081 1081 HOH HOH A . 
B 2 HOH 82  1082 1082 HOH HOH A . 
B 2 HOH 83  1083 1083 HOH HOH A . 
B 2 HOH 84  1084 1084 HOH HOH A . 
B 2 HOH 85  1085 1085 HOH HOH A . 
B 2 HOH 86  1086 1086 HOH HOH A . 
B 2 HOH 87  1087 1087 HOH HOH A . 
B 2 HOH 88  1088 1088 HOH HOH A . 
B 2 HOH 89  1089 1089 HOH HOH A . 
B 2 HOH 90  1090 1090 HOH HOH A . 
B 2 HOH 91  1091 1091 HOH HOH A . 
B 2 HOH 92  1092 1092 HOH HOH A . 
B 2 HOH 93  1093 1093 HOH HOH A . 
B 2 HOH 94  1094 1094 HOH HOH A . 
B 2 HOH 95  1095 1095 HOH HOH A . 
B 2 HOH 96  1096 1096 HOH HOH A . 
B 2 HOH 97  1097 1097 HOH HOH A . 
B 2 HOH 98  1098 1098 HOH HOH A . 
B 2 HOH 99  1099 1099 HOH HOH A . 
B 2 HOH 100 1100 1100 HOH HOH A . 
B 2 HOH 101 1101 1101 HOH HOH A . 
B 2 HOH 102 1102 1102 HOH HOH A . 
B 2 HOH 103 1103 1103 HOH HOH A . 
B 2 HOH 104 1104 1104 HOH HOH A . 
B 2 HOH 105 1105 1105 HOH HOH A . 
B 2 HOH 106 1106 1106 HOH HOH A . 
B 2 HOH 107 1107 1107 HOH HOH A . 
B 2 HOH 108 1108 1108 HOH HOH A . 
B 2 HOH 109 1109 1109 HOH HOH A . 
B 2 HOH 110 1110 1110 HOH HOH A . 
B 2 HOH 111 1111 1111 HOH HOH A . 
B 2 HOH 112 1112 1112 HOH HOH A . 
B 2 HOH 113 1113 1113 HOH HOH A . 
B 2 HOH 114 1114 1114 HOH HOH A . 
B 2 HOH 115 1115 1115 HOH HOH A . 
B 2 HOH 116 1116 1116 HOH HOH A . 
B 2 HOH 117 1117 1117 HOH HOH A . 
B 2 HOH 118 1118 1118 HOH HOH A . 
B 2 HOH 119 1119 1119 HOH HOH A . 
B 2 HOH 120 1120 1120 HOH HOH A . 
B 2 HOH 121 1121 1121 HOH HOH A . 
B 2 HOH 122 1122 1122 HOH HOH A . 
B 2 HOH 123 1123 1123 HOH HOH A . 
B 2 HOH 124 1124 1124 HOH HOH A . 
B 2 HOH 125 1125 1125 HOH HOH A . 
B 2 HOH 126 1126 1126 HOH HOH A . 
B 2 HOH 127 1127 1127 HOH HOH A . 
B 2 HOH 128 1128 1128 HOH HOH A . 
B 2 HOH 129 1129 1129 HOH HOH A . 
B 2 HOH 130 1130 1130 HOH HOH A . 
B 2 HOH 131 1131 1131 HOH HOH A . 
B 2 HOH 132 1132 1132 HOH HOH A . 
B 2 HOH 133 1133 1133 HOH HOH A . 
B 2 HOH 134 1134 1134 HOH HOH A . 
B 2 HOH 135 1135 1135 HOH HOH A . 
B 2 HOH 136 1136 1136 HOH HOH A . 
B 2 HOH 137 1137 1137 HOH HOH A . 
B 2 HOH 138 1138 1138 HOH HOH A . 
B 2 HOH 139 1139 1139 HOH HOH A . 
B 2 HOH 140 1140 1140 HOH HOH A . 
B 2 HOH 141 1141 1141 HOH HOH A . 
B 2 HOH 142 1142 1142 HOH HOH A . 
B 2 HOH 143 1143 1143 HOH HOH A . 
B 2 HOH 144 1144 1144 HOH HOH A . 
B 2 HOH 145 1145 1145 HOH HOH A . 
B 2 HOH 146 1146 1146 HOH HOH A . 
B 2 HOH 147 1147 1147 HOH HOH A . 
B 2 HOH 148 1148 1148 HOH HOH A . 
B 2 HOH 149 1149 1149 HOH HOH A . 
B 2 HOH 150 1150 1150 HOH HOH A . 
B 2 HOH 151 1151 1151 HOH HOH A . 
B 2 HOH 152 1152 1152 HOH HOH A . 
B 2 HOH 153 1153 1153 HOH HOH A . 
B 2 HOH 154 1154 1154 HOH HOH A . 
B 2 HOH 155 1155 1155 HOH HOH A . 
B 2 HOH 156 1156 1156 HOH HOH A . 
B 2 HOH 157 1157 1157 HOH HOH A . 
B 2 HOH 158 1158 1158 HOH HOH A . 
B 2 HOH 159 1159 1159 HOH HOH A . 
B 2 HOH 160 1160 1160 HOH HOH A . 
B 2 HOH 161 1161 1161 HOH HOH A . 
B 2 HOH 162 1162 1162 HOH HOH A . 
B 2 HOH 163 1163 1163 HOH HOH A . 
B 2 HOH 164 1164 1164 HOH HOH A . 
B 2 HOH 165 1165 1165 HOH HOH A . 
B 2 HOH 166 1166 1166 HOH HOH A . 
B 2 HOH 167 1167 1167 HOH HOH A . 
B 2 HOH 168 1168 1168 HOH HOH A . 
B 2 HOH 169 1169 1169 HOH HOH A . 
B 2 HOH 170 1170 1170 HOH HOH A . 
# 
loop_
_pdbx_unobs_or_zero_occ_atoms.id 
_pdbx_unobs_or_zero_occ_atoms.PDB_model_num 
_pdbx_unobs_or_zero_occ_atoms.polymer_flag 
_pdbx_unobs_or_zero_occ_atoms.occupancy_flag 
_pdbx_unobs_or_zero_occ_atoms.auth_asym_id 
_pdbx_unobs_or_zero_occ_atoms.auth_comp_id 
_pdbx_unobs_or_zero_occ_atoms.auth_seq_id 
_pdbx_unobs_or_zero_occ_atoms.PDB_ins_code 
_pdbx_unobs_or_zero_occ_atoms.auth_atom_id 
_pdbx_unobs_or_zero_occ_atoms.label_alt_id 
_pdbx_unobs_or_zero_occ_atoms.label_asym_id 
_pdbx_unobs_or_zero_occ_atoms.label_comp_id 
_pdbx_unobs_or_zero_occ_atoms.label_seq_id 
_pdbx_unobs_or_zero_occ_atoms.label_atom_id 
1 1 Y 1 A LYS 185 ? CG ? A LYS 35 CG 
2 1 Y 1 A LYS 185 ? CD ? A LYS 35 CD 
3 1 Y 1 A LYS 185 ? CE ? A LYS 35 CE 
4 1 Y 1 A LYS 185 ? NZ ? A LYS 35 NZ 
5 1 Y 1 A LYS 244 ? CE ? A LYS 94 CE 
6 1 Y 1 A LYS 244 ? NZ ? A LYS 94 NZ 
# 
loop_
_software.name 
_software.classification 
_software.version 
_software.citation_id 
_software.pdbx_ordinal 
_software.date 
_software.type 
_software.location 
_software.language 
HKL-2000  'data reduction' . ? 1 ? ? ? ? 
SOLVE     phasing          . ? 2 ? ? ? ? 
RESOLVE   phasing          . ? 3 ? ? ? ? 
CNS       phasing          . ? 4 ? ? ? ? 
REFMAC    phasing          . ? 5 ? ? ? ? 
SHELXL-97 phasing          . ? 6 ? ? ? ? 
Coot      'model building' . ? 7 ? ? ? ? 
SHELXL-97 refinement       . ? 8 ? ? ? ? 
# 
_cell.entry_id           2V6H 
_cell.length_a           48.848 
_cell.length_b           48.848 
_cell.length_c           95.132 
_cell.angle_alpha        90.00 
_cell.angle_beta         90.00 
_cell.angle_gamma        90.00 
_cell.Z_PDB              8 
_cell.pdbx_unique_axis   ? 
# 
_symmetry.entry_id                         2V6H 
_symmetry.space_group_name_H-M             'I 41' 
_symmetry.pdbx_full_space_group_name_H-M   ? 
_symmetry.cell_setting                     ? 
_symmetry.Int_Tables_number                80 
# 
_exptl.entry_id          2V6H 
_exptl.method            'X-RAY DIFFRACTION' 
_exptl.crystals_number   2 
# 
_exptl_crystal.id                    1 
_exptl_crystal.density_meas          ? 
_exptl_crystal.density_Matthews      2.4 
_exptl_crystal.density_percent_sol   48.83 
_exptl_crystal.description           NONE 
_exptl_crystal.preparation           ? 
# 
_exptl_crystal_grow.crystal_id      1 
_exptl_crystal_grow.method          'VAPOR DIFFUSION, HANGING DROP' 
_exptl_crystal_grow.temp            293 
_exptl_crystal_grow.temp_details    ? 
_exptl_crystal_grow.pH              7.3 
_exptl_crystal_grow.pdbx_pH_range   ? 
_exptl_crystal_grow.pdbx_details    'HANGING DROP; 20 C; 18%PEG, 0.1M BUFFER, PH 7.3' 
# 
_diffrn.id                     1 
_diffrn.ambient_temp           100 
_diffrn.ambient_temp_details   ? 
_diffrn.crystal_id             1 
# 
_diffrn_detector.diffrn_id              1 
_diffrn_detector.detector               CCD 
_diffrn_detector.type                   'ADSC QUANTUM 4' 
_diffrn_detector.pdbx_collection_date   ? 
_diffrn_detector.details                'MONO AND MIRROR' 
# 
_diffrn_radiation.diffrn_id                        1 
_diffrn_radiation.wavelength_id                    1 
_diffrn_radiation.pdbx_monochromatic_or_laue_m_l   M 
_diffrn_radiation.monochromator                    SI 
_diffrn_radiation.pdbx_diffrn_protocol             MAD 
_diffrn_radiation.pdbx_scattering_type             x-ray 
# 
_diffrn_radiation_wavelength.id           1 
_diffrn_radiation_wavelength.wavelength   0.9795 
_diffrn_radiation_wavelength.wt           1.0 
# 
_diffrn_source.diffrn_id                   1 
_diffrn_source.source                      SYNCHROTRON 
_diffrn_source.type                        'SRS BEAMLINE PX14.1' 
_diffrn_source.pdbx_synchrotron_site       SRS 
_diffrn_source.pdbx_synchrotron_beamline   PX14.1 
_diffrn_source.pdbx_wavelength             0.9795 
_diffrn_source.pdbx_wavelength_list        ? 
# 
_reflns.pdbx_diffrn_id               1 
_reflns.pdbx_ordinal                 1 
_reflns.entry_id                     2V6H 
_reflns.observed_criterion_sigma_I   0.0 
_reflns.observed_criterion_sigma_F   ? 
_reflns.d_resolution_low             20.00 
_reflns.d_resolution_high            1.45 
_reflns.number_obs                   16401 
_reflns.number_all                   ? 
_reflns.percent_possible_obs         82.8 
_reflns.pdbx_Rmerge_I_obs            0.06 
_reflns.pdbx_Rsym_value              ? 
_reflns.pdbx_netI_over_sigmaI        23.40 
_reflns.B_iso_Wilson_estimate        ? 
_reflns.pdbx_redundancy              5.4 
# 
_reflns_shell.pdbx_diffrn_id         1 
_reflns_shell.pdbx_ordinal           1 
_reflns_shell.d_res_high             1.45 
_reflns_shell.d_res_low              1.80 
_reflns_shell.percent_possible_all   99.9 
_reflns_shell.Rmerge_I_obs           0.40 
_reflns_shell.pdbx_Rsym_value        ? 
_reflns_shell.meanI_over_sigI_obs    4.60 
_reflns_shell.pdbx_redundancy        5.2 
# 
_refine.pdbx_refine_id                           'X-RAY DIFFRACTION' 
_refine.entry_id                                 2V6H 
_refine.pdbx_diffrn_id                           1 
_refine.pdbx_TLS_residual_ADP_flag               ? 
_refine.ls_number_reflns_obs                     ? 
_refine.ls_number_reflns_all                     12687 
_refine.pdbx_ls_sigma_I                          ? 
_refine.pdbx_ls_sigma_F                          0 
_refine.pdbx_data_cutoff_high_absF               ? 
_refine.pdbx_data_cutoff_low_absF                ? 
_refine.pdbx_data_cutoff_high_rms_absF           ? 
_refine.ls_d_res_low                             10.0 
_refine.ls_d_res_high                            1.55 
_refine.ls_percent_reflns_obs                    84 
_refine.ls_R_factor_obs                          0.184 
_refine.ls_R_factor_all                          ? 
_refine.ls_R_factor_R_work                       ? 
_refine.ls_R_factor_R_free                       0.241 
_refine.ls_R_factor_R_free_error                 ? 
_refine.ls_R_factor_R_free_error_details         ? 
_refine.ls_percent_reflns_R_free                 5 
_refine.ls_number_reflns_R_free                  652 
_refine.ls_number_parameters                     4050 
_refine.ls_number_restraints                     3548 
_refine.occupancy_min                            ? 
_refine.occupancy_max                            ? 
_refine.correlation_coeff_Fo_to_Fc               ? 
_refine.correlation_coeff_Fo_to_Fc_free          ? 
_refine.B_iso_mean                               ? 
_refine.aniso_B[1][1]                            ? 
_refine.aniso_B[2][2]                            ? 
_refine.aniso_B[3][3]                            ? 
_refine.aniso_B[1][2]                            ? 
_refine.aniso_B[1][3]                            ? 
_refine.aniso_B[2][3]                            ? 
_refine.solvent_model_details                    ? 
_refine.solvent_model_param_ksol                 ? 
_refine.solvent_model_param_bsol                 ? 
_refine.pdbx_solvent_vdw_probe_radii             ? 
_refine.pdbx_solvent_ion_probe_radii             ? 
_refine.pdbx_solvent_shrinkage_radii             ? 
_refine.pdbx_ls_cross_valid_method               THROUGHOUT 
_refine.details                                  
;THE STRUCTURE WAS SOLVED USING THREE - WAVELENGTH MAD DATA AT SRS 10.1 TO A RESOLUTION LIMIT OF 2.4ANGSTROM. THE DATA FOR REFINEMENT IS AS DETAILED MEASURED ON SRS 14.1. THE PROTEIN COORDINATES OVERALL 'CRUICKSHANK DIFFRACTION PRECISION INDICATOR (DPI)' 0.0982 ANGSTROM (BASED ON RFACTOR) AND 0.1074 ANGSTROM (BASED ON THE RFREE).
;
_refine.pdbx_starting_model                      NONE 
_refine.pdbx_method_to_determine_struct          MAD 
_refine.pdbx_isotropic_thermal_model             ? 
_refine.pdbx_stereochemistry_target_values       'ENGH AND HUBER' 
_refine.pdbx_stereochem_target_val_spec_case     ? 
_refine.pdbx_R_Free_selection_details            RANDOM 
_refine.pdbx_overall_ESU_R                       ? 
_refine.pdbx_overall_ESU_R_Free                  ? 
_refine.overall_SU_ML                            ? 
_refine.pdbx_overall_phase_error                 ? 
_refine.overall_SU_B                             ? 
_refine.overall_SU_R_Cruickshank_DPI             ? 
_refine.pdbx_overall_SU_R_free_Cruickshank_DPI   ? 
_refine.pdbx_overall_SU_R_Blow_DPI               ? 
_refine.pdbx_overall_SU_R_free_Blow_DPI          ? 
# 
_refine_analyze.pdbx_refine_id                  'X-RAY DIFFRACTION' 
_refine_analyze.entry_id                        2V6H 
_refine_analyze.Luzzati_coordinate_error_obs    ? 
_refine_analyze.Luzzati_sigma_a_obs             ? 
_refine_analyze.Luzzati_d_res_low_obs           ? 
_refine_analyze.Luzzati_coordinate_error_free   ? 
_refine_analyze.Luzzati_sigma_a_free            ? 
_refine_analyze.Luzzati_d_res_low_free          ? 
_refine_analyze.number_disordered_residues      5 
_refine_analyze.occupancy_sum_hydrogen          ? 
_refine_analyze.occupancy_sum_non_hydrogen      985.5 
# 
_refine_hist.pdbx_refine_id                   'X-RAY DIFFRACTION' 
_refine_hist.cycle_id                         LAST 
_refine_hist.pdbx_number_atoms_protein        816 
_refine_hist.pdbx_number_atoms_nucleic_acid   0 
_refine_hist.pdbx_number_atoms_ligand         0 
_refine_hist.number_atoms_solvent             170 
_refine_hist.number_atoms_total               986 
_refine_hist.d_res_high                       1.55 
_refine_hist.d_res_low                        10.0 
# 
loop_
_refine_ls_restr.type 
_refine_ls_restr.dev_ideal 
_refine_ls_restr.dev_ideal_target 
_refine_ls_restr.weight 
_refine_ls_restr.number 
_refine_ls_restr.pdbx_refine_id 
_refine_ls_restr.pdbx_restraint_function 
s_bond_d               0.007  ? ? ? 'X-RAY DIFFRACTION' ? 
s_angle_d              0.023  ? ? ? 'X-RAY DIFFRACTION' ? 
s_similar_dist         0.000  ? ? ? 'X-RAY DIFFRACTION' ? 
s_from_restr_planes    0.0311 ? ? ? 'X-RAY DIFFRACTION' ? 
s_zero_chiral_vol      0.042  ? ? ? 'X-RAY DIFFRACTION' ? 
s_non_zero_chiral_vol  0.048  ? ? ? 'X-RAY DIFFRACTION' ? 
s_anti_bump_dis_restr  0.006  ? ? ? 'X-RAY DIFFRACTION' ? 
s_rigid_bond_adp_cmpnt 0.000  ? ? ? 'X-RAY DIFFRACTION' ? 
s_similar_adp_cmpnt    0.047  ? ? ? 'X-RAY DIFFRACTION' ? 
s_approx_iso_adps      0.000  ? ? ? 'X-RAY DIFFRACTION' ? 
# 
_pdbx_refine.pdbx_refine_id                              'X-RAY DIFFRACTION' 
_pdbx_refine.entry_id                                    2V6H 
_pdbx_refine.R_factor_all_no_cutoff                      ? 
_pdbx_refine.R_factor_obs_no_cutoff                      0.184 
_pdbx_refine.free_R_factor_no_cutoff                     0.241 
_pdbx_refine.free_R_error_no_cutoff                      ? 
_pdbx_refine.free_R_val_test_set_size_perc_no_cutoff     5 
_pdbx_refine.free_R_val_test_set_ct_no_cutoff            652 
_pdbx_refine.R_factor_all_4sig_cutoff                    ? 
_pdbx_refine.R_factor_obs_4sig_cutoff                    0.177 
_pdbx_refine.free_R_factor_4sig_cutoff                   0.227 
_pdbx_refine.free_R_val_test_set_size_perc_4sig_cutoff   5.4 
_pdbx_refine.free_R_val_test_set_ct_4sig_cutoff          584 
_pdbx_refine.number_reflns_obs_4sig_cutoff               11471 
# 
_struct.entry_id                  2V6H 
_struct.title                     'Crystal structure of the C1 domain of cardiac myosin binding protein-C' 
_struct.pdbx_model_details        ? 
_struct.pdbx_CASP_flag            ? 
_struct.pdbx_model_type_details   ? 
# 
_struct_keywords.entry_id        2V6H 
_struct_keywords.pdbx_keywords   'CELL ADHESION' 
_struct_keywords.text            
;CELL ADHESION, PHOSPHORYLATION, MYBP-C C1 DOMAIN, DISEASE MUTATION, MUSCLE REGULATION, IGI DOMAIN STRUCTURE, MUSCLE PROTEIN, CARDIOMYOPATHY, THICK FILAMENT, IMMUNOGLOBULIN DOMAIN, HYPERTROPIC CARDIOMYOPATHY, POLYMORPHISM, ACTIN-BINDING
;
# 
loop_
_struct_asym.id 
_struct_asym.pdbx_blank_PDB_chainid_flag 
_struct_asym.pdbx_modified 
_struct_asym.entity_id 
_struct_asym.details 
A N N 1 ? 
B N N 2 ? 
# 
_struct_ref.id                         1 
_struct_ref.db_name                    UNP 
_struct_ref.db_code                    MYPC3_HUMAN 
_struct_ref.entity_id                  1 
_struct_ref.pdbx_seq_one_letter_code   ? 
_struct_ref.pdbx_align_begin           ? 
_struct_ref.pdbx_db_accession          Q14896 
_struct_ref.pdbx_db_isoform            ? 
# 
_struct_ref_seq.align_id                      1 
_struct_ref_seq.ref_id                        1 
_struct_ref_seq.pdbx_PDB_id_code              2V6H 
_struct_ref_seq.pdbx_strand_id                A 
_struct_ref_seq.seq_align_beg                 1 
_struct_ref_seq.pdbx_seq_align_beg_ins_code   ? 
_struct_ref_seq.seq_align_end                 108 
_struct_ref_seq.pdbx_seq_align_end_ins_code   ? 
_struct_ref_seq.pdbx_db_accession             Q14896 
_struct_ref_seq.db_align_beg                  151 
_struct_ref_seq.pdbx_db_align_beg_ins_code    ? 
_struct_ref_seq.db_align_end                  258 
_struct_ref_seq.pdbx_db_align_end_ins_code    ? 
_struct_ref_seq.pdbx_auth_seq_align_beg       151 
_struct_ref_seq.pdbx_auth_seq_align_end       258 
# 
_pdbx_struct_assembly.id                   1 
_pdbx_struct_assembly.details              author_and_software_defined_assembly 
_pdbx_struct_assembly.method_details       PQS 
_pdbx_struct_assembly.oligomeric_details   dimeric 
_pdbx_struct_assembly.oligomeric_count     2 
# 
loop_
_pdbx_struct_assembly_prop.biol_id 
_pdbx_struct_assembly_prop.type 
_pdbx_struct_assembly_prop.value 
_pdbx_struct_assembly_prop.details 
1 'ABSA (A^2)' 2260  ? 
1 MORE         -5.1  ? 
1 'SSA (A^2)'  13350 ? 
# 
_pdbx_struct_assembly_gen.assembly_id       1 
_pdbx_struct_assembly_gen.oper_expression   1,2 
_pdbx_struct_assembly_gen.asym_id_list      A,B 
# 
loop_
_pdbx_struct_oper_list.id 
_pdbx_struct_oper_list.type 
_pdbx_struct_oper_list.name 
_pdbx_struct_oper_list.symmetry_operation 
_pdbx_struct_oper_list.matrix[1][1] 
_pdbx_struct_oper_list.matrix[1][2] 
_pdbx_struct_oper_list.matrix[1][3] 
_pdbx_struct_oper_list.vector[1] 
_pdbx_struct_oper_list.matrix[2][1] 
_pdbx_struct_oper_list.matrix[2][2] 
_pdbx_struct_oper_list.matrix[2][3] 
_pdbx_struct_oper_list.vector[2] 
_pdbx_struct_oper_list.matrix[3][1] 
_pdbx_struct_oper_list.matrix[3][2] 
_pdbx_struct_oper_list.matrix[3][3] 
_pdbx_struct_oper_list.vector[3] 
1 'identity operation'         1_555 x,y,z     1.0000000000 0.0000000000 0.0000000000  0.0000000000  0.0000000000 1.0000000000  0.0000000000  0.0000000000   0.0000000000  0.0000000000  1.0000000000  0.0000000000  
2 'crystal symmetry operation' 6_565 -x,-y+1,z 0.7992477690 0.0492718877 -0.5989785345 -2.4448983311 0.0492718877 -0.9986507034 -0.0164028566 -22.5789382900 -0.5989785345 -0.0164028566 -0.8005970656 -9.2014729450 
# 
loop_
_struct_conf.conf_type_id 
_struct_conf.id 
_struct_conf.pdbx_PDB_helix_id 
_struct_conf.beg_label_comp_id 
_struct_conf.beg_label_asym_id 
_struct_conf.beg_label_seq_id 
_struct_conf.pdbx_beg_PDB_ins_code 
_struct_conf.end_label_comp_id 
_struct_conf.end_label_asym_id 
_struct_conf.end_label_seq_id 
_struct_conf.pdbx_end_PDB_ins_code 
_struct_conf.beg_auth_comp_id 
_struct_conf.beg_auth_asym_id 
_struct_conf.beg_auth_seq_id 
_struct_conf.end_auth_comp_id 
_struct_conf.end_auth_asym_id 
_struct_conf.end_auth_seq_id 
_struct_conf.pdbx_PDB_helix_class 
_struct_conf.details 
_struct_conf.pdbx_PDB_helix_length 
HELX_P HELX_P1 1 SER A 50 ? VAL A 53 ? SER A 200 VAL A 203 5 ? 4 
HELX_P HELX_P2 2 GLN A 80 ? THR A 84 ? GLN A 230 THR A 234 5 ? 5 
# 
_struct_conf_type.id          HELX_P 
_struct_conf_type.criteria    ? 
_struct_conf_type.reference   ? 
# 
loop_
_struct_sheet.id 
_struct_sheet.type 
_struct_sheet.number_strands 
_struct_sheet.details 
AA ? 5 ? 
AB ? 3 ? 
# 
loop_
_struct_sheet_order.sheet_id 
_struct_sheet_order.range_id_1 
_struct_sheet_order.range_id_2 
_struct_sheet_order.offset 
_struct_sheet_order.sense 
AA 1 2 ? parallel      
AA 2 3 ? anti-parallel 
AA 3 4 ? anti-parallel 
AA 4 5 ? anti-parallel 
AB 1 2 ? anti-parallel 
AB 2 3 ? anti-parallel 
# 
loop_
_struct_sheet_range.sheet_id 
_struct_sheet_range.id 
_struct_sheet_range.beg_label_comp_id 
_struct_sheet_range.beg_label_asym_id 
_struct_sheet_range.beg_label_seq_id 
_struct_sheet_range.pdbx_beg_PDB_ins_code 
_struct_sheet_range.end_label_comp_id 
_struct_sheet_range.end_label_asym_id 
_struct_sheet_range.end_label_seq_id 
_struct_sheet_range.pdbx_end_PDB_ins_code 
_struct_sheet_range.beg_auth_comp_id 
_struct_sheet_range.beg_auth_asym_id 
_struct_sheet_range.beg_auth_seq_id 
_struct_sheet_range.end_auth_comp_id 
_struct_sheet_range.end_auth_asym_id 
_struct_sheet_range.end_auth_seq_id 
AA 1 GLY A 14 ? THR A 17  ? GLY A 164 THR A 167 
AA 2 PHE A 97 ? HIS A 107 ? PHE A 247 HIS A 257 
AA 3 GLY A 85 ? SER A 92  ? GLY A 235 SER A 242 
AA 4 VAL A 38 ? LYS A 43  ? VAL A 188 LYS A 193 
AA 5 VAL A 47 ? ASP A 48  ? VAL A 197 ASP A 198 
AB 1 ILE A 22 ? ALA A 29  ? ILE A 172 ALA A 179 
AB 2 VAL A 69 ? ILE A 76  ? VAL A 219 ILE A 226 
AB 3 LEU A 57 ? ASP A 64  ? LEU A 207 ASP A 214 
# 
loop_
_pdbx_struct_sheet_hbond.sheet_id 
_pdbx_struct_sheet_hbond.range_id_1 
_pdbx_struct_sheet_hbond.range_id_2 
_pdbx_struct_sheet_hbond.range_1_label_atom_id 
_pdbx_struct_sheet_hbond.range_1_label_comp_id 
_pdbx_struct_sheet_hbond.range_1_label_asym_id 
_pdbx_struct_sheet_hbond.range_1_label_seq_id 
_pdbx_struct_sheet_hbond.range_1_PDB_ins_code 
_pdbx_struct_sheet_hbond.range_1_auth_atom_id 
_pdbx_struct_sheet_hbond.range_1_auth_comp_id 
_pdbx_struct_sheet_hbond.range_1_auth_asym_id 
_pdbx_struct_sheet_hbond.range_1_auth_seq_id 
_pdbx_struct_sheet_hbond.range_2_label_atom_id 
_pdbx_struct_sheet_hbond.range_2_label_comp_id 
_pdbx_struct_sheet_hbond.range_2_label_asym_id 
_pdbx_struct_sheet_hbond.range_2_label_seq_id 
_pdbx_struct_sheet_hbond.range_2_PDB_ins_code 
_pdbx_struct_sheet_hbond.range_2_auth_atom_id 
_pdbx_struct_sheet_hbond.range_2_auth_comp_id 
_pdbx_struct_sheet_hbond.range_2_auth_asym_id 
_pdbx_struct_sheet_hbond.range_2_auth_seq_id 
AA 1 2 N GLY A 14  ? N GLY A 164 O ASN A 103 ? O ASN A 253 
AA 2 3 N LEU A 104 ? N LEU A 254 O GLY A 85  ? O GLY A 235 
AA 3 4 N SER A 92  ? N SER A 242 O VAL A 38  ? O VAL A 188 
AA 4 5 N LYS A 43  ? N LYS A 193 O VAL A 47  ? O VAL A 197 
AB 1 2 N VAL A 28  ? N VAL A 178 O TYR A 70  ? O TYR A 220 
AB 2 3 N HIS A 75  ? N HIS A 225 O GLN A 58  ? O GLN A 208 
# 
loop_
_pdbx_validate_rmsd_angle.id 
_pdbx_validate_rmsd_angle.PDB_model_num 
_pdbx_validate_rmsd_angle.auth_atom_id_1 
_pdbx_validate_rmsd_angle.auth_asym_id_1 
_pdbx_validate_rmsd_angle.auth_comp_id_1 
_pdbx_validate_rmsd_angle.auth_seq_id_1 
_pdbx_validate_rmsd_angle.PDB_ins_code_1 
_pdbx_validate_rmsd_angle.label_alt_id_1 
_pdbx_validate_rmsd_angle.auth_atom_id_2 
_pdbx_validate_rmsd_angle.auth_asym_id_2 
_pdbx_validate_rmsd_angle.auth_comp_id_2 
_pdbx_validate_rmsd_angle.auth_seq_id_2 
_pdbx_validate_rmsd_angle.PDB_ins_code_2 
_pdbx_validate_rmsd_angle.label_alt_id_2 
_pdbx_validate_rmsd_angle.auth_atom_id_3 
_pdbx_validate_rmsd_angle.auth_asym_id_3 
_pdbx_validate_rmsd_angle.auth_comp_id_3 
_pdbx_validate_rmsd_angle.auth_seq_id_3 
_pdbx_validate_rmsd_angle.PDB_ins_code_3 
_pdbx_validate_rmsd_angle.label_alt_id_3 
_pdbx_validate_rmsd_angle.angle_value 
_pdbx_validate_rmsd_angle.angle_target_value 
_pdbx_validate_rmsd_angle.angle_deviation 
_pdbx_validate_rmsd_angle.angle_standard_deviation 
_pdbx_validate_rmsd_angle.linker_flag 
1 1 NE A ARG 160 ? ? CZ A ARG 160 ? ? NH2 A ARG 160 ? ? 117.22 120.30 -3.08 0.50 N 
2 1 NE A ARG 238 ? ? CZ A ARG 238 ? ? NH1 A ARG 238 ? ? 123.61 120.30 3.31  0.50 N 
# 
_pdbx_struct_special_symmetry.id              1 
_pdbx_struct_special_symmetry.PDB_model_num   1 
_pdbx_struct_special_symmetry.auth_asym_id    A 
_pdbx_struct_special_symmetry.auth_comp_id    HOH 
_pdbx_struct_special_symmetry.auth_seq_id     1082 
_pdbx_struct_special_symmetry.PDB_ins_code    ? 
_pdbx_struct_special_symmetry.label_asym_id   B 
_pdbx_struct_special_symmetry.label_comp_id   HOH 
_pdbx_struct_special_symmetry.label_seq_id    . 
# 
_pdbx_entry_details.entry_id                 2V6H 
_pdbx_entry_details.compound_details         ? 
_pdbx_entry_details.source_details           ? 
_pdbx_entry_details.nonpolymer_details       ? 
_pdbx_entry_details.sequence_details         'THE C1 DOMAIN IS A 105 AMINO ACIDS PORTION.' 
_pdbx_entry_details.has_ligand_of_interest   ? 
# 
_pdbx_distant_solvent_atoms.id                                1 
_pdbx_distant_solvent_atoms.PDB_model_num                     1 
_pdbx_distant_solvent_atoms.auth_atom_id                      O 
_pdbx_distant_solvent_atoms.label_alt_id                      ? 
_pdbx_distant_solvent_atoms.auth_asym_id                      A 
_pdbx_distant_solvent_atoms.auth_comp_id                      HOH 
_pdbx_distant_solvent_atoms.auth_seq_id                       1136 
_pdbx_distant_solvent_atoms.PDB_ins_code                      ? 
_pdbx_distant_solvent_atoms.neighbor_macromolecule_distance   6.56 
_pdbx_distant_solvent_atoms.neighbor_ligand_distance          . 
# 
loop_
_pdbx_unobs_or_zero_occ_residues.id 
_pdbx_unobs_or_zero_occ_residues.PDB_model_num 
_pdbx_unobs_or_zero_occ_residues.polymer_flag 
_pdbx_unobs_or_zero_occ_residues.occupancy_flag 
_pdbx_unobs_or_zero_occ_residues.auth_asym_id 
_pdbx_unobs_or_zero_occ_residues.auth_comp_id 
_pdbx_unobs_or_zero_occ_residues.auth_seq_id 
_pdbx_unobs_or_zero_occ_residues.PDB_ins_code 
_pdbx_unobs_or_zero_occ_residues.label_asym_id 
_pdbx_unobs_or_zero_occ_residues.label_comp_id 
_pdbx_unobs_or_zero_occ_residues.label_seq_id 
1 1 Y 1 A ALA 181 ? A ALA 31 
2 1 Y 1 A SER 182 ? A SER 32 
3 1 Y 1 A LEU 183 ? A LEU 33 
4 1 Y 1 A LEU 184 ? A LEU 34 
# 
loop_
_chem_comp_atom.comp_id 
_chem_comp_atom.atom_id 
_chem_comp_atom.type_symbol 
_chem_comp_atom.pdbx_aromatic_flag 
_chem_comp_atom.pdbx_stereo_config 
_chem_comp_atom.pdbx_ordinal 
ALA N    N N N 1   
ALA CA   C N S 2   
ALA C    C N N 3   
ALA O    O N N 4   
ALA CB   C N N 5   
ALA OXT  O N N 6   
ALA H    H N N 7   
ALA H2   H N N 8   
ALA HA   H N N 9   
ALA HB1  H N N 10  
ALA HB2  H N N 11  
ALA HB3  H N N 12  
ALA HXT  H N N 13  
ARG N    N N N 14  
ARG CA   C N S 15  
ARG C    C N N 16  
ARG O    O N N 17  
ARG CB   C N N 18  
ARG CG   C N N 19  
ARG CD   C N N 20  
ARG NE   N N N 21  
ARG CZ   C N N 22  
ARG NH1  N N N 23  
ARG NH2  N N N 24  
ARG OXT  O N N 25  
ARG H    H N N 26  
ARG H2   H N N 27  
ARG HA   H N N 28  
ARG HB2  H N N 29  
ARG HB3  H N N 30  
ARG HG2  H N N 31  
ARG HG3  H N N 32  
ARG HD2  H N N 33  
ARG HD3  H N N 34  
ARG HE   H N N 35  
ARG HH11 H N N 36  
ARG HH12 H N N 37  
ARG HH21 H N N 38  
ARG HH22 H N N 39  
ARG HXT  H N N 40  
ASN N    N N N 41  
ASN CA   C N S 42  
ASN C    C N N 43  
ASN O    O N N 44  
ASN CB   C N N 45  
ASN CG   C N N 46  
ASN OD1  O N N 47  
ASN ND2  N N N 48  
ASN OXT  O N N 49  
ASN H    H N N 50  
ASN H2   H N N 51  
ASN HA   H N N 52  
ASN HB2  H N N 53  
ASN HB3  H N N 54  
ASN HD21 H N N 55  
ASN HD22 H N N 56  
ASN HXT  H N N 57  
ASP N    N N N 58  
ASP CA   C N S 59  
ASP C    C N N 60  
ASP O    O N N 61  
ASP CB   C N N 62  
ASP CG   C N N 63  
ASP OD1  O N N 64  
ASP OD2  O N N 65  
ASP OXT  O N N 66  
ASP H    H N N 67  
ASP H2   H N N 68  
ASP HA   H N N 69  
ASP HB2  H N N 70  
ASP HB3  H N N 71  
ASP HD2  H N N 72  
ASP HXT  H N N 73  
CYS N    N N N 74  
CYS CA   C N R 75  
CYS C    C N N 76  
CYS O    O N N 77  
CYS CB   C N N 78  
CYS SG   S N N 79  
CYS OXT  O N N 80  
CYS H    H N N 81  
CYS H2   H N N 82  
CYS HA   H N N 83  
CYS HB2  H N N 84  
CYS HB3  H N N 85  
CYS HG   H N N 86  
CYS HXT  H N N 87  
GLN N    N N N 88  
GLN CA   C N S 89  
GLN C    C N N 90  
GLN O    O N N 91  
GLN CB   C N N 92  
GLN CG   C N N 93  
GLN CD   C N N 94  
GLN OE1  O N N 95  
GLN NE2  N N N 96  
GLN OXT  O N N 97  
GLN H    H N N 98  
GLN H2   H N N 99  
GLN HA   H N N 100 
GLN HB2  H N N 101 
GLN HB3  H N N 102 
GLN HG2  H N N 103 
GLN HG3  H N N 104 
GLN HE21 H N N 105 
GLN HE22 H N N 106 
GLN HXT  H N N 107 
GLU N    N N N 108 
GLU CA   C N S 109 
GLU C    C N N 110 
GLU O    O N N 111 
GLU CB   C N N 112 
GLU CG   C N N 113 
GLU CD   C N N 114 
GLU OE1  O N N 115 
GLU OE2  O N N 116 
GLU OXT  O N N 117 
GLU H    H N N 118 
GLU H2   H N N 119 
GLU HA   H N N 120 
GLU HB2  H N N 121 
GLU HB3  H N N 122 
GLU HG2  H N N 123 
GLU HG3  H N N 124 
GLU HE2  H N N 125 
GLU HXT  H N N 126 
GLY N    N N N 127 
GLY CA   C N N 128 
GLY C    C N N 129 
GLY O    O N N 130 
GLY OXT  O N N 131 
GLY H    H N N 132 
GLY H2   H N N 133 
GLY HA2  H N N 134 
GLY HA3  H N N 135 
GLY HXT  H N N 136 
HIS N    N N N 137 
HIS CA   C N S 138 
HIS C    C N N 139 
HIS O    O N N 140 
HIS CB   C N N 141 
HIS CG   C Y N 142 
HIS ND1  N Y N 143 
HIS CD2  C Y N 144 
HIS CE1  C Y N 145 
HIS NE2  N Y N 146 
HIS OXT  O N N 147 
HIS H    H N N 148 
HIS H2   H N N 149 
HIS HA   H N N 150 
HIS HB2  H N N 151 
HIS HB3  H N N 152 
HIS HD1  H N N 153 
HIS HD2  H N N 154 
HIS HE1  H N N 155 
HIS HE2  H N N 156 
HIS HXT  H N N 157 
HOH O    O N N 158 
HOH H1   H N N 159 
HOH H2   H N N 160 
ILE N    N N N 161 
ILE CA   C N S 162 
ILE C    C N N 163 
ILE O    O N N 164 
ILE CB   C N S 165 
ILE CG1  C N N 166 
ILE CG2  C N N 167 
ILE CD1  C N N 168 
ILE OXT  O N N 169 
ILE H    H N N 170 
ILE H2   H N N 171 
ILE HA   H N N 172 
ILE HB   H N N 173 
ILE HG12 H N N 174 
ILE HG13 H N N 175 
ILE HG21 H N N 176 
ILE HG22 H N N 177 
ILE HG23 H N N 178 
ILE HD11 H N N 179 
ILE HD12 H N N 180 
ILE HD13 H N N 181 
ILE HXT  H N N 182 
LEU N    N N N 183 
LEU CA   C N S 184 
LEU C    C N N 185 
LEU O    O N N 186 
LEU CB   C N N 187 
LEU CG   C N N 188 
LEU CD1  C N N 189 
LEU CD2  C N N 190 
LEU OXT  O N N 191 
LEU H    H N N 192 
LEU H2   H N N 193 
LEU HA   H N N 194 
LEU HB2  H N N 195 
LEU HB3  H N N 196 
LEU HG   H N N 197 
LEU HD11 H N N 198 
LEU HD12 H N N 199 
LEU HD13 H N N 200 
LEU HD21 H N N 201 
LEU HD22 H N N 202 
LEU HD23 H N N 203 
LEU HXT  H N N 204 
LYS N    N N N 205 
LYS CA   C N S 206 
LYS C    C N N 207 
LYS O    O N N 208 
LYS CB   C N N 209 
LYS CG   C N N 210 
LYS CD   C N N 211 
LYS CE   C N N 212 
LYS NZ   N N N 213 
LYS OXT  O N N 214 
LYS H    H N N 215 
LYS H2   H N N 216 
LYS HA   H N N 217 
LYS HB2  H N N 218 
LYS HB3  H N N 219 
LYS HG2  H N N 220 
LYS HG3  H N N 221 
LYS HD2  H N N 222 
LYS HD3  H N N 223 
LYS HE2  H N N 224 
LYS HE3  H N N 225 
LYS HZ1  H N N 226 
LYS HZ2  H N N 227 
LYS HZ3  H N N 228 
LYS HXT  H N N 229 
MET N    N N N 230 
MET CA   C N S 231 
MET C    C N N 232 
MET O    O N N 233 
MET CB   C N N 234 
MET CG   C N N 235 
MET SD   S N N 236 
MET CE   C N N 237 
MET OXT  O N N 238 
MET H    H N N 239 
MET H2   H N N 240 
MET HA   H N N 241 
MET HB2  H N N 242 
MET HB3  H N N 243 
MET HG2  H N N 244 
MET HG3  H N N 245 
MET HE1  H N N 246 
MET HE2  H N N 247 
MET HE3  H N N 248 
MET HXT  H N N 249 
PHE N    N N N 250 
PHE CA   C N S 251 
PHE C    C N N 252 
PHE O    O N N 253 
PHE CB   C N N 254 
PHE CG   C Y N 255 
PHE CD1  C Y N 256 
PHE CD2  C Y N 257 
PHE CE1  C Y N 258 
PHE CE2  C Y N 259 
PHE CZ   C Y N 260 
PHE OXT  O N N 261 
PHE H    H N N 262 
PHE H2   H N N 263 
PHE HA   H N N 264 
PHE HB2  H N N 265 
PHE HB3  H N N 266 
PHE HD1  H N N 267 
PHE HD2  H N N 268 
PHE HE1  H N N 269 
PHE HE2  H N N 270 
PHE HZ   H N N 271 
PHE HXT  H N N 272 
PRO N    N N N 273 
PRO CA   C N S 274 
PRO C    C N N 275 
PRO O    O N N 276 
PRO CB   C N N 277 
PRO CG   C N N 278 
PRO CD   C N N 279 
PRO OXT  O N N 280 
PRO H    H N N 281 
PRO HA   H N N 282 
PRO HB2  H N N 283 
PRO HB3  H N N 284 
PRO HG2  H N N 285 
PRO HG3  H N N 286 
PRO HD2  H N N 287 
PRO HD3  H N N 288 
PRO HXT  H N N 289 
SER N    N N N 290 
SER CA   C N S 291 
SER C    C N N 292 
SER O    O N N 293 
SER CB   C N N 294 
SER OG   O N N 295 
SER OXT  O N N 296 
SER H    H N N 297 
SER H2   H N N 298 
SER HA   H N N 299 
SER HB2  H N N 300 
SER HB3  H N N 301 
SER HG   H N N 302 
SER HXT  H N N 303 
THR N    N N N 304 
THR CA   C N S 305 
THR C    C N N 306 
THR O    O N N 307 
THR CB   C N R 308 
THR OG1  O N N 309 
THR CG2  C N N 310 
THR OXT  O N N 311 
THR H    H N N 312 
THR H2   H N N 313 
THR HA   H N N 314 
THR HB   H N N 315 
THR HG1  H N N 316 
THR HG21 H N N 317 
THR HG22 H N N 318 
THR HG23 H N N 319 
THR HXT  H N N 320 
TRP N    N N N 321 
TRP CA   C N S 322 
TRP C    C N N 323 
TRP O    O N N 324 
TRP CB   C N N 325 
TRP CG   C Y N 326 
TRP CD1  C Y N 327 
TRP CD2  C Y N 328 
TRP NE1  N Y N 329 
TRP CE2  C Y N 330 
TRP CE3  C Y N 331 
TRP CZ2  C Y N 332 
TRP CZ3  C Y N 333 
TRP CH2  C Y N 334 
TRP OXT  O N N 335 
TRP H    H N N 336 
TRP H2   H N N 337 
TRP HA   H N N 338 
TRP HB2  H N N 339 
TRP HB3  H N N 340 
TRP HD1  H N N 341 
TRP HE1  H N N 342 
TRP HE3  H N N 343 
TRP HZ2  H N N 344 
TRP HZ3  H N N 345 
TRP HH2  H N N 346 
TRP HXT  H N N 347 
TYR N    N N N 348 
TYR CA   C N S 349 
TYR C    C N N 350 
TYR O    O N N 351 
TYR CB   C N N 352 
TYR CG   C Y N 353 
TYR CD1  C Y N 354 
TYR CD2  C Y N 355 
TYR CE1  C Y N 356 
TYR CE2  C Y N 357 
TYR CZ   C Y N 358 
TYR OH   O N N 359 
TYR OXT  O N N 360 
TYR H    H N N 361 
TYR H2   H N N 362 
TYR HA   H N N 363 
TYR HB2  H N N 364 
TYR HB3  H N N 365 
TYR HD1  H N N 366 
TYR HD2  H N N 367 
TYR HE1  H N N 368 
TYR HE2  H N N 369 
TYR HH   H N N 370 
TYR HXT  H N N 371 
VAL N    N N N 372 
VAL CA   C N S 373 
VAL C    C N N 374 
VAL O    O N N 375 
VAL CB   C N N 376 
VAL CG1  C N N 377 
VAL CG2  C N N 378 
VAL OXT  O N N 379 
VAL H    H N N 380 
VAL H2   H N N 381 
VAL HA   H N N 382 
VAL HB   H N N 383 
VAL HG11 H N N 384 
VAL HG12 H N N 385 
VAL HG13 H N N 386 
VAL HG21 H N N 387 
VAL HG22 H N N 388 
VAL HG23 H N N 389 
VAL HXT  H N N 390 
# 
loop_
_chem_comp_bond.comp_id 
_chem_comp_bond.atom_id_1 
_chem_comp_bond.atom_id_2 
_chem_comp_bond.value_order 
_chem_comp_bond.pdbx_aromatic_flag 
_chem_comp_bond.pdbx_stereo_config 
_chem_comp_bond.pdbx_ordinal 
ALA N   CA   sing N N 1   
ALA N   H    sing N N 2   
ALA N   H2   sing N N 3   
ALA CA  C    sing N N 4   
ALA CA  CB   sing N N 5   
ALA CA  HA   sing N N 6   
ALA C   O    doub N N 7   
ALA C   OXT  sing N N 8   
ALA CB  HB1  sing N N 9   
ALA CB  HB2  sing N N 10  
ALA CB  HB3  sing N N 11  
ALA OXT HXT  sing N N 12  
ARG N   CA   sing N N 13  
ARG N   H    sing N N 14  
ARG N   H2   sing N N 15  
ARG CA  C    sing N N 16  
ARG CA  CB   sing N N 17  
ARG CA  HA   sing N N 18  
ARG C   O    doub N N 19  
ARG C   OXT  sing N N 20  
ARG CB  CG   sing N N 21  
ARG CB  HB2  sing N N 22  
ARG CB  HB3  sing N N 23  
ARG CG  CD   sing N N 24  
ARG CG  HG2  sing N N 25  
ARG CG  HG3  sing N N 26  
ARG CD  NE   sing N N 27  
ARG CD  HD2  sing N N 28  
ARG CD  HD3  sing N N 29  
ARG NE  CZ   sing N N 30  
ARG NE  HE   sing N N 31  
ARG CZ  NH1  sing N N 32  
ARG CZ  NH2  doub N N 33  
ARG NH1 HH11 sing N N 34  
ARG NH1 HH12 sing N N 35  
ARG NH2 HH21 sing N N 36  
ARG NH2 HH22 sing N N 37  
ARG OXT HXT  sing N N 38  
ASN N   CA   sing N N 39  
ASN N   H    sing N N 40  
ASN N   H2   sing N N 41  
ASN CA  C    sing N N 42  
ASN CA  CB   sing N N 43  
ASN CA  HA   sing N N 44  
ASN C   O    doub N N 45  
ASN C   OXT  sing N N 46  
ASN CB  CG   sing N N 47  
ASN CB  HB2  sing N N 48  
ASN CB  HB3  sing N N 49  
ASN CG  OD1  doub N N 50  
ASN CG  ND2  sing N N 51  
ASN ND2 HD21 sing N N 52  
ASN ND2 HD22 sing N N 53  
ASN OXT HXT  sing N N 54  
ASP N   CA   sing N N 55  
ASP N   H    sing N N 56  
ASP N   H2   sing N N 57  
ASP CA  C    sing N N 58  
ASP CA  CB   sing N N 59  
ASP CA  HA   sing N N 60  
ASP C   O    doub N N 61  
ASP C   OXT  sing N N 62  
ASP CB  CG   sing N N 63  
ASP CB  HB2  sing N N 64  
ASP CB  HB3  sing N N 65  
ASP CG  OD1  doub N N 66  
ASP CG  OD2  sing N N 67  
ASP OD2 HD2  sing N N 68  
ASP OXT HXT  sing N N 69  
CYS N   CA   sing N N 70  
CYS N   H    sing N N 71  
CYS N   H2   sing N N 72  
CYS CA  C    sing N N 73  
CYS CA  CB   sing N N 74  
CYS CA  HA   sing N N 75  
CYS C   O    doub N N 76  
CYS C   OXT  sing N N 77  
CYS CB  SG   sing N N 78  
CYS CB  HB2  sing N N 79  
CYS CB  HB3  sing N N 80  
CYS SG  HG   sing N N 81  
CYS OXT HXT  sing N N 82  
GLN N   CA   sing N N 83  
GLN N   H    sing N N 84  
GLN N   H2   sing N N 85  
GLN CA  C    sing N N 86  
GLN CA  CB   sing N N 87  
GLN CA  HA   sing N N 88  
GLN C   O    doub N N 89  
GLN C   OXT  sing N N 90  
GLN CB  CG   sing N N 91  
GLN CB  HB2  sing N N 92  
GLN CB  HB3  sing N N 93  
GLN CG  CD   sing N N 94  
GLN CG  HG2  sing N N 95  
GLN CG  HG3  sing N N 96  
GLN CD  OE1  doub N N 97  
GLN CD  NE2  sing N N 98  
GLN NE2 HE21 sing N N 99  
GLN NE2 HE22 sing N N 100 
GLN OXT HXT  sing N N 101 
GLU N   CA   sing N N 102 
GLU N   H    sing N N 103 
GLU N   H2   sing N N 104 
GLU CA  C    sing N N 105 
GLU CA  CB   sing N N 106 
GLU CA  HA   sing N N 107 
GLU C   O    doub N N 108 
GLU C   OXT  sing N N 109 
GLU CB  CG   sing N N 110 
GLU CB  HB2  sing N N 111 
GLU CB  HB3  sing N N 112 
GLU CG  CD   sing N N 113 
GLU CG  HG2  sing N N 114 
GLU CG  HG3  sing N N 115 
GLU CD  OE1  doub N N 116 
GLU CD  OE2  sing N N 117 
GLU OE2 HE2  sing N N 118 
GLU OXT HXT  sing N N 119 
GLY N   CA   sing N N 120 
GLY N   H    sing N N 121 
GLY N   H2   sing N N 122 
GLY CA  C    sing N N 123 
GLY CA  HA2  sing N N 124 
GLY CA  HA3  sing N N 125 
GLY C   O    doub N N 126 
GLY C   OXT  sing N N 127 
GLY OXT HXT  sing N N 128 
HIS N   CA   sing N N 129 
HIS N   H    sing N N 130 
HIS N   H2   sing N N 131 
HIS CA  C    sing N N 132 
HIS CA  CB   sing N N 133 
HIS CA  HA   sing N N 134 
HIS C   O    doub N N 135 
HIS C   OXT  sing N N 136 
HIS CB  CG   sing N N 137 
HIS CB  HB2  sing N N 138 
HIS CB  HB3  sing N N 139 
HIS CG  ND1  sing Y N 140 
HIS CG  CD2  doub Y N 141 
HIS ND1 CE1  doub Y N 142 
HIS ND1 HD1  sing N N 143 
HIS CD2 NE2  sing Y N 144 
HIS CD2 HD2  sing N N 145 
HIS CE1 NE2  sing Y N 146 
HIS CE1 HE1  sing N N 147 
HIS NE2 HE2  sing N N 148 
HIS OXT HXT  sing N N 149 
HOH O   H1   sing N N 150 
HOH O   H2   sing N N 151 
ILE N   CA   sing N N 152 
ILE N   H    sing N N 153 
ILE N   H2   sing N N 154 
ILE CA  C    sing N N 155 
ILE CA  CB   sing N N 156 
ILE CA  HA   sing N N 157 
ILE C   O    doub N N 158 
ILE C   OXT  sing N N 159 
ILE CB  CG1  sing N N 160 
ILE CB  CG2  sing N N 161 
ILE CB  HB   sing N N 162 
ILE CG1 CD1  sing N N 163 
ILE CG1 HG12 sing N N 164 
ILE CG1 HG13 sing N N 165 
ILE CG2 HG21 sing N N 166 
ILE CG2 HG22 sing N N 167 
ILE CG2 HG23 sing N N 168 
ILE CD1 HD11 sing N N 169 
ILE CD1 HD12 sing N N 170 
ILE CD1 HD13 sing N N 171 
ILE OXT HXT  sing N N 172 
LEU N   CA   sing N N 173 
LEU N   H    sing N N 174 
LEU N   H2   sing N N 175 
LEU CA  C    sing N N 176 
LEU CA  CB   sing N N 177 
LEU CA  HA   sing N N 178 
LEU C   O    doub N N 179 
LEU C   OXT  sing N N 180 
LEU CB  CG   sing N N 181 
LEU CB  HB2  sing N N 182 
LEU CB  HB3  sing N N 183 
LEU CG  CD1  sing N N 184 
LEU CG  CD2  sing N N 185 
LEU CG  HG   sing N N 186 
LEU CD1 HD11 sing N N 187 
LEU CD1 HD12 sing N N 188 
LEU CD1 HD13 sing N N 189 
LEU CD2 HD21 sing N N 190 
LEU CD2 HD22 sing N N 191 
LEU CD2 HD23 sing N N 192 
LEU OXT HXT  sing N N 193 
LYS N   CA   sing N N 194 
LYS N   H    sing N N 195 
LYS N   H2   sing N N 196 
LYS CA  C    sing N N 197 
LYS CA  CB   sing N N 198 
LYS CA  HA   sing N N 199 
LYS C   O    doub N N 200 
LYS C   OXT  sing N N 201 
LYS CB  CG   sing N N 202 
LYS CB  HB2  sing N N 203 
LYS CB  HB3  sing N N 204 
LYS CG  CD   sing N N 205 
LYS CG  HG2  sing N N 206 
LYS CG  HG3  sing N N 207 
LYS CD  CE   sing N N 208 
LYS CD  HD2  sing N N 209 
LYS CD  HD3  sing N N 210 
LYS CE  NZ   sing N N 211 
LYS CE  HE2  sing N N 212 
LYS CE  HE3  sing N N 213 
LYS NZ  HZ1  sing N N 214 
LYS NZ  HZ2  sing N N 215 
LYS NZ  HZ3  sing N N 216 
LYS OXT HXT  sing N N 217 
MET N   CA   sing N N 218 
MET N   H    sing N N 219 
MET N   H2   sing N N 220 
MET CA  C    sing N N 221 
MET CA  CB   sing N N 222 
MET CA  HA   sing N N 223 
MET C   O    doub N N 224 
MET C   OXT  sing N N 225 
MET CB  CG   sing N N 226 
MET CB  HB2  sing N N 227 
MET CB  HB3  sing N N 228 
MET CG  SD   sing N N 229 
MET CG  HG2  sing N N 230 
MET CG  HG3  sing N N 231 
MET SD  CE   sing N N 232 
MET CE  HE1  sing N N 233 
MET CE  HE2  sing N N 234 
MET CE  HE3  sing N N 235 
MET OXT HXT  sing N N 236 
PHE N   CA   sing N N 237 
PHE N   H    sing N N 238 
PHE N   H2   sing N N 239 
PHE CA  C    sing N N 240 
PHE CA  CB   sing N N 241 
PHE CA  HA   sing N N 242 
PHE C   O    doub N N 243 
PHE C   OXT  sing N N 244 
PHE CB  CG   sing N N 245 
PHE CB  HB2  sing N N 246 
PHE CB  HB3  sing N N 247 
PHE CG  CD1  doub Y N 248 
PHE CG  CD2  sing Y N 249 
PHE CD1 CE1  sing Y N 250 
PHE CD1 HD1  sing N N 251 
PHE CD2 CE2  doub Y N 252 
PHE CD2 HD2  sing N N 253 
PHE CE1 CZ   doub Y N 254 
PHE CE1 HE1  sing N N 255 
PHE CE2 CZ   sing Y N 256 
PHE CE2 HE2  sing N N 257 
PHE CZ  HZ   sing N N 258 
PHE OXT HXT  sing N N 259 
PRO N   CA   sing N N 260 
PRO N   CD   sing N N 261 
PRO N   H    sing N N 262 
PRO CA  C    sing N N 263 
PRO CA  CB   sing N N 264 
PRO CA  HA   sing N N 265 
PRO C   O    doub N N 266 
PRO C   OXT  sing N N 267 
PRO CB  CG   sing N N 268 
PRO CB  HB2  sing N N 269 
PRO CB  HB3  sing N N 270 
PRO CG  CD   sing N N 271 
PRO CG  HG2  sing N N 272 
PRO CG  HG3  sing N N 273 
PRO CD  HD2  sing N N 274 
PRO CD  HD3  sing N N 275 
PRO OXT HXT  sing N N 276 
SER N   CA   sing N N 277 
SER N   H    sing N N 278 
SER N   H2   sing N N 279 
SER CA  C    sing N N 280 
SER CA  CB   sing N N 281 
SER CA  HA   sing N N 282 
SER C   O    doub N N 283 
SER C   OXT  sing N N 284 
SER CB  OG   sing N N 285 
SER CB  HB2  sing N N 286 
SER CB  HB3  sing N N 287 
SER OG  HG   sing N N 288 
SER OXT HXT  sing N N 289 
THR N   CA   sing N N 290 
THR N   H    sing N N 291 
THR N   H2   sing N N 292 
THR CA  C    sing N N 293 
THR CA  CB   sing N N 294 
THR CA  HA   sing N N 295 
THR C   O    doub N N 296 
THR C   OXT  sing N N 297 
THR CB  OG1  sing N N 298 
THR CB  CG2  sing N N 299 
THR CB  HB   sing N N 300 
THR OG1 HG1  sing N N 301 
THR CG2 HG21 sing N N 302 
THR CG2 HG22 sing N N 303 
THR CG2 HG23 sing N N 304 
THR OXT HXT  sing N N 305 
TRP N   CA   sing N N 306 
TRP N   H    sing N N 307 
TRP N   H2   sing N N 308 
TRP CA  C    sing N N 309 
TRP CA  CB   sing N N 310 
TRP CA  HA   sing N N 311 
TRP C   O    doub N N 312 
TRP C   OXT  sing N N 313 
TRP CB  CG   sing N N 314 
TRP CB  HB2  sing N N 315 
TRP CB  HB3  sing N N 316 
TRP CG  CD1  doub Y N 317 
TRP CG  CD2  sing Y N 318 
TRP CD1 NE1  sing Y N 319 
TRP CD1 HD1  sing N N 320 
TRP CD2 CE2  doub Y N 321 
TRP CD2 CE3  sing Y N 322 
TRP NE1 CE2  sing Y N 323 
TRP NE1 HE1  sing N N 324 
TRP CE2 CZ2  sing Y N 325 
TRP CE3 CZ3  doub Y N 326 
TRP CE3 HE3  sing N N 327 
TRP CZ2 CH2  doub Y N 328 
TRP CZ2 HZ2  sing N N 329 
TRP CZ3 CH2  sing Y N 330 
TRP CZ3 HZ3  sing N N 331 
TRP CH2 HH2  sing N N 332 
TRP OXT HXT  sing N N 333 
TYR N   CA   sing N N 334 
TYR N   H    sing N N 335 
TYR N   H2   sing N N 336 
TYR CA  C    sing N N 337 
TYR CA  CB   sing N N 338 
TYR CA  HA   sing N N 339 
TYR C   O    doub N N 340 
TYR C   OXT  sing N N 341 
TYR CB  CG   sing N N 342 
TYR CB  HB2  sing N N 343 
TYR CB  HB3  sing N N 344 
TYR CG  CD1  doub Y N 345 
TYR CG  CD2  sing Y N 346 
TYR CD1 CE1  sing Y N 347 
TYR CD1 HD1  sing N N 348 
TYR CD2 CE2  doub Y N 349 
TYR CD2 HD2  sing N N 350 
TYR CE1 CZ   doub Y N 351 
TYR CE1 HE1  sing N N 352 
TYR CE2 CZ   sing Y N 353 
TYR CE2 HE2  sing N N 354 
TYR CZ  OH   sing N N 355 
TYR OH  HH   sing N N 356 
TYR OXT HXT  sing N N 357 
VAL N   CA   sing N N 358 
VAL N   H    sing N N 359 
VAL N   H2   sing N N 360 
VAL CA  C    sing N N 361 
VAL CA  CB   sing N N 362 
VAL CA  HA   sing N N 363 
VAL C   O    doub N N 364 
VAL C   OXT  sing N N 365 
VAL CB  CG1  sing N N 366 
VAL CB  CG2  sing N N 367 
VAL CB  HB   sing N N 368 
VAL CG1 HG11 sing N N 369 
VAL CG1 HG12 sing N N 370 
VAL CG1 HG13 sing N N 371 
VAL CG2 HG21 sing N N 372 
VAL CG2 HG22 sing N N 373 
VAL CG2 HG23 sing N N 374 
VAL OXT HXT  sing N N 375 
# 
_atom_sites.entry_id                    2V6H 
_atom_sites.fract_transf_matrix[1][1]   0.00456819 
_atom_sites.fract_transf_matrix[1][2]   0.01336265 
_atom_sites.fract_transf_matrix[1][3]   0.01482140 
_atom_sites.fract_transf_matrix[2][1]   -0.00460430 
_atom_sites.fract_transf_matrix[2][2]   0.01550031 
_atom_sites.fract_transf_matrix[2][3]   -0.01255562 
_atom_sites.fract_transf_matrix[3][1]   -0.00997047 
_atom_sites.fract_transf_matrix[3][2]   -0.00027304 
_atom_sites.fract_transf_matrix[3][3]   0.00331922 
_atom_sites.fract_transf_vector[1]      0.224631 
_atom_sites.fract_transf_vector[2]      0.611605 
_atom_sites.fract_transf_vector[3]      0.561153 
# 
loop_
_atom_type.symbol 
C 
N 
O 
S 
# 
loop_
_atom_site.group_PDB 
_atom_site.id 
_atom_site.type_symbol 
_atom_site.label_atom_id 
_atom_site.label_alt_id 
_atom_site.label_comp_id 
_atom_site.label_asym_id 
_atom_site.label_entity_id 
_atom_site.label_seq_id 
_atom_site.pdbx_PDB_ins_code 
_atom_site.Cartn_x 
_atom_site.Cartn_y 
_atom_site.Cartn_z 
_atom_site.occupancy 
_atom_site.B_iso_or_equiv 
_atom_site.pdbx_formal_charge 
_atom_site.auth_seq_id 
_atom_site.auth_comp_id 
_atom_site.auth_asym_id 
_atom_site.auth_atom_id 
_atom_site.pdbx_PDB_model_num 
ATOM   1    N N   . ASP A 1 1   ? -15.301 -19.247 1.723   1.00 24.64 ? 151  ASP A N   1 
ATOM   2    C CA  . ASP A 1 1   ? -14.723 -18.320 0.755   1.00 26.47 ? 151  ASP A CA  1 
ATOM   3    C C   . ASP A 1 1   ? -13.223 -18.544 0.572   1.00 19.68 ? 151  ASP A C   1 
ATOM   4    O O   . ASP A 1 1   ? -12.756 -19.669 0.744   1.00 20.91 ? 151  ASP A O   1 
ATOM   5    C CB  . ASP A 1 1   ? -15.001 -16.868 1.152   1.00 38.27 ? 151  ASP A CB  1 
ATOM   6    C CG  . ASP A 1 1   ? -15.721 -16.128 0.035   1.00 44.05 ? 151  ASP A CG  1 
ATOM   7    O OD1 . ASP A 1 1   ? -15.742 -16.648 -1.105  1.00 43.27 ? 151  ASP A OD1 1 
ATOM   8    O OD2 . ASP A 1 1   ? -16.261 -15.039 0.311   1.00 59.61 ? 151  ASP A OD2 1 
ATOM   9    N N   . ASP A 1 2   ? -12.516 -17.488 0.193   1.00 15.56 ? 152  ASP A N   1 
ATOM   10   C CA  . ASP A 1 2   ? -11.158 -17.620 -0.348  1.00 14.56 ? 152  ASP A CA  1 
ATOM   11   C C   . ASP A 1 2   ? -10.157 -17.905 0.756   1.00 15.62 ? 152  ASP A C   1 
ATOM   12   O O   . ASP A 1 2   ? -10.351 -17.506 1.899   1.00 20.28 ? 152  ASP A O   1 
ATOM   13   C CB  . ASP A 1 2   ? -10.719 -16.356 -1.088  1.00 13.12 ? 152  ASP A CB  1 
ATOM   14   C CG  . ASP A 1 2   ? -11.477 -16.040 -2.353  1.00 23.29 ? 152  ASP A CG  1 
ATOM   15   O OD1 . ASP A 1 2   ? -11.793 -16.969 -3.124  1.00 17.48 ? 152  ASP A OD1 1 
ATOM   16   O OD2 . ASP A 1 2   ? -11.764 -14.848 -2.621  1.00 22.38 ? 152  ASP A OD2 1 
ATOM   17   N N   . PRO A 1 3   ? -9.068  -18.594 0.433   1.00 13.48 ? 153  PRO A N   1 
ATOM   18   C CA  . PRO A 1 3   ? -8.020  -18.832 1.423   1.00 13.02 ? 153  PRO A CA  1 
ATOM   19   C C   . PRO A 1 3   ? -7.523  -17.545 2.064   1.00 12.17 ? 153  PRO A C   1 
ATOM   20   O O   . PRO A 1 3   ? -7.507  -16.475 1.465   1.00 14.24 ? 153  PRO A O   1 
ATOM   21   C CB  . PRO A 1 3   ? -6.884  -19.447 0.591   1.00 12.88 ? 153  PRO A CB  1 
ATOM   22   C CG  . PRO A 1 3   ? -7.610  -20.125 -0.523  1.00 10.05 ? 153  PRO A CG  1 
ATOM   23   C CD  . PRO A 1 3   ? -8.755  -19.207 -0.868  1.00 12.11 ? 153  PRO A CD  1 
ATOM   24   N N   . ILE A 1 4   ? -7.116  -17.713 3.325   1.00 15.61 ? 154  ILE A N   1 
ATOM   25   C CA  . ILE A 1 4   ? -6.534  -16.610 4.086   1.00 19.44 ? 154  ILE A CA  1 
ATOM   26   C C   . ILE A 1 4   ? -5.067  -16.463 3.688   1.00 16.46 ? 154  ILE A C   1 
ATOM   27   O O   . ILE A 1 4   ? -4.279  -17.389 3.860   1.00 19.75 ? 154  ILE A O   1 
ATOM   28   C CB  . ILE A 1 4   ? -6.698  -16.870 5.590   1.00 23.70 ? 154  ILE A CB  1 
ATOM   29   C CG1 . ILE A 1 4   ? -8.168  -16.905 6.036   1.00 20.22 ? 154  ILE A CG1 1 
ATOM   30   C CG2 . ILE A 1 4   ? -5.909  -15.871 6.414   1.00 24.31 ? 154  ILE A CG2 1 
ATOM   31   C CD1 . ILE A 1 4   ? -8.453  -17.794 7.230   1.00 19.75 ? 154  ILE A CD1 1 
ATOM   32   N N   . GLY A 1 5   ? -4.754  -15.290 3.140   1.00 14.22 ? 155  GLY A N   1 
ATOM   33   C CA  . GLY A 1 5   ? -3.413  -14.896 2.780   1.00 11.51 ? 155  GLY A CA  1 
ATOM   34   C C   . GLY A 1 5   ? -2.732  -14.101 3.881   1.00 10.28 ? 155  GLY A C   1 
ATOM   35   O O   . GLY A 1 5   ? -3.013  -14.293 5.069   1.00 13.93 ? 155  GLY A O   1 
ATOM   36   N N   . LEU A 1 6   ? -1.814  -13.207 3.472   1.00 7.05  ? 156  LEU A N   1 
ATOM   37   C CA  . LEU A 1 6   ? -1.104  -12.411 4.461   1.00 8.30  ? 156  LEU A CA  1 
ATOM   38   C C   . LEU A 1 6   ? -1.906  -11.179 4.856   1.00 7.67  ? 156  LEU A C   1 
ATOM   39   O O   . LEU A 1 6   ? -1.592  -10.584 5.881   1.00 8.33  ? 156  LEU A O   1 
ATOM   40   C CB  . LEU A 1 6   ? 0.296   -12.003 3.995   1.00 9.44  ? 156  LEU A CB  1 
ATOM   41   C CG  . LEU A 1 6   ? 1.328   -13.149 3.931   1.00 9.88  ? 156  LEU A CG  1 
ATOM   42   C CD1 . LEU A 1 6   ? 2.621   -12.620 3.341   1.00 7.18  ? 156  LEU A CD1 1 
ATOM   43   C CD2 . LEU A 1 6   ? 1.542   -13.767 5.296   1.00 8.53  ? 156  LEU A CD2 1 
ATOM   44   N N   . PHE A 1 7   ? -2.930  -10.802 4.077   1.00 8.64  ? 157  PHE A N   1 
ATOM   45   C CA  . PHE A 1 7   ? -3.574  -9.530  4.368   1.00 7.47  ? 157  PHE A CA  1 
ATOM   46   C C   . PHE A 1 7   ? -4.782  -9.681  5.291   1.00 9.24  ? 157  PHE A C   1 
ATOM   47   O O   . PHE A 1 7   ? -5.843  -10.118 4.850   1.00 12.87 ? 157  PHE A O   1 
ATOM   48   C CB  . PHE A 1 7   ? -4.013  -8.832  3.081   1.00 6.82  ? 157  PHE A CB  1 
ATOM   49   C CG  . PHE A 1 7   ? -2.913  -8.343  2.173   1.00 9.27  ? 157  PHE A CG  1 
ATOM   50   C CD1 . PHE A 1 7   ? -2.365  -7.079  2.360   1.00 7.06  ? 157  PHE A CD1 1 
ATOM   51   C CD2 . PHE A 1 7   ? -2.412  -9.120  1.136   1.00 6.52  ? 157  PHE A CD2 1 
ATOM   52   C CE1 . PHE A 1 7   ? -1.360  -6.622  1.542   1.00 8.53  ? 157  PHE A CE1 1 
ATOM   53   C CE2 . PHE A 1 7   ? -1.418  -8.661  0.296   1.00 6.22  ? 157  PHE A CE2 1 
ATOM   54   C CZ  . PHE A 1 7   ? -0.876  -7.400  0.500   1.00 10.45 ? 157  PHE A CZ  1 
ATOM   55   N N   . VAL A 1 8   ? -4.591  -9.280  6.536   1.00 7.94  ? 158  VAL A N   1 
ATOM   56   C CA  . VAL A 1 8   ? -5.668  -9.077  7.490   1.00 7.54  ? 158  VAL A CA  1 
ATOM   57   C C   . VAL A 1 8   ? -6.562  -7.950  6.976   1.00 8.89  ? 158  VAL A C   1 
ATOM   58   O O   . VAL A 1 8   ? -7.783  -7.991  7.110   1.00 10.02 ? 158  VAL A O   1 
ATOM   59   C CB  . VAL A 1 8   ? -5.119  -8.730  8.894   1.00 13.59 ? 158  VAL A CB  1 
ATOM   60   C CG1 . VAL A 1 8   ? -6.262  -8.323  9.821   1.00 12.70 ? 158  VAL A CG1 1 
ATOM   61   C CG2 . VAL A 1 8   ? -4.298  -9.905  9.429   1.00 11.55 ? 158  VAL A CG2 1 
ATOM   62   N N   . MET A 1 9   ? -5.971  -6.947  6.347   1.00 7.12  ? 159  MET A N   1 
ATOM   63   C CA  . MET A 1 9   ? -6.734  -5.885  5.681   1.00 6.62  ? 159  MET A CA  1 
ATOM   64   C C   . MET A 1 9   ? -5.996  -5.550  4.389   1.00 7.60  ? 159  MET A C   1 
ATOM   65   O O   . MET A 1 9   ? -4.812  -5.231  4.454   1.00 7.61  ? 159  MET A O   1 
ATOM   66   C CB  . MET A 1 9   ? -6.958  -4.655  6.575   1.00 7.89  ? 159  MET A CB  1 
ATOM   67   C CG  . MET A 1 9   ? -7.883  -3.590  5.995   1.00 11.45 ? 159  MET A CG  1 
ATOM   68   S SD  . MET A 1 9   ? -9.582  -4.159  5.731   1.00 15.57 ? 159  MET A SD  1 
ATOM   69   C CE  . MET A 1 9   ? -10.273 -2.930  4.652   1.00 15.67 ? 159  MET A CE  1 
ATOM   70   N N   . ARG A 1 10  ? -6.685  -5.661  3.268   1.00 6.77  ? 160  ARG A N   1 
ATOM   71   C CA  . ARG A 1 10  ? -6.102  -5.306  1.978   1.00 7.31  ? 160  ARG A CA  1 
ATOM   72   C C   . ARG A 1 10  ? -6.214  -3.815  1.695   1.00 5.43  ? 160  ARG A C   1 
ATOM   73   O O   . ARG A 1 10  ? -7.182  -3.187  2.127   1.00 6.07  ? 160  ARG A O   1 
ATOM   74   C CB  . ARG A 1 10  ? -6.835  -6.076  0.878   1.00 4.39  ? 160  ARG A CB  1 
ATOM   75   C CG  . ARG A 1 10  ? -6.532  -7.571  0.836   1.00 8.49  ? 160  ARG A CG  1 
ATOM   76   C CD  . ARG A 1 10  ? -7.329  -8.241  -0.266  1.00 6.75  ? 160  ARG A CD  1 
ATOM   77   N NE  . ARG A 1 10  ? -7.130  -9.664  -0.417  1.00 7.34  ? 160  ARG A NE  1 
ATOM   78   C CZ  . ARG A 1 10  ? -6.112  -10.247 -1.049  1.00 8.03  ? 160  ARG A CZ  1 
ATOM   79   N NH1 . ARG A 1 10  ? -5.155  -9.538  -1.608  1.00 8.42  ? 160  ARG A NH1 1 
ATOM   80   N NH2 . ARG A 1 10  ? -6.095  -11.578 -1.079  1.00 12.72 ? 160  ARG A NH2 1 
ATOM   81   N N   . PRO A 1 11  ? -5.299  -3.250  0.926   1.00 6.11  ? 161  PRO A N   1 
ATOM   82   C CA  . PRO A 1 11  ? -5.486  -1.874  0.450   1.00 5.57  ? 161  PRO A CA  1 
ATOM   83   C C   . PRO A 1 11  ? -6.754  -1.753  -0.376  1.00 4.07  ? 161  PRO A C   1 
ATOM   84   O O   . PRO A 1 11  ? -7.140  -2.699  -1.091  1.00 7.80  ? 161  PRO A O   1 
ATOM   85   C CB  . PRO A 1 11  ? -4.254  -1.606  -0.427  1.00 7.79  ? 161  PRO A CB  1 
ATOM   86   C CG  . PRO A 1 11  ? -3.706  -2.957  -0.748  1.00 10.38 ? 161  PRO A CG  1 
ATOM   87   C CD  . PRO A 1 11  ? -4.063  -3.858  0.406   1.00 5.29  ? 161  PRO A CD  1 
ATOM   88   N N   . GLN A 1 12  ? -7.428  -0.617  -0.300  1.00 6.27  ? 162  GLN A N   1 
ATOM   89   C CA  . GLN A 1 12  ? -8.702  -0.435  -0.987  1.00 6.78  ? 162  GLN A CA  1 
ATOM   90   C C   . GLN A 1 12  ? -8.574  0.570   -2.132  1.00 7.77  ? 162  GLN A C   1 
ATOM   91   O O   . GLN A 1 12  ? -7.625  1.343   -2.164  1.00 8.61  ? 162  GLN A O   1 
ATOM   92   C CB  . GLN A 1 12  ? -9.765  0.066   -0.016  1.00 9.88  ? 162  GLN A CB  1 
ATOM   93   C CG  . GLN A 1 12  ? -9.987  -0.846  1.180   1.00 12.53 ? 162  GLN A CG  1 
ATOM   94   C CD  . GLN A 1 12  ? -10.554 -2.194  0.780   1.00 10.10 ? 162  GLN A CD  1 
ATOM   95   O OE1 . GLN A 1 12  ? -11.640 -2.269  0.189   1.00 11.60 ? 162  GLN A OE1 1 
ATOM   96   N NE2 . GLN A 1 12  ? -9.844  -3.263  1.065   1.00 10.43 ? 162  GLN A NE2 1 
ATOM   97   N N   . ASP A 1 13  ? -9.527  0.535   -3.064  1.00 7.38  ? 163  ASP A N   1 
ATOM   98   C CA  . ASP A 1 13  ? -9.610  1.577   -4.072  1.00 7.61  ? 163  ASP A CA  1 
ATOM   99   C C   . ASP A 1 13  ? -9.854  2.927   -3.392  1.00 10.89 ? 163  ASP A C   1 
ATOM   100  O O   . ASP A 1 13  ? -10.596 2.995   -2.405  1.00 7.74  ? 163  ASP A O   1 
ATOM   101  C CB  . ASP A 1 13  ? -10.747 1.284   -5.051  1.00 5.86  ? 163  ASP A CB  1 
ATOM   102  C CG  . ASP A 1 13  ? -10.490 0.064   -5.916  1.00 8.60  ? 163  ASP A CG  1 
ATOM   103  O OD1 . ASP A 1 13  ? -11.428 -0.603  -6.395  1.00 13.90 ? 163  ASP A OD1 1 
ATOM   104  O OD2 . ASP A 1 13  ? -9.308  -0.278  -6.150  1.00 13.00 ? 163  ASP A OD2 1 
ATOM   105  N N   . GLY A 1 14  ? -9.274  3.993   -3.914  1.00 9.40  ? 164  GLY A N   1 
ATOM   106  C CA  . GLY A 1 14  ? -9.510  5.323   -3.367  1.00 8.02  ? 164  GLY A CA  1 
ATOM   107  C C   . GLY A 1 14  ? -9.721  6.395   -4.406  1.00 8.26  ? 164  GLY A C   1 
ATOM   108  O O   . GLY A 1 14  ? -9.331  6.260   -5.573  1.00 9.02  ? 164  GLY A O   1 
ATOM   109  N N   . GLU A 1 15  ? -10.365 7.481   -3.939  1.00 8.60  ? 165  GLU A N   1 
ATOM   110  C CA  . GLU A 1 15  ? -10.659 8.632   -4.789  1.00 9.74  ? 165  GLU A CA  1 
ATOM   111  C C   . GLU A 1 15  ? -10.258 9.887   -4.028  1.00 9.24  ? 165  GLU A C   1 
ATOM   112  O O   . GLU A 1 15  ? -10.442 9.987   -2.807  1.00 14.32 ? 165  GLU A O   1 
ATOM   113  C CB  . GLU A 1 15  ? -12.134 8.644   -5.221  1.00 11.88 ? 165  GLU A CB  1 
ATOM   114  C CG  . GLU A 1 15  ? -12.525 7.415   -6.033  1.00 15.83 ? 165  GLU A CG  1 
ATOM   115  C CD  . GLU A 1 15  ? -13.904 7.394   -6.633  1.00 22.16 ? 165  GLU A CD  1 
ATOM   116  O OE1 . GLU A 1 15  ? -14.569 6.336   -6.555  1.00 37.31 ? 165  GLU A OE1 1 
ATOM   117  O OE2 . GLU A 1 15  ? -14.379 8.394   -7.216  1.00 21.15 ? 165  GLU A OE2 1 
ATOM   118  N N   . VAL A 1 16  ? -9.686  10.844  -4.717  1.00 9.20  ? 166  VAL A N   1 
ATOM   119  C CA  . VAL A 1 16  ? -9.199  12.093  -4.169  1.00 18.03 ? 166  VAL A CA  1 
ATOM   120  C C   . VAL A 1 16  ? -9.331  13.200  -5.213  1.00 14.96 ? 166  VAL A C   1 
ATOM   121  O O   . VAL A 1 16  ? -9.250  12.927  -6.403  1.00 13.09 ? 166  VAL A O   1 
ATOM   122  C CB  . VAL A 1 16  ? -7.733  11.959  -3.717  1.00 11.81 ? 166  VAL A CB  1 
ATOM   123  C CG1 . VAL A 1 16  ? -6.839  11.825  -4.946  1.00 16.98 ? 166  VAL A CG1 1 
ATOM   124  C CG2 . VAL A 1 16  ? -7.287  13.113  -2.841  1.00 16.11 ? 166  VAL A CG2 1 
ATOM   125  N N   . THR A 1 17  ? -9.533  14.414  -4.735  1.00 12.24 ? 167  THR A N   1 
ATOM   126  C CA  . THR A 1 17  ? -9.597  15.573  -5.623  1.00 16.35 ? 167  THR A CA  1 
ATOM   127  C C   . THR A 1 17  ? -8.187  16.121  -5.792  1.00 15.46 ? 167  THR A C   1 
ATOM   128  O O   . THR A 1 17  ? -7.390  15.972  -4.847  1.00 15.75 ? 167  THR A O   1 
ATOM   129  C CB  . THR A 1 17  ? -10.566 16.605  -5.032  1.00 18.90 ? 167  THR A CB  1 
ATOM   130  O OG1 . THR A 1 17  ? -11.888 16.043  -5.049  1.00 24.46 ? 167  THR A OG1 1 
ATOM   131  C CG2 . THR A 1 17  ? -10.607 17.874  -5.865  1.00 16.91 ? 167  THR A CG2 1 
ATOM   132  N N   . VAL A 1 18  ? -7.882  16.719  -6.937  1.00 14.87 ? 168  VAL A N   1 
ATOM   133  C CA  . VAL A 1 18  ? -6.559  17.320  -7.171  1.00 13.91 ? 168  VAL A CA  1 
ATOM   134  C C   . VAL A 1 18  ? -6.210  18.231  -5.996  1.00 15.74 ? 168  VAL A C   1 
ATOM   135  O O   . VAL A 1 18  ? -7.086  18.970  -5.541  1.00 20.06 ? 168  VAL A O   1 
ATOM   136  C CB  . VAL A 1 18  ? -6.512  18.133  -8.474  1.00 15.30 ? 168  VAL A CB  1 
ATOM   137  C CG1 . VAL A 1 18  ? -5.199  18.904  -8.606  1.00 17.97 ? 168  VAL A CG1 1 
ATOM   138  C CG2 . VAL A 1 18  ? -6.725  17.241  -9.688  1.00 22.07 ? 168  VAL A CG2 1 
ATOM   139  N N   . GLY A 1 19  ? -4.989  18.176  -5.493  1.00 13.92 ? 169  GLY A N   1 
ATOM   140  C CA  . GLY A 1 19  ? -4.549  18.935  -4.339  1.00 12.83 ? 169  GLY A CA  1 
ATOM   141  C C   . GLY A 1 19  ? -4.852  18.223  -3.030  1.00 16.76 ? 169  GLY A C   1 
ATOM   142  O O   . GLY A 1 19  ? -4.371  18.647  -1.982  1.00 13.96 ? 169  GLY A O   1 
ATOM   143  N N   . GLY A 1 20  ? -5.657  17.162  -3.061  1.00 16.43 ? 170  GLY A N   1 
ATOM   144  C CA  . GLY A 1 20  ? -6.068  16.434  -1.868  1.00 11.81 ? 170  GLY A CA  1 
ATOM   145  C C   . GLY A 1 20  ? -5.008  15.439  -1.391  1.00 9.77  ? 170  GLY A C   1 
ATOM   146  O O   . GLY A 1 20  ? -3.975  15.198  -2.023  1.00 12.52 ? 170  GLY A O   1 
ATOM   147  N N   . SER A 1 21  ? -5.268  14.846  -0.241  1.00 12.20 ? 171  SER A N   1 
ATOM   148  C CA  . SER A 1 21  ? -4.376  13.814  0.289   1.00 10.74 ? 171  SER A CA  1 
ATOM   149  C C   . SER A 1 21  ? -5.214  12.571  0.561   1.00 17.39 ? 171  SER A C   1 
ATOM   150  O O   . SER A 1 21  ? -6.407  12.701  0.830   1.00 15.59 ? 171  SER A O   1 
ATOM   151  C CB  . SER A 1 21  ? -3.673  14.240  1.559   1.00 14.96 ? 171  SER A CB  1 
ATOM   152  O OG  . SER A 1 21  ? -2.708  15.266  1.345   1.00 19.50 ? 171  SER A OG  1 
ATOM   153  N N   . ILE A 1 22  ? -4.528  11.427  0.475   1.00 9.44  ? 172  ILE A N   1 
ATOM   154  C CA  . ILE A 1 22  ? -5.217  10.172  0.711   1.00 8.16  ? 172  ILE A CA  1 
ATOM   155  C C   . ILE A 1 22  ? -4.195  9.156   1.198   1.00 9.97  ? 172  ILE A C   1 
ATOM   156  O O   . ILE A 1 22  ? -3.020  9.167   0.814   1.00 11.44 ? 172  ILE A O   1 
ATOM   157  C CB  . ILE A 1 22  ? -5.947  9.624   -0.542  1.00 8.11  ? 172  ILE A CB  1 
ATOM   158  C CG1 . ILE A 1 22  ? -6.665  8.303   -0.261  1.00 6.42  ? 172  ILE A CG1 1 
ATOM   159  C CG2 . ILE A 1 22  ? -5.032  9.516   -1.746  1.00 9.73  ? 172  ILE A CG2 1 
ATOM   160  C CD1 . ILE A 1 22  ? -7.516  7.813   -1.407  1.00 10.67 ? 172  ILE A CD1 1 
ATOM   161  N N   . THR A 1 23  ? -4.648  8.280   2.084   1.00 10.88 ? 173  THR A N   1 
ATOM   162  C CA  . THR A 1 23  ? -3.839  7.188   2.608   1.00 8.84  ? 173  THR A CA  1 
ATOM   163  C C   . THR A 1 23  ? -4.359  5.833   2.189   1.00 8.17  ? 173  THR A C   1 
ATOM   164  O O   . THR A 1 23  ? -5.555  5.565   2.311   1.00 10.76 ? 173  THR A O   1 
ATOM   165  C CB  . THR A 1 23  ? -3.860  7.222   4.155   1.00 9.36  ? 173  THR A CB  1 
ATOM   166  O OG1 . THR A 1 23  ? -3.280  8.463   4.558   1.00 10.62 ? 173  THR A OG1 1 
ATOM   167  C CG2 . THR A 1 23  ? -3.068  6.078   4.769   1.00 6.30  ? 173  THR A CG2 1 
ATOM   168  N N   . PHE A 1 24  ? -3.459  4.992   1.706   1.00 5.13  ? 174  PHE A N   1 
ATOM   169  C CA  . PHE A 1 24  ? -3.720  3.581   1.489   1.00 5.56  ? 174  PHE A CA  1 
ATOM   170  C C   . PHE A 1 24  ? -3.017  2.754   2.544   1.00 9.52  ? 174  PHE A C   1 
ATOM   171  O O   . PHE A 1 24  ? -1.963  3.178   3.023   1.00 7.25  ? 174  PHE A O   1 
ATOM   172  C CB  . PHE A 1 24  ? -3.243  3.145   0.089   1.00 5.53  ? 174  PHE A CB  1 
ATOM   173  C CG  . PHE A 1 24  ? -4.062  3.796   -1.006  1.00 5.97  ? 174  PHE A CG  1 
ATOM   174  C CD1 . PHE A 1 24  ? -3.530  4.857   -1.712  1.00 7.28  ? 174  PHE A CD1 1 
ATOM   175  C CD2 . PHE A 1 24  ? -5.329  3.350   -1.329  1.00 9.11  ? 174  PHE A CD2 1 
ATOM   176  C CE1 . PHE A 1 24  ? -4.272  5.441   -2.721  1.00 8.86  ? 174  PHE A CE1 1 
ATOM   177  C CE2 . PHE A 1 24  ? -6.072  3.947   -2.339  1.00 7.84  ? 174  PHE A CE2 1 
ATOM   178  C CZ  . PHE A 1 24  ? -5.545  5.016   -3.044  1.00 11.23 ? 174  PHE A CZ  1 
ATOM   179  N N   . SER A 1 25  ? -3.577  1.606   2.928   1.00 6.12  ? 175  SER A N   1 
ATOM   180  C CA  . SER A 1 25  ? -2.872  0.830   3.942   1.00 5.36  ? 175  SER A CA  1 
ATOM   181  C C   . SER A 1 25  ? -3.128  -0.668  3.814   1.00 6.83  ? 175  SER A C   1 
ATOM   182  O O   . SER A 1 25  ? -4.071  -1.128  3.162   1.00 9.05  ? 175  SER A O   1 
ATOM   183  C CB  . SER A 1 25  ? -3.309  1.242   5.344   1.00 8.74  ? 175  SER A CB  1 
ATOM   184  O OG  . SER A 1 25  ? -4.694  1.041   5.526   1.00 10.41 ? 175  SER A OG  1 
ATOM   185  N N   . ALA A 1 26  ? -2.256  -1.397  4.485   1.00 6.38  ? 176  ALA A N   1 
ATOM   186  C CA  . ALA A 1 26  ? -2.395  -2.848  4.605   1.00 6.88  ? 176  ALA A CA  1 
ATOM   187  C C   . ALA A 1 26  ? -2.098  -3.284  6.036   1.00 7.18  ? 176  ALA A C   1 
ATOM   188  O O   . ALA A 1 26  ? -1.233  -2.692  6.707   1.00 6.21  ? 176  ALA A O   1 
ATOM   189  C CB  . ALA A 1 26  ? -1.432  -3.510  3.631   1.00 6.42  ? 176  ALA A CB  1 
ATOM   190  N N   . ARG A 1 27  ? -2.784  -4.319  6.505   1.00 6.71  ? 177  ARG A N   1 
ATOM   191  C CA  . ARG A 1 27  ? -2.461  -4.894  7.820   1.00 6.00  ? 177  ARG A CA  1 
ATOM   192  C C   . ARG A 1 27  ? -2.145  -6.377  7.657   1.00 6.99  ? 177  ARG A C   1 
ATOM   193  O O   . ARG A 1 27  ? -2.794  -7.088  6.861   1.00 9.46  ? 177  ARG A O   1 
ATOM   194  C CB  . ARG A 1 27  ? -3.624  -4.677  8.790   1.00 8.50  ? 177  ARG A CB  1 
ATOM   195  C CG  . ARG A 1 27  ? -3.744  -3.254  9.315   1.00 7.50  ? 177  ARG A CG  1 
ATOM   196  C CD  . ARG A 1 27  ? -5.141  -2.968  9.870   1.00 7.27  ? 177  ARG A CD  1 
ATOM   197  N NE  . ARG A 1 27  ? -5.047  -1.770  10.718  1.00 12.18 ? 177  ARG A NE  1 
ATOM   198  C CZ  . ARG A 1 27  ? -5.302  -0.554  10.294  1.00 7.07  ? 177  ARG A CZ  1 
ATOM   199  N NH1 . ARG A 1 27  ? -5.678  -0.367  9.034   1.00 12.17 ? 177  ARG A NH1 1 
ATOM   200  N NH2 . ARG A 1 27  ? -5.177  0.454   11.146  1.00 11.16 ? 177  ARG A NH2 1 
ATOM   201  N N   . VAL A 1 28  ? -1.153  -6.808  8.413   1.00 5.68  ? 178  VAL A N   1 
ATOM   202  C CA  . VAL A 1 28  ? -0.603  -8.158  8.359   1.00 6.04  ? 178  VAL A CA  1 
ATOM   203  C C   . VAL A 1 28  ? -0.395  -8.667  9.779   1.00 9.32  ? 178  VAL A C   1 
ATOM   204  O O   . VAL A 1 28  ? 0.195   -7.930  10.569  1.00 7.76  ? 178  VAL A O   1 
ATOM   205  C CB  . VAL A 1 28  ? 0.751   -8.191  7.628   1.00 7.62  ? 178  VAL A CB  1 
ATOM   206  C CG1 . VAL A 1 28  ? 1.359   -9.593  7.657   1.00 9.31  ? 178  VAL A CG1 1 
ATOM   207  C CG2 . VAL A 1 28  ? 0.635   -7.682  6.189   1.00 10.61 ? 178  VAL A CG2 1 
ATOM   208  N N   . ALA A 1 29  ? -0.835  -9.896  10.078  1.00 9.63  ? 179  ALA A N   1 
ATOM   209  C CA  . ALA A 1 29  ? -0.652  -10.428 11.432  1.00 8.66  ? 179  ALA A CA  1 
ATOM   210  C C   . ALA A 1 29  ? 0.787   -10.783 11.726  1.00 7.60  ? 179  ALA A C   1 
ATOM   211  O O   . ALA A 1 29  ? 1.534   -11.234 10.867  1.00 12.45 ? 179  ALA A O   1 
ATOM   212  C CB  . ALA A 1 29  ? -1.528  -11.671 11.578  1.00 13.33 ? 179  ALA A CB  1 
ATOM   213  N N   . GLY A 1 30  ? 1.252   -10.576 12.963  1.00 10.63 ? 180  GLY A N   1 
ATOM   214  C CA  . GLY A 1 30  ? 2.611   -10.883 13.310  1.00 12.19 ? 180  GLY A CA  1 
ATOM   215  C C   . GLY A 1 30  ? 2.804   -12.332 13.745  1.00 17.40 ? 180  GLY A C   1 
ATOM   216  O O   . GLY A 1 30  ? 3.895   -12.842 13.463  1.00 19.14 ? 180  GLY A O   1 
ATOM   217  N N   . LYS A 1 35  ? 10.976  -11.590 12.661  1.00 29.37 ? 185  LYS A N   1 
ATOM   218  C CA  . LYS A 1 35  ? 11.077  -10.337 11.909  1.00 16.58 ? 185  LYS A CA  1 
ATOM   219  C C   . LYS A 1 35  ? 9.731   -9.861  11.381  1.00 16.82 ? 185  LYS A C   1 
ATOM   220  O O   . LYS A 1 35  ? 8.814   -10.603 11.043  1.00 17.55 ? 185  LYS A O   1 
ATOM   221  C CB  . LYS A 1 35  ? 12.051  -10.487 10.738  1.00 17.00 ? 185  LYS A CB  1 
ATOM   222  N N   . PRO A 1 36  ? 9.610   -8.540  11.323  1.00 16.82 ? 186  PRO A N   1 
ATOM   223  C CA  . PRO A 1 36  ? 8.469   -7.904  10.677  1.00 12.48 ? 186  PRO A CA  1 
ATOM   224  C C   . PRO A 1 36  ? 8.295   -8.346  9.235   1.00 13.28 ? 186  PRO A C   1 
ATOM   225  O O   . PRO A 1 36  ? 9.284   -8.539  8.520   1.00 13.72 ? 186  PRO A O   1 
ATOM   226  C CB  . PRO A 1 36  ? 8.874   -6.429  10.689  1.00 13.43 ? 186  PRO A CB  1 
ATOM   227  C CG  . PRO A 1 36  ? 9.790   -6.288  11.865  1.00 14.87 ? 186  PRO A CG  1 
ATOM   228  C CD  . PRO A 1 36  ? 10.568  -7.572  11.921  1.00 14.92 ? 186  PRO A CD  1 
ATOM   229  N N   . PRO A 1 37  ? 7.046   -8.473  8.785   1.00 9.39  ? 187  PRO A N   1 
ATOM   230  C CA  . PRO A 1 37  ? 6.813   -8.653  7.351   1.00 10.79 ? 187  PRO A CA  1 
ATOM   231  C C   . PRO A 1 37  ? 7.335   -7.384  6.665   1.00 9.07  ? 187  PRO A C   1 
ATOM   232  O O   . PRO A 1 37  ? 7.376   -6.341  7.331   1.00 10.14 ? 187  PRO A O   1 
ATOM   233  C CB  . PRO A 1 37  ? 5.302   -8.749  7.219   1.00 12.24 ? 187  PRO A CB  1 
ATOM   234  C CG  . PRO A 1 37  ? 4.778   -8.949  8.603   1.00 12.83 ? 187  PRO A CG  1 
ATOM   235  C CD  . PRO A 1 37  ? 5.807   -8.421  9.561   1.00 14.73 ? 187  PRO A CD  1 
ATOM   236  N N   . VAL A 1 38  ? 7.720   -7.497  5.420   1.00 7.87  ? 188  VAL A N   1 
ATOM   237  C CA  . VAL A 1 38  ? 8.259   -6.358  4.668   1.00 9.31  ? 188  VAL A CA  1 
ATOM   238  C C   . VAL A 1 38  ? 7.382   -6.012  3.481   1.00 7.14  ? 188  VAL A C   1 
ATOM   239  O O   . VAL A 1 38  ? 7.006   -6.947  2.777   1.00 10.34 ? 188  VAL A O   1 
ATOM   240  C CB  . VAL A 1 38  ? 9.655   -6.727  4.129   1.00 10.51 ? 188  VAL A CB  1 
ATOM   241  C CG1 . VAL A 1 38  ? 10.319  -5.622  3.342   1.00 13.67 ? 188  VAL A CG1 1 
ATOM   242  C CG2 . VAL A 1 38  ? 10.516  -7.131  5.330   1.00 16.70 ? 188  VAL A CG2 1 
ATOM   243  N N   . VAL A 1 39  ? 7.106   -4.730  3.300   1.00 6.66  ? 189  VAL A N   1 
ATOM   244  C CA  . VAL A 1 39  ? 6.214   -4.252  2.260   1.00 9.99  ? 189  VAL A CA  1 
ATOM   245  C C   . VAL A 1 39  ? 6.967   -3.584  1.113   1.00 8.88  ? 189  VAL A C   1 
ATOM   246  O O   . VAL A 1 39  ? 8.027   -2.990  1.269   1.00 9.63  ? 189  VAL A O   1 
ATOM   247  C CB  . VAL A 1 39  ? 5.185   -3.233  2.815   1.00 8.79  ? 189  VAL A CB  1 
ATOM   248  C CG1 . VAL A 1 39  ? 5.818   -1.862  2.977   1.00 7.26  ? 189  VAL A CG1 1 
ATOM   249  C CG2 . VAL A 1 39  ? 3.952   -3.122  1.917   1.00 11.71 ? 189  VAL A CG2 1 
ATOM   250  N N   . LYS A 1 40  ? 6.366   -3.671  -0.057  1.00 8.09  ? 190  LYS A N   1 
ATOM   251  C CA  . LYS A 1 40  ? 6.723   -2.870  -1.222  1.00 7.87  ? 190  LYS A CA  1 
ATOM   252  C C   . LYS A 1 40  ? 5.440   -2.299  -1.829  1.00 11.96 ? 190  LYS A C   1 
ATOM   253  O O   . LYS A 1 40  ? 4.434   -3.006  -1.866  1.00 11.69 ? 190  LYS A O   1 
ATOM   254  C CB  . LYS A 1 40  ? 7.463   -3.650  -2.303  1.00 8.63  ? 190  LYS A CB  1 
ATOM   255  C CG  . LYS A 1 40  ? 8.873   -4.055  -1.898  1.00 16.94 ? 190  LYS A CG  1 
ATOM   256  C CD  . LYS A 1 40  ? 9.883   -3.887  -3.011  1.00 24.48 ? 190  LYS A CD  1 
ATOM   257  C CE  . LYS A 1 40  ? 9.970   -5.090  -3.924  1.00 36.03 ? 190  LYS A CE  1 
ATOM   258  N NZ  . LYS A 1 40  ? 11.366  -5.596  -4.105  1.00 24.63 ? 190  LYS A NZ  1 
ATOM   259  N N   . TRP A 1 41  ? 5.501   -1.054  -2.270  1.00 6.28  ? 191  TRP A N   1 
ATOM   260  C CA  . TRP A 1 41  ? 4.333   -0.492  -2.944  1.00 7.28  ? 191  TRP A CA  1 
ATOM   261  C C   . TRP A 1 41  ? 4.738   -0.212  -4.401  1.00 10.34 ? 191  TRP A C   1 
ATOM   262  O O   . TRP A 1 41  ? 5.855   0.263   -4.628  1.00 7.64  ? 191  TRP A O   1 
ATOM   263  C CB  . TRP A 1 41  ? 3.816   0.770   -2.308  1.00 6.54  ? 191  TRP A CB  1 
ATOM   264  C CG  . TRP A 1 41  ? 3.393   0.632   -0.872  1.00 5.08  ? 191  TRP A CG  1 
ATOM   265  C CD1 . TRP A 1 41  ? 4.190   0.722   0.228   1.00 6.20  ? 191  TRP A CD1 1 
ATOM   266  C CD2 . TRP A 1 41  ? 2.055   0.390   -0.417  1.00 5.81  ? 191  TRP A CD2 1 
ATOM   267  N NE1 . TRP A 1 41  ? 3.420   0.536   1.356   1.00 7.52  ? 191  TRP A NE1 1 
ATOM   268  C CE2 . TRP A 1 41  ? 2.115   0.337   0.990   1.00 7.45  ? 191  TRP A CE2 1 
ATOM   269  C CE3 . TRP A 1 41  ? 0.820   0.206   -1.025  1.00 8.01  ? 191  TRP A CE3 1 
ATOM   270  C CZ2 . TRP A 1 41  ? 0.982   0.115   1.774   1.00 6.83  ? 191  TRP A CZ2 1 
ATOM   271  C CZ3 . TRP A 1 41  ? -0.308  -0.014  -0.248  1.00 9.19  ? 191  TRP A CZ3 1 
ATOM   272  C CH2 . TRP A 1 41  ? -0.224  -0.059  1.151   1.00 6.75  ? 191  TRP A CH2 1 
ATOM   273  N N   . PHE A 1 42  ? 3.863   -0.494  -5.347  1.00 6.31  ? 192  PHE A N   1 
ATOM   274  C CA  . PHE A 1 42  ? 4.139   -0.229  -6.749  1.00 6.45  ? 192  PHE A CA  1 
ATOM   275  C C   . PHE A 1 42  ? 3.020   0.540   -7.424  1.00 7.07  ? 192  PHE A C   1 
ATOM   276  O O   . PHE A 1 42  ? 1.843   0.403   -7.085  1.00 9.23  ? 192  PHE A O   1 
ATOM   277  C CB  . PHE A 1 42  ? 4.335   -1.542  -7.523  1.00 8.54  ? 192  PHE A CB  1 
ATOM   278  C CG  . PHE A 1 42  ? 5.520   -2.404  -7.122  1.00 8.15  ? 192  PHE A CG  1 
ATOM   279  C CD1 . PHE A 1 42  ? 5.460   -3.225  -6.017  1.00 8.74  ? 192  PHE A CD1 1 
ATOM   280  C CD2 . PHE A 1 42  ? 6.659   -2.330  -7.921  1.00 11.19 ? 192  PHE A CD2 1 
ATOM   281  C CE1 . PHE A 1 42  ? 6.559   -3.993  -5.685  1.00 13.88 ? 192  PHE A CE1 1 
ATOM   282  C CE2 . PHE A 1 42  ? 7.759   -3.099  -7.568  1.00 13.37 ? 192  PHE A CE2 1 
ATOM   283  C CZ  . PHE A 1 42  ? 7.700   -3.910  -6.460  1.00 17.85 ? 192  PHE A CZ  1 
ATOM   284  N N   . LYS A 1 43  ? 3.365   1.328   -8.443  1.00 8.46  ? 193  LYS A N   1 
ATOM   285  C CA  . LYS A 1 43  ? 2.417   1.803   -9.426  1.00 7.73  ? 193  LYS A CA  1 
ATOM   286  C C   . LYS A 1 43  ? 2.690   0.988   -10.689 1.00 10.14 ? 193  LYS A C   1 
ATOM   287  O O   . LYS A 1 43  ? 3.843   0.913   -11.120 1.00 8.87  ? 193  LYS A O   1 
ATOM   288  C CB  . LYS A 1 43  ? 2.503   3.304   -9.749  1.00 9.54  ? 193  LYS A CB  1 
ATOM   289  C CG  . LYS A 1 43  ? 1.334   3.796   -10.577 1.00 11.01 ? 193  LYS A CG  1 
ATOM   290  C CD  . LYS A 1 43  ? 1.339   5.302   -10.814 1.00 10.17 ? 193  LYS A CD  1 
ATOM   291  C CE  . LYS A 1 43  ? -0.052  5.733   -11.292 1.00 16.01 ? 193  LYS A CE  1 
ATOM   292  N NZ  . LYS A 1 43  ? -0.041  7.002   -12.060 1.00 16.00 ? 193  LYS A NZ  1 
ATOM   293  N N   . GLY A 1 44  ? 1.657   0.389   -11.274 1.00 8.23  ? 194  GLY A N   1 
ATOM   294  C CA  . GLY A 1 44  ? 1.933   -0.487  -12.423 1.00 8.52  ? 194  GLY A CA  1 
ATOM   295  C C   . GLY A 1 44  ? 2.665   -1.737  -12.006 1.00 9.41  ? 194  GLY A C   1 
ATOM   296  O O   . GLY A 1 44  ? 2.783   -2.116  -10.827 1.00 10.27 ? 194  GLY A O   1 
ATOM   297  N N   . LYS A 1 45  ? 3.246   -2.491  -12.938 1.00 13.64 ? 195  LYS A N   1 
ATOM   298  C CA  A LYS A 1 45  ? 4.003   -3.682  -12.596 0.69 12.05 ? 195  LYS A CA  1 
ATOM   299  C CA  B LYS A 1 45  ? 3.995   -3.688  -12.583 0.30 13.66 ? 195  LYS A CA  1 
ATOM   300  C C   . LYS A 1 45  ? 5.335   -3.425  -11.914 1.00 9.96  ? 195  LYS A C   1 
ATOM   301  O O   . LYS A 1 45  ? 5.816   -4.156  -11.046 1.00 11.43 ? 195  LYS A O   1 
ATOM   302  C CB  A LYS A 1 45  ? 4.274   -4.479  -13.888 0.69 19.17 ? 195  LYS A CB  1 
ATOM   303  C CB  B LYS A 1 45  ? 4.281   -4.505  -13.854 0.30 17.40 ? 195  LYS A CB  1 
ATOM   304  C CG  A LYS A 1 45  ? 3.050   -5.282  -14.329 0.69 14.36 ? 195  LYS A CG  1 
ATOM   305  C CG  B LYS A 1 45  ? 3.033   -4.850  -14.648 0.30 16.20 ? 195  LYS A CG  1 
ATOM   306  C CD  A LYS A 1 45  ? 3.254   -5.851  -15.726 0.69 17.53 ? 195  LYS A CD  1 
ATOM   307  C CD  B LYS A 1 45  ? 3.397   -5.565  -15.943 0.30 16.09 ? 195  LYS A CD  1 
ATOM   308  C CE  A LYS A 1 45  ? 4.127   -7.095  -15.703 0.69 16.94 ? 195  LYS A CE  1 
ATOM   309  C CE  B LYS A 1 45  ? 3.499   -7.066  -15.720 0.30 15.86 ? 195  LYS A CE  1 
ATOM   310  N NZ  A LYS A 1 45  ? 4.295   -7.691  -17.058 0.69 12.17 ? 195  LYS A NZ  1 
ATOM   311  N NZ  B LYS A 1 45  ? 3.190   -7.446  -14.317 0.30 19.91 ? 195  LYS A NZ  1 
ATOM   312  N N   . TRP A 1 46  ? 5.970   -2.324  -12.380 1.00 9.64  ? 196  TRP A N   1 
ATOM   313  C CA  . TRP A 1 46  ? 7.372   -2.182  -12.075 1.00 8.36  ? 196  TRP A CA  1 
ATOM   314  C C   . TRP A 1 46  ? 7.820   -0.941  -11.334 1.00 7.31  ? 196  TRP A C   1 
ATOM   315  O O   . TRP A 1 46  ? 9.015   -0.902  -11.008 1.00 11.83 ? 196  TRP A O   1 
ATOM   316  C CB  . TRP A 1 46  ? 8.130   -2.181  -13.418 1.00 10.24 ? 196  TRP A CB  1 
ATOM   317  C CG  . TRP A 1 46  ? 7.958   -3.300  -14.363 1.00 13.69 ? 196  TRP A CG  1 
ATOM   318  C CD1 . TRP A 1 46  ? 7.545   -3.226  -15.671 1.00 14.00 ? 196  TRP A CD1 1 
ATOM   319  C CD2 . TRP A 1 46  ? 8.202   -4.683  -14.101 1.00 15.83 ? 196  TRP A CD2 1 
ATOM   320  N NE1 . TRP A 1 46  ? 7.515   -4.467  -16.230 1.00 19.97 ? 196  TRP A NE1 1 
ATOM   321  C CE2 . TRP A 1 46  ? 7.913   -5.385  -15.288 1.00 12.35 ? 196  TRP A CE2 1 
ATOM   322  C CE3 . TRP A 1 46  ? 8.631   -5.384  -12.979 1.00 10.43 ? 196  TRP A CE3 1 
ATOM   323  C CZ2 . TRP A 1 46  ? 8.039   -6.768  -15.387 1.00 17.50 ? 196  TRP A CZ2 1 
ATOM   324  C CZ3 . TRP A 1 46  ? 8.762   -6.758  -13.064 1.00 19.52 ? 196  TRP A CZ3 1 
ATOM   325  C CH2 . TRP A 1 46  ? 8.465   -7.421  -14.262 1.00 24.54 ? 196  TRP A CH2 1 
ATOM   326  N N   . VAL A 1 47  ? 6.976   0.065   -11.093 1.00 8.61  ? 197  VAL A N   1 
ATOM   327  C CA  . VAL A 1 47  ? 7.519   1.264   -10.447 1.00 8.82  ? 197  VAL A CA  1 
ATOM   328  C C   . VAL A 1 47  ? 7.436   1.091   -8.931  1.00 10.27 ? 197  VAL A C   1 
ATOM   329  O O   . VAL A 1 47  ? 6.381   1.060   -8.300  1.00 9.43  ? 197  VAL A O   1 
ATOM   330  C CB  . VAL A 1 47  ? 6.807   2.554   -10.879 1.00 13.64 ? 197  VAL A CB  1 
ATOM   331  C CG1 . VAL A 1 47  ? 7.407   3.708   -10.075 1.00 14.59 ? 197  VAL A CG1 1 
ATOM   332  C CG2 . VAL A 1 47  ? 6.945   2.790   -12.373 1.00 14.47 ? 197  VAL A CG2 1 
ATOM   333  N N   . ASP A 1 48  ? 8.606   0.945   -8.347  1.00 9.75  ? 198  ASP A N   1 
ATOM   334  C CA  . ASP A 1 48  ? 8.752   0.804   -6.907  1.00 8.88  ? 198  ASP A CA  1 
ATOM   335  C C   . ASP A 1 48  ? 8.571   2.143   -6.206  1.00 10.12 ? 198  ASP A C   1 
ATOM   336  O O   . ASP A 1 48  ? 9.443   3.004   -6.357  1.00 9.21  ? 198  ASP A O   1 
ATOM   337  C CB  . ASP A 1 48  ? 10.147  0.239   -6.646  1.00 10.92 ? 198  ASP A CB  1 
ATOM   338  C CG  . ASP A 1 48  ? 10.454  -0.031  -5.202  1.00 14.42 ? 198  ASP A CG  1 
ATOM   339  O OD1 . ASP A 1 48  ? 9.741   0.445   -4.295  1.00 11.68 ? 198  ASP A OD1 1 
ATOM   340  O OD2 . ASP A 1 48  ? 11.486  -0.718  -4.967  1.00 23.73 ? 198  ASP A OD2 1 
ATOM   341  N N   . LEU A 1 49  ? 7.467   2.382   -5.496  1.00 9.29  ? 199  LEU A N   1 
ATOM   342  C CA  . LEU A 1 49  ? 7.193   3.721   -4.970  1.00 9.27  ? 199  LEU A CA  1 
ATOM   343  C C   . LEU A 1 49  ? 8.148   4.177   -3.874  1.00 10.31 ? 199  LEU A C   1 
ATOM   344  O O   . LEU A 1 49  ? 8.164   5.376   -3.544  1.00 8.30  ? 199  LEU A O   1 
ATOM   345  C CB  . LEU A 1 49  ? 5.732   3.801   -4.510  1.00 10.23 ? 199  LEU A CB  1 
ATOM   346  C CG  . LEU A 1 49  ? 4.757   3.660   -5.695  1.00 10.51 ? 199  LEU A CG  1 
ATOM   347  C CD1 . LEU A 1 49  ? 3.319   3.667   -5.190  1.00 10.86 ? 199  LEU A CD1 1 
ATOM   348  C CD2 . LEU A 1 49  ? 5.010   4.755   -6.715  1.00 10.34 ? 199  LEU A CD2 1 
ATOM   349  N N   . SER A 1 50  ? 8.969   3.280   -3.341  1.00 8.81  ? 200  SER A N   1 
ATOM   350  C CA  . SER A 1 50  ? 9.973   3.727   -2.371  1.00 8.91  ? 200  SER A CA  1 
ATOM   351  C C   . SER A 1 50  ? 10.960  4.706   -3.016  1.00 8.58  ? 200  SER A C   1 
ATOM   352  O O   . SER A 1 50  ? 11.561  5.553   -2.367  1.00 14.99 ? 200  SER A O   1 
ATOM   353  C CB  . SER A 1 50  ? 10.749  2.572   -1.767  1.00 13.12 ? 200  SER A CB  1 
ATOM   354  O OG  . SER A 1 50  ? 11.518  1.842   -2.710  1.00 13.82 ? 200  SER A OG  1 
ATOM   355  N N   . SER A 1 51  ? 11.078  4.565   -4.343  1.00 7.73  ? 201  SER A N   1 
ATOM   356  C CA  . SER A 1 51  ? 11.968  5.437   -5.082  1.00 9.79  ? 201  SER A CA  1 
ATOM   357  C C   . SER A 1 51  ? 11.321  6.774   -5.401  1.00 7.71  ? 201  SER A C   1 
ATOM   358  O O   . SER A 1 51  ? 11.982  7.574   -6.065  1.00 11.00 ? 201  SER A O   1 
ATOM   359  C CB  . SER A 1 51  ? 12.417  4.769   -6.401  1.00 10.77 ? 201  SER A CB  1 
ATOM   360  O OG  . SER A 1 51  ? 11.334  4.756   -7.325  1.00 13.89 ? 201  SER A OG  1 
ATOM   361  N N   . LYS A 1 52  ? 10.084  7.028   -5.005  1.00 7.87  ? 202  LYS A N   1 
ATOM   362  C CA  . LYS A 1 52  ? 9.337   8.210   -5.383  1.00 8.74  ? 202  LYS A CA  1 
ATOM   363  C C   . LYS A 1 52  ? 8.982   9.059   -4.177  1.00 9.06  ? 202  LYS A C   1 
ATOM   364  O O   . LYS A 1 52  ? 8.227   10.031  -4.266  1.00 12.61 ? 202  LYS A O   1 
ATOM   365  C CB  . LYS A 1 52  ? 8.029   7.792   -6.072  1.00 13.33 ? 202  LYS A CB  1 
ATOM   366  C CG  . LYS A 1 52  ? 8.152   7.033   -7.377  1.00 14.50 ? 202  LYS A CG  1 
ATOM   367  C CD  . LYS A 1 52  ? 8.614   7.945   -8.484  1.00 15.41 ? 202  LYS A CD  1 
ATOM   368  C CE  . LYS A 1 52  ? 8.381   7.440   -9.895  1.00 14.90 ? 202  LYS A CE  1 
ATOM   369  N NZ  . LYS A 1 52  ? 8.755   8.565   -10.811 1.00 13.53 ? 202  LYS A NZ  1 
ATOM   370  N N   . VAL A 1 53  ? 9.516   8.668   -3.029  1.00 10.79 ? 203  VAL A N   1 
ATOM   371  C CA  . VAL A 1 53  ? 9.221   9.385   -1.785  1.00 10.08 ? 203  VAL A CA  1 
ATOM   372  C C   . VAL A 1 53  ? 9.710   10.820  -1.842  1.00 13.01 ? 203  VAL A C   1 
ATOM   373  O O   . VAL A 1 53  ? 10.840  11.131  -2.236  1.00 12.41 ? 203  VAL A O   1 
ATOM   374  C CB  . VAL A 1 53  ? 9.860   8.608   -0.608  1.00 10.73 ? 203  VAL A CB  1 
ATOM   375  C CG1 . VAL A 1 53  ? 10.003  9.451   0.640   1.00 9.23  ? 203  VAL A CG1 1 
ATOM   376  C CG2 . VAL A 1 53  ? 9.008   7.370   -0.319  1.00 12.49 ? 203  VAL A CG2 1 
ATOM   377  N N   . GLY A 1 54  ? 8.844   11.744  -1.422  1.00 11.20 ? 204  GLY A N   1 
ATOM   378  C CA  . GLY A 1 54  ? 9.119   13.166  -1.466  1.00 10.40 ? 204  GLY A CA  1 
ATOM   379  C C   . GLY A 1 54  ? 7.872   13.982  -1.153  1.00 11.98 ? 204  GLY A C   1 
ATOM   380  O O   . GLY A 1 54  ? 7.118   13.663  -0.236  1.00 16.19 ? 204  GLY A O   1 
ATOM   381  N N   . GLN A 1 55  ? 7.624   15.037  -1.908  1.00 13.26 ? 205  GLN A N   1 
ATOM   382  C CA  . GLN A 1 55  ? 6.600   16.006  -1.524  1.00 20.31 ? 205  GLN A CA  1 
ATOM   383  C C   . GLN A 1 55  ? 5.201   15.472  -1.751  1.00 18.16 ? 205  GLN A C   1 
ATOM   384  O O   . GLN A 1 55  ? 4.249   15.979  -1.157  1.00 20.24 ? 205  GLN A O   1 
ATOM   385  C CB  . GLN A 1 55  ? 6.878   17.280  -2.320  1.00 29.46 ? 205  GLN A CB  1 
ATOM   386  C CG  . GLN A 1 55  ? 5.748   18.173  -2.787  1.00 40.22 ? 205  GLN A CG  1 
ATOM   387  C CD  . GLN A 1 55  ? 6.216   19.074  -3.924  1.00 50.27 ? 205  GLN A CD  1 
ATOM   388  O OE1 . GLN A 1 55  ? 7.303   18.880  -4.475  1.00 45.97 ? 205  GLN A OE1 1 
ATOM   389  N NE2 . GLN A 1 55  ? 5.434   20.076  -4.312  1.00 50.03 ? 205  GLN A NE2 1 
ATOM   390  N N   . HIS A 1 56  ? 5.065   14.466  -2.605  1.00 14.21 ? 206  HIS A N   1 
ATOM   391  C CA  . HIS A 1 56  ? 3.759   13.912  -2.941  1.00 13.65 ? 206  HIS A CA  1 
ATOM   392  C C   . HIS A 1 56  ? 3.543   12.529  -2.347  1.00 8.92  ? 206  HIS A C   1 
ATOM   393  O O   . HIS A 1 56  ? 2.431   12.006  -2.399  1.00 16.19 ? 206  HIS A O   1 
ATOM   394  C CB  . HIS A 1 56  ? 3.662   13.770  -4.470  1.00 15.10 ? 206  HIS A CB  1 
ATOM   395  C CG  . HIS A 1 56  ? 3.432   15.092  -5.140  1.00 19.05 ? 206  HIS A CG  1 
ATOM   396  N ND1 . HIS A 1 56  ? 4.337   15.694  -5.991  1.00 19.22 ? 206  HIS A ND1 1 
ATOM   397  C CD2 . HIS A 1 56  ? 2.360   15.912  -5.033  1.00 12.58 ? 206  HIS A CD2 1 
ATOM   398  C CE1 . HIS A 1 56  ? 3.826   16.841  -6.392  1.00 17.19 ? 206  HIS A CE1 1 
ATOM   399  N NE2 . HIS A 1 56  ? 2.631   17.005  -5.832  1.00 23.47 ? 206  HIS A NE2 1 
ATOM   400  N N   . LEU A 1 57  ? 4.579   11.903  -1.828  1.00 10.18 ? 207  LEU A N   1 
ATOM   401  C CA  . LEU A 1 57  ? 4.426   10.504  -1.429  1.00 12.66 ? 207  LEU A CA  1 
ATOM   402  C C   . LEU A 1 57  ? 5.321   10.181  -0.243  1.00 7.38  ? 207  LEU A C   1 
ATOM   403  O O   . LEU A 1 57  ? 6.511   10.518  -0.195  1.00 8.65  ? 207  LEU A O   1 
ATOM   404  C CB  . LEU A 1 57  ? 4.774   9.553   -2.575  1.00 12.22 ? 207  LEU A CB  1 
ATOM   405  C CG  . LEU A 1 57  ? 4.405   8.084   -2.422  1.00 11.44 ? 207  LEU A CG  1 
ATOM   406  C CD1 . LEU A 1 57  ? 4.094   7.484   -3.790  1.00 16.75 ? 207  LEU A CD1 1 
ATOM   407  C CD2 . LEU A 1 57  ? 5.504   7.257   -1.755  1.00 13.61 ? 207  LEU A CD2 1 
ATOM   408  N N   . GLN A 1 58  ? 4.729   9.494   0.729   1.00 6.37  ? 208  GLN A N   1 
ATOM   409  C CA  . GLN A 1 58  ? 5.459   9.075   1.905   1.00 7.96  ? 208  GLN A CA  1 
ATOM   410  C C   . GLN A 1 58  ? 5.002   7.685   2.351   1.00 10.07 ? 208  GLN A C   1 
ATOM   411  O O   . GLN A 1 58  ? 3.851   7.287   2.094   1.00 9.70  ? 208  GLN A O   1 
ATOM   412  C CB  . GLN A 1 58  ? 5.223   10.084  3.045   1.00 10.18 ? 208  GLN A CB  1 
ATOM   413  C CG  . GLN A 1 58  ? 5.853   11.446  2.759   1.00 14.42 ? 208  GLN A CG  1 
ATOM   414  C CD  . GLN A 1 58  ? 7.352   11.485  2.969   1.00 15.31 ? 208  GLN A CD  1 
ATOM   415  O OE1 . GLN A 1 58  ? 7.938   10.872  3.865   1.00 26.16 ? 208  GLN A OE1 1 
ATOM   416  N NE2 . GLN A 1 58  ? 8.034   12.227  2.105   1.00 17.11 ? 208  GLN A NE2 1 
ATOM   417  N N   . LEU A 1 59  ? 5.909   6.981   2.995   1.00 10.00 ? 209  LEU A N   1 
ATOM   418  C CA  . LEU A 1 59  ? 5.642   5.635   3.504   1.00 5.29  ? 209  LEU A CA  1 
ATOM   419  C C   . LEU A 1 59  ? 5.811   5.587   5.006   1.00 7.49  ? 209  LEU A C   1 
ATOM   420  O O   . LEU A 1 59  ? 6.717   6.208   5.570   1.00 11.25 ? 209  LEU A O   1 
ATOM   421  C CB  . LEU A 1 59  ? 6.610   4.663   2.828   1.00 9.26  ? 209  LEU A CB  1 
ATOM   422  C CG  . LEU A 1 59  ? 6.513   4.615   1.296   1.00 10.28 ? 209  LEU A CG  1 
ATOM   423  C CD1 . LEU A 1 59  ? 7.562   3.624   0.808   1.00 14.75 ? 209  LEU A CD1 1 
ATOM   424  C CD2 . LEU A 1 59  ? 5.125   4.231   0.826   1.00 11.45 ? 209  LEU A CD2 1 
ATOM   425  N N   . HIS A 1 60  ? 4.944   4.832   5.692   1.00 8.75  ? 210  HIS A N   1 
ATOM   426  C CA  . HIS A 1 60  ? 5.143   4.641   7.123   1.00 6.34  ? 210  HIS A CA  1 
ATOM   427  C C   . HIS A 1 60  ? 4.684   3.249   7.547   1.00 7.81  ? 210  HIS A C   1 
ATOM   428  O O   . HIS A 1 60  ? 3.552   2.853   7.245   1.00 8.81  ? 210  HIS A O   1 
ATOM   429  C CB  . HIS A 1 60  ? 4.387   5.688   7.944   1.00 7.41  ? 210  HIS A CB  1 
ATOM   430  C CG  . HIS A 1 60  ? 4.703   5.616   9.408   1.00 10.73 ? 210  HIS A CG  1 
ATOM   431  N ND1 . HIS A 1 60  ? 5.861   6.162   9.911   1.00 17.08 ? 210  HIS A ND1 1 
ATOM   432  C CD2 . HIS A 1 60  ? 4.050   5.093   10.476  1.00 13.32 ? 210  HIS A CD2 1 
ATOM   433  C CE1 . HIS A 1 60  ? 5.912   5.973   11.221  1.00 14.34 ? 210  HIS A CE1 1 
ATOM   434  N NE2 . HIS A 1 60  ? 4.819   5.325   11.598  1.00 15.62 ? 210  HIS A NE2 1 
ATOM   435  N N   . ASP A 1 61  ? 5.550   2.556   8.277   1.00 6.82  ? 211  ASP A N   1 
ATOM   436  C CA  . ASP A 1 61  ? 5.287   1.225   8.775   1.00 8.68  ? 211  ASP A CA  1 
ATOM   437  C C   . ASP A 1 61  ? 5.314   1.235   10.301  1.00 11.17 ? 211  ASP A C   1 
ATOM   438  O O   . ASP A 1 61  ? 6.182   1.863   10.916  1.00 9.38  ? 211  ASP A O   1 
ATOM   439  C CB  . ASP A 1 61  ? 6.327   0.238   8.257   1.00 9.53  ? 211  ASP A CB  1 
ATOM   440  C CG  . ASP A 1 61  ? 6.386   0.136   6.746   1.00 8.09  ? 211  ASP A CG  1 
ATOM   441  O OD1 . ASP A 1 61  ? 5.364   0.449   6.117   1.00 10.12 ? 211  ASP A OD1 1 
ATOM   442  O OD2 . ASP A 1 61  ? 7.464   -0.250  6.244   1.00 13.05 ? 211  ASP A OD2 1 
ATOM   443  N N   . SER A 1 62  ? 4.383   0.527   10.915  1.00 8.91  ? 212  SER A N   1 
ATOM   444  C CA  . SER A 1 62  ? 4.293   0.463   12.375  1.00 10.75 ? 212  SER A CA  1 
ATOM   445  C C   . SER A 1 62  ? 3.746   -0.878  12.841  1.00 8.85  ? 212  SER A C   1 
ATOM   446  O O   . SER A 1 62  ? 3.370   -1.736  12.056  1.00 8.88  ? 212  SER A O   1 
ATOM   447  C CB  . SER A 1 62  ? 3.404   1.590   12.921  1.00 8.01  ? 212  SER A CB  1 
ATOM   448  O OG  . SER A 1 62  ? 2.109   1.489   12.315  1.00 10.07 ? 212  SER A OG  1 
ATOM   449  N N   . TYR A 1 63  ? 3.696   -1.045  14.167  1.00 7.77  ? 213  TYR A N   1 
ATOM   450  C CA  . TYR A 1 63  ? 3.288   -2.288  14.791  1.00 8.16  ? 213  TYR A CA  1 
ATOM   451  C C   . TYR A 1 63  ? 2.460   -1.987  16.035  1.00 11.65 ? 213  TYR A C   1 
ATOM   452  O O   . TYR A 1 63  ? 2.885   -1.169  16.856  1.00 10.78 ? 213  TYR A O   1 
ATOM   453  C CB  . TYR A 1 63  ? 4.539   -3.102  15.155  1.00 10.81 ? 213  TYR A CB  1 
ATOM   454  C CG  . TYR A 1 63  ? 4.305   -4.404  15.879  1.00 10.22 ? 213  TYR A CG  1 
ATOM   455  C CD1 . TYR A 1 63  ? 3.673   -5.449  15.208  1.00 11.79 ? 213  TYR A CD1 1 
ATOM   456  C CD2 . TYR A 1 63  ? 4.700   -4.591  17.192  1.00 13.97 ? 213  TYR A CD2 1 
ATOM   457  C CE1 . TYR A 1 63  ? 3.443   -6.649  15.841  1.00 12.09 ? 213  TYR A CE1 1 
ATOM   458  C CE2 . TYR A 1 63  ? 4.477   -5.798  17.825  1.00 14.81 ? 213  TYR A CE2 1 
ATOM   459  C CZ  . TYR A 1 63  ? 3.848   -6.817  17.144  1.00 16.44 ? 213  TYR A CZ  1 
ATOM   460  O OH  . TYR A 1 63  ? 3.611   -8.033  17.751  1.00 13.98 ? 213  TYR A OH  1 
ATOM   461  N N   . ASP A 1 64  ? 1.311   -2.646  16.147  1.00 10.04 ? 214  ASP A N   1 
ATOM   462  C CA  . ASP A 1 64  ? 0.510   -2.543  17.364  1.00 11.20 ? 214  ASP A CA  1 
ATOM   463  C C   . ASP A 1 64  ? 0.753   -3.757  18.268  1.00 11.38 ? 214  ASP A C   1 
ATOM   464  O O   . ASP A 1 64  ? 0.410   -4.882  17.931  1.00 12.43 ? 214  ASP A O   1 
ATOM   465  C CB  . ASP A 1 64  ? -0.969  -2.358  16.985  1.00 10.61 ? 214  ASP A CB  1 
ATOM   466  C CG  . ASP A 1 64  ? -1.735  -2.310  18.312  1.00 22.49 ? 214  ASP A CG  1 
ATOM   467  O OD1 . ASP A 1 64  ? -1.468  -1.339  19.063  1.00 21.36 ? 214  ASP A OD1 1 
ATOM   468  O OD2 . ASP A 1 64  ? -2.508  -3.239  18.596  1.00 15.51 ? 214  ASP A OD2 1 
ATOM   469  N N   . ARG A 1 65  ? 1.359   -3.582  19.445  1.00 12.95 ? 215  ARG A N   1 
ATOM   470  C CA  . ARG A 1 65  ? 1.746   -4.712  20.293  1.00 15.70 ? 215  ARG A CA  1 
ATOM   471  C C   . ARG A 1 65  ? 0.563   -5.525  20.803  1.00 11.59 ? 215  ARG A C   1 
ATOM   472  O O   . ARG A 1 65  ? 0.644   -6.756  20.823  1.00 16.27 ? 215  ARG A O   1 
ATOM   473  C CB  . ARG A 1 65  ? 2.621   -4.215  21.459  1.00 15.78 ? 215  ARG A CB  1 
ATOM   474  C CG  . ARG A 1 65  ? 3.061   -5.364  22.359  1.00 18.95 ? 215  ARG A CG  1 
ATOM   475  C CD  . ARG A 1 65  ? 4.142   -4.993  23.342  1.00 22.52 ? 215  ARG A CD  1 
ATOM   476  N NE  . ARG A 1 65  ? 3.997   -3.709  23.990  1.00 29.24 ? 215  ARG A NE  1 
ATOM   477  C CZ  . ARG A 1 65  ? 3.028   -3.228  24.732  1.00 27.15 ? 215  ARG A CZ  1 
ATOM   478  N NH1 . ARG A 1 65  ? 1.943   -3.927  25.015  1.00 31.05 ? 215  ARG A NH1 1 
ATOM   479  N NH2 . ARG A 1 65  ? 3.128   -1.994  25.221  1.00 21.28 ? 215  ARG A NH2 1 
ATOM   480  N N   . ALA A 1 66  ? -0.535  -4.887  21.178  1.00 18.45 ? 216  ALA A N   1 
ATOM   481  C CA  . ALA A 1 66  ? -1.696  -5.537  21.767  1.00 15.67 ? 216  ALA A CA  1 
ATOM   482  C C   . ALA A 1 66  ? -2.334  -6.547  20.819  1.00 16.65 ? 216  ALA A C   1 
ATOM   483  O O   . ALA A 1 66  ? -2.721  -7.633  21.237  1.00 21.46 ? 216  ALA A O   1 
ATOM   484  C CB  . ALA A 1 66  ? -2.768  -4.525  22.162  1.00 21.29 ? 216  ALA A CB  1 
ATOM   485  N N   . SER A 1 67  ? -2.446  -6.129  19.565  1.00 15.07 ? 217  SER A N   1 
ATOM   486  C CA  . SER A 1 67  ? -3.157  -6.928  18.571  1.00 11.37 ? 217  SER A CA  1 
ATOM   487  C C   . SER A 1 67  ? -2.161  -7.761  17.774  1.00 9.73  ? 217  SER A C   1 
ATOM   488  O O   . SER A 1 67  ? -2.576  -8.686  17.097  1.00 12.16 ? 217  SER A O   1 
ATOM   489  C CB  . SER A 1 67  ? -3.988  -6.034  17.655  1.00 15.00 ? 217  SER A CB  1 
ATOM   490  O OG  . SER A 1 67  ? -3.133  -5.153  16.936  1.00 14.70 ? 217  SER A OG  1 
ATOM   491  N N   . LYS A 1 68  ? -0.865  -7.475  17.859  1.00 12.83 ? 218  LYS A N   1 
ATOM   492  C CA  . LYS A 1 68  ? 0.175   -8.162  17.099  1.00 9.06  ? 218  LYS A CA  1 
ATOM   493  C C   . LYS A 1 68  ? 0.025   -7.931  15.595  1.00 13.52 ? 218  LYS A C   1 
ATOM   494  O O   . LYS A 1 68  ? 0.425   -8.769  14.785  1.00 20.22 ? 218  LYS A O   1 
ATOM   495  C CB  . LYS A 1 68  ? 0.217   -9.664  17.416  1.00 14.31 ? 218  LYS A CB  1 
ATOM   496  C CG  . LYS A 1 68  ? 0.690   -9.841  18.868  1.00 19.11 ? 218  LYS A CG  1 
ATOM   497  C CD  . LYS A 1 68  ? 0.907   -11.302 19.205  1.00 36.21 ? 218  LYS A CD  1 
ATOM   498  C CE  . LYS A 1 68  ? -0.245  -12.180 18.752  1.00 40.86 ? 218  LYS A CE  1 
ATOM   499  N NZ  . LYS A 1 68  ? -0.325  -13.461 19.530  1.00 75.10 ? 218  LYS A NZ  1 
ATOM   500  N N   . VAL A 1 69  ? -0.542  -6.791  15.218  1.00 11.83 ? 219  VAL A N   1 
ATOM   501  C CA  . VAL A 1 69  ? -0.716  -6.479  13.807  1.00 9.65  ? 219  VAL A CA  1 
ATOM   502  C C   . VAL A 1 69  ? 0.302   -5.476  13.298  1.00 9.48  ? 219  VAL A C   1 
ATOM   503  O O   . VAL A 1 69  ? 0.573   -4.480  13.961  1.00 10.68 ? 219  VAL A O   1 
ATOM   504  C CB  . VAL A 1 69  ? -2.129  -5.902  13.562  1.00 11.07 ? 219  VAL A CB  1 
ATOM   505  C CG1 . VAL A 1 69  ? -2.290  -5.498  12.114  1.00 10.50 ? 219  VAL A CG1 1 
ATOM   506  C CG2 . VAL A 1 69  ? -3.148  -6.943  13.998  1.00 12.87 ? 219  VAL A CG2 1 
ATOM   507  N N   . TYR A 1 70  ? 0.846   -5.757  12.118  1.00 9.40  ? 220  TYR A N   1 
ATOM   508  C CA  . TYR A 1 70  ? 1.696   -4.774  11.453  1.00 9.88  ? 220  TYR A CA  1 
ATOM   509  C C   . TYR A 1 70  ? 0.883   -3.931  10.481  1.00 6.59  ? 220  TYR A C   1 
ATOM   510  O O   . TYR A 1 70  ? 0.083   -4.482  9.716   1.00 7.68  ? 220  TYR A O   1 
ATOM   511  C CB  . TYR A 1 70  ? 2.822   -5.463  10.674  1.00 10.32 ? 220  TYR A CB  1 
ATOM   512  C CG  . TYR A 1 70  ? 3.891   -6.057  11.545  1.00 5.48  ? 220  TYR A CG  1 
ATOM   513  C CD1 . TYR A 1 70  ? 5.007   -5.313  11.877  1.00 6.88  ? 220  TYR A CD1 1 
ATOM   514  C CD2 . TYR A 1 70  ? 3.733   -7.339  12.040  1.00 7.30  ? 220  TYR A CD2 1 
ATOM   515  C CE1 . TYR A 1 70  ? 6.008   -5.829  12.682  1.00 11.35 ? 220  TYR A CE1 1 
ATOM   516  C CE2 . TYR A 1 70  ? 4.724   -7.861  12.852  1.00 10.07 ? 220  TYR A CE2 1 
ATOM   517  C CZ  . TYR A 1 70  ? 5.835   -7.121  13.162  1.00 13.66 ? 220  TYR A CZ  1 
ATOM   518  O OH  . TYR A 1 70  ? 6.809   -7.645  13.970  1.00 17.09 ? 220  TYR A OH  1 
ATOM   519  N N   . LEU A 1 71  ? 1.080   -2.616  10.490  1.00 5.88  ? 221  LEU A N   1 
ATOM   520  C CA  . LEU A 1 71  ? 0.419   -1.669  9.604   1.00 6.44  ? 221  LEU A CA  1 
ATOM   521  C C   . LEU A 1 71  ? 1.412   -1.056  8.617   1.00 5.90  ? 221  LEU A C   1 
ATOM   522  O O   . LEU A 1 71  ? 2.492   -0.570  9.001   1.00 7.66  ? 221  LEU A O   1 
ATOM   523  C CB  . LEU A 1 71  ? -0.270  -0.578  10.438  1.00 9.81  ? 221  LEU A CB  1 
ATOM   524  C CG  . LEU A 1 71  ? -0.934  0.576   9.677   1.00 8.33  ? 221  LEU A CG  1 
ATOM   525  C CD1 . LEU A 1 71  ? -2.101  0.121   8.811   1.00 7.67  ? 221  LEU A CD1 1 
ATOM   526  C CD2 . LEU A 1 71  ? -1.422  1.631   10.670  1.00 9.26  ? 221  LEU A CD2 1 
ATOM   527  N N   . PHE A 1 72  ? 1.051   -1.067  7.344   1.00 5.63  ? 222  PHE A N   1 
ATOM   528  C CA  . PHE A 1 72  ? 1.860   -0.470  6.278   1.00 6.54  ? 222  PHE A CA  1 
ATOM   529  C C   . PHE A 1 72  ? 1.040   0.612   5.609   1.00 5.49  ? 222  PHE A C   1 
ATOM   530  O O   . PHE A 1 72  ? -0.048  0.326   5.136   1.00 6.81  ? 222  PHE A O   1 
ATOM   531  C CB  . PHE A 1 72  ? 2.328   -1.521  5.260   1.00 6.12  ? 222  PHE A CB  1 
ATOM   532  C CG  . PHE A 1 72  ? 3.011   -2.696  5.929   1.00 8.81  ? 222  PHE A CG  1 
ATOM   533  C CD1 . PHE A 1 72  ? 4.378   -2.651  6.142   1.00 8.67  ? 222  PHE A CD1 1 
ATOM   534  C CD2 . PHE A 1 72  ? 2.296   -3.819  6.323   1.00 12.23 ? 222  PHE A CD2 1 
ATOM   535  C CE1 . PHE A 1 72  ? 5.054   -3.687  6.750   1.00 9.71  ? 222  PHE A CE1 1 
ATOM   536  C CE2 . PHE A 1 72  ? 2.978   -4.860  6.953   1.00 13.16 ? 222  PHE A CE2 1 
ATOM   537  C CZ  . PHE A 1 72  ? 4.344   -4.811  7.146   1.00 9.17  ? 222  PHE A CZ  1 
ATOM   538  N N   . GLU A 1 73  ? 1.583   1.836   5.602   1.00 5.45  ? 223  GLU A N   1 
ATOM   539  C CA  . GLU A 1 73  ? 0.838   2.946   5.029   1.00 6.64  ? 223  GLU A CA  1 
ATOM   540  C C   . GLU A 1 73  ? 1.578   3.609   3.862   1.00 6.83  ? 223  GLU A C   1 
ATOM   541  O O   . GLU A 1 73  ? 2.803   3.755   3.902   1.00 8.02  ? 223  GLU A O   1 
ATOM   542  C CB  . GLU A 1 73  ? 0.535   4.025   6.069   1.00 3.50  ? 223  GLU A CB  1 
ATOM   543  C CG  . GLU A 1 73  ? -0.384  3.537   7.191   1.00 4.34  ? 223  GLU A CG  1 
ATOM   544  C CD  . GLU A 1 73  ? -0.456  4.580   8.298   1.00 5.61  ? 223  GLU A CD  1 
ATOM   545  O OE1 . GLU A 1 73  ? -1.453  5.338   8.334   1.00 10.12 ? 223  GLU A OE1 1 
ATOM   546  O OE2 . GLU A 1 73  ? 0.489   4.666   9.118   1.00 8.84  ? 223  GLU A OE2 1 
ATOM   547  N N   . LEU A 1 74  ? 0.792   3.990   2.884   1.00 4.63  ? 224  LEU A N   1 
ATOM   548  C CA  . LEU A 1 74  ? 1.186   4.799   1.738   1.00 3.56  ? 224  LEU A CA  1 
ATOM   549  C C   . LEU A 1 74  ? 0.374   6.085   1.754   1.00 5.38  ? 224  LEU A C   1 
ATOM   550  O O   . LEU A 1 74  ? -0.850  6.108   1.623   1.00 6.23  ? 224  LEU A O   1 
ATOM   551  C CB  . LEU A 1 74  ? 0.952   4.026   0.445   1.00 6.81  ? 224  LEU A CB  1 
ATOM   552  C CG  . LEU A 1 74  ? 1.050   4.800   -0.877  1.00 8.74  ? 224  LEU A CG  1 
ATOM   553  C CD1 . LEU A 1 74  ? 2.494   5.203   -1.143  1.00 12.34 ? 224  LEU A CD1 1 
ATOM   554  C CD2 . LEU A 1 74  ? 0.506   3.952   -2.016  1.00 12.56 ? 224  LEU A CD2 1 
ATOM   555  N N   . HIS A 1 75  ? 1.081   7.220   1.904   1.00 6.07  ? 225  HIS A N   1 
ATOM   556  C CA  . HIS A 1 75  ? 0.448   8.532   1.940   1.00 8.13  ? 225  HIS A CA  1 
ATOM   557  C C   . HIS A 1 75  ? 0.712   9.304   0.645   1.00 9.43  ? 225  HIS A C   1 
ATOM   558  O O   . HIS A 1 75  ? 1.867   9.539   0.283   1.00 12.82 ? 225  HIS A O   1 
ATOM   559  C CB  . HIS A 1 75  ? 0.934   9.375   3.116   1.00 7.44  ? 225  HIS A CB  1 
ATOM   560  C CG  . HIS A 1 75  ? 0.671   8.760   4.450   1.00 8.76  ? 225  HIS A CG  1 
ATOM   561  N ND1 . HIS A 1 75  ? 1.604   8.376   5.375   1.00 9.95  ? 225  HIS A ND1 1 
ATOM   562  C CD2 . HIS A 1 75  ? -0.529  8.437   4.992   1.00 6.56  ? 225  HIS A CD2 1 
ATOM   563  C CE1 . HIS A 1 75  ? 1.027   7.863   6.450   1.00 7.55  ? 225  HIS A CE1 1 
ATOM   564  N NE2 . HIS A 1 75  ? -0.273  7.907   6.211   1.00 13.85 ? 225  HIS A NE2 1 
ATOM   565  N N   . ILE A 1 76  ? -0.394  9.688   0.003   1.00 9.31  ? 226  ILE A N   1 
ATOM   566  C CA  . ILE A 1 76  ? -0.288  10.534  -1.184  1.00 14.06 ? 226  ILE A CA  1 
ATOM   567  C C   . ILE A 1 76  ? -0.722  11.953  -0.856  1.00 12.93 ? 226  ILE A C   1 
ATOM   568  O O   . ILE A 1 76  ? -1.769  12.166  -0.243  1.00 14.23 ? 226  ILE A O   1 
ATOM   569  C CB  . ILE A 1 76  ? -1.137  9.991   -2.344  1.00 9.77  ? 226  ILE A CB  1 
ATOM   570  C CG1 . ILE A 1 76  ? -0.752  8.558   -2.710  1.00 19.87 ? 226  ILE A CG1 1 
ATOM   571  C CG2 . ILE A 1 76  ? -1.039  10.947  -3.520  1.00 13.21 ? 226  ILE A CG2 1 
ATOM   572  C CD1 . ILE A 1 76  ? -1.626  7.933   -3.782  1.00 26.40 ? 226  ILE A CD1 1 
ATOM   573  N N   . THR A 1 77  ? 0.097   12.930  -1.240  1.00 9.81  ? 227  THR A N   1 
ATOM   574  C CA  . THR A 1 77  ? -0.259  14.292  -0.836  1.00 11.81 ? 227  THR A CA  1 
ATOM   575  C C   . THR A 1 77  ? -0.224  15.217  -2.047  1.00 12.69 ? 227  THR A C   1 
ATOM   576  O O   . THR A 1 77  ? 0.517   14.938  -3.005  1.00 13.83 ? 227  THR A O   1 
ATOM   577  C CB  . THR A 1 77  ? 0.697   14.732  0.273   1.00 17.69 ? 227  THR A CB  1 
ATOM   578  O OG1 . THR A 1 77  ? 2.044   14.505  -0.153  1.00 28.59 ? 227  THR A OG1 1 
ATOM   579  C CG2 . THR A 1 77  ? 0.490   13.885  1.526   1.00 18.64 ? 227  THR A CG2 1 
ATOM   580  N N   . ASP A 1 78  ? -1.027  16.272  -1.976  1.00 12.72 ? 228  ASP A N   1 
ATOM   581  C CA  . ASP A 1 78  ? -1.176  17.236  -3.066  1.00 15.71 ? 228  ASP A CA  1 
ATOM   582  C C   . ASP A 1 78  ? -1.357  16.491  -4.383  1.00 14.41 ? 228  ASP A C   1 
ATOM   583  O O   . ASP A 1 78  ? -0.557  16.583  -5.316  1.00 14.67 ? 228  ASP A O   1 
ATOM   584  C CB  . ASP A 1 78  ? 0.016   18.189  -3.140  1.00 20.34 ? 228  ASP A CB  1 
ATOM   585  C CG  . ASP A 1 78  ? -0.166  19.313  -4.159  1.00 17.09 ? 228  ASP A CG  1 
ATOM   586  O OD1 . ASP A 1 78  ? -1.320  19.740  -4.368  1.00 19.62 ? 228  ASP A OD1 1 
ATOM   587  O OD2 . ASP A 1 78  ? 0.840   19.735  -4.769  1.00 18.93 ? 228  ASP A OD2 1 
ATOM   588  N N   . ALA A 1 79  ? -2.433  15.703  -4.436  1.00 11.57 ? 229  ALA A N   1 
ATOM   589  C CA  . ALA A 1 79  ? -2.619  14.778  -5.551  1.00 19.86 ? 229  ALA A CA  1 
ATOM   590  C C   . ALA A 1 79  ? -2.640  15.481  -6.906  1.00 16.04 ? 229  ALA A C   1 
ATOM   591  O O   . ALA A 1 79  ? -3.309  16.502  -7.055  1.00 15.02 ? 229  ALA A O   1 
ATOM   592  C CB  . ALA A 1 79  ? -3.896  13.960  -5.368  1.00 13.46 ? 229  ALA A CB  1 
ATOM   593  N N   . GLN A 1 80  ? -1.931  14.885  -7.857  1.00 13.84 ? 230  GLN A N   1 
ATOM   594  C CA  . GLN A 1 80  ? -1.948  15.388  -9.242  1.00 13.05 ? 230  GLN A CA  1 
ATOM   595  C C   . GLN A 1 80  ? -2.588  14.360  -10.169 1.00 20.12 ? 230  GLN A C   1 
ATOM   596  O O   . GLN A 1 80  ? -2.625  13.154  -9.903  1.00 15.16 ? 230  GLN A O   1 
ATOM   597  C CB  . GLN A 1 80  ? -0.535  15.735  -9.690  1.00 15.82 ? 230  GLN A CB  1 
ATOM   598  C CG  . GLN A 1 80  ? 0.209   16.603  -8.677  1.00 22.33 ? 230  GLN A CG  1 
ATOM   599  C CD  . GLN A 1 80  ? -0.266  18.039  -8.678  1.00 29.19 ? 230  GLN A CD  1 
ATOM   600  O OE1 . GLN A 1 80  ? -0.286  18.669  -9.739  1.00 35.86 ? 230  GLN A OE1 1 
ATOM   601  N NE2 . GLN A 1 80  ? -0.651  18.562  -7.514  1.00 21.86 ? 230  GLN A NE2 1 
ATOM   602  N N   . PRO A 1 81  ? -3.147  14.810  -11.285 1.00 11.55 ? 231  PRO A N   1 
ATOM   603  C CA  . PRO A 1 81  ? -3.900  13.958  -12.189 1.00 16.72 ? 231  PRO A CA  1 
ATOM   604  C C   . PRO A 1 81  ? -3.119  12.736  -12.624 1.00 12.57 ? 231  PRO A C   1 
ATOM   605  O O   . PRO A 1 81  ? -3.649  11.637  -12.792 1.00 17.02 ? 231  PRO A O   1 
ATOM   606  C CB  . PRO A 1 81  ? -4.155  14.887  -13.402 1.00 14.61 ? 231  PRO A CB  1 
ATOM   607  C CG  . PRO A 1 81  ? -4.226  16.227  -12.748 1.00 17.38 ? 231  PRO A CG  1 
ATOM   608  C CD  . PRO A 1 81  ? -3.120  16.227  -11.727 1.00 17.26 ? 231  PRO A CD  1 
ATOM   609  N N   . ALA A 1 82  ? -1.820  12.929  -12.821 1.00 11.21 ? 232  ALA A N   1 
ATOM   610  C CA  . ALA A 1 82  ? -1.047  11.785  -13.286 1.00 19.12 ? 232  ALA A CA  1 
ATOM   611  C C   . ALA A 1 82  ? -0.970  10.688  -12.222 1.00 12.68 ? 232  ALA A C   1 
ATOM   612  O O   . ALA A 1 82  ? -0.554  9.578   -12.580 1.00 14.44 ? 232  ALA A O   1 
ATOM   613  C CB  . ALA A 1 82  ? 0.345   12.219  -13.735 1.00 16.17 ? 232  ALA A CB  1 
ATOM   614  N N   . PHE A 1 83  ? -1.363  10.945  -10.982 1.00 11.56 ? 233  PHE A N   1 
ATOM   615  C CA  . PHE A 1 83  ? -1.284  9.870   -9.984  1.00 9.85  ? 233  PHE A CA  1 
ATOM   616  C C   . PHE A 1 83  ? -2.369  8.830   -10.131 1.00 9.40  ? 233  PHE A C   1 
ATOM   617  O O   . PHE A 1 83  ? -2.290  7.731   -9.572  1.00 10.74 ? 233  PHE A O   1 
ATOM   618  C CB  . PHE A 1 83  ? -1.330  10.448  -8.559  1.00 7.71  ? 233  PHE A CB  1 
ATOM   619  C CG  . PHE A 1 83  ? -0.208  11.409  -8.241  1.00 9.87  ? 233  PHE A CG  1 
ATOM   620  C CD1 . PHE A 1 83  ? 0.871   11.602  -9.095  1.00 16.37 ? 233  PHE A CD1 1 
ATOM   621  C CD2 . PHE A 1 83  ? -0.284  12.131  -7.052  1.00 12.09 ? 233  PHE A CD2 1 
ATOM   622  C CE1 . PHE A 1 83  ? 1.858   12.518  -8.754  1.00 18.19 ? 233  PHE A CE1 1 
ATOM   623  C CE2 . PHE A 1 83  ? 0.700   13.040  -6.712  1.00 19.06 ? 233  PHE A CE2 1 
ATOM   624  C CZ  . PHE A 1 83  ? 1.766   13.239  -7.572  1.00 19.04 ? 233  PHE A CZ  1 
ATOM   625  N N   . THR A 1 84  ? -3.427  9.139   -10.857 1.00 7.50  ? 234  THR A N   1 
ATOM   626  C CA  . THR A 1 84  ? -4.464  8.199   -11.200 1.00 10.83 ? 234  THR A CA  1 
ATOM   627  C C   . THR A 1 84  ? -3.843  6.923   -11.764 1.00 11.90 ? 234  THR A C   1 
ATOM   628  O O   . THR A 1 84  ? -2.935  6.970   -12.590 1.00 11.92 ? 234  THR A O   1 
ATOM   629  C CB  . THR A 1 84  ? -5.460  8.774   -12.219 1.00 10.05 ? 234  THR A CB  1 
ATOM   630  O OG1 . THR A 1 84  ? -6.205  9.803   -11.562 1.00 9.55  ? 234  THR A OG1 1 
ATOM   631  C CG2 . THR A 1 84  ? -6.491  7.750   -12.667 1.00 12.08 ? 234  THR A CG2 1 
ATOM   632  N N   . GLY A 1 85  ? -4.351  5.802   -11.283 1.00 9.42  ? 235  GLY A N   1 
ATOM   633  C CA  . GLY A 1 85  ? -3.950  4.558   -11.940 1.00 8.55  ? 235  GLY A CA  1 
ATOM   634  C C   . GLY A 1 85  ? -3.984  3.334   -11.051 1.00 7.49  ? 235  GLY A C   1 
ATOM   635  O O   . GLY A 1 85  ? -4.575  3.316   -9.971  1.00 10.17 ? 235  GLY A O   1 
ATOM   636  N N   . SER A 1 86  ? -3.322  2.302   -11.531 1.00 8.58  ? 236  SER A N   1 
ATOM   637  C CA  A SER A 1 86  ? -3.302  0.980   -10.912 0.57 9.55  ? 236  SER A CA  1 
ATOM   638  C CA  B SER A 1 86  ? -3.285  0.969   -10.944 0.43 9.51  ? 236  SER A CA  1 
ATOM   639  C C   . SER A 1 86  ? -2.064  0.794   -10.050 1.00 7.15  ? 236  SER A C   1 
ATOM   640  O O   . SER A 1 86  ? -0.936  0.985   -10.523 1.00 10.49 ? 236  SER A O   1 
ATOM   641  C CB  A SER A 1 86  ? -3.382  -0.079  -12.017 0.57 10.42 ? 236  SER A CB  1 
ATOM   642  C CB  B SER A 1 86  ? -3.286  -0.062  -12.076 0.43 10.15 ? 236  SER A CB  1 
ATOM   643  O OG  A SER A 1 86  ? -4.492  0.220   -12.853 0.57 17.41 ? 236  SER A OG  1 
ATOM   644  O OG  B SER A 1 86  ? -2.821  -1.320  -11.630 0.43 8.32  ? 236  SER A OG  1 
ATOM   645  N N   . TYR A 1 87  ? -2.269  0.422   -8.803  1.00 5.56  ? 237  TYR A N   1 
ATOM   646  C CA  . TYR A 1 87  ? -1.259  0.242   -7.790  1.00 4.97  ? 237  TYR A CA  1 
ATOM   647  C C   . TYR A 1 87  ? -1.270  -1.169  -7.199  1.00 5.89  ? 237  TYR A C   1 
ATOM   648  O O   . TYR A 1 87  ? -2.239  -1.912  -7.350  1.00 5.95  ? 237  TYR A O   1 
ATOM   649  C CB  . TYR A 1 87  ? -1.497  1.232   -6.620  1.00 6.46  ? 237  TYR A CB  1 
ATOM   650  C CG  . TYR A 1 87  ? -1.191  2.677   -6.990  1.00 8.21  ? 237  TYR A CG  1 
ATOM   651  C CD1 . TYR A 1 87  ? -0.038  3.321   -6.565  1.00 8.46  ? 237  TYR A CD1 1 
ATOM   652  C CD2 . TYR A 1 87  ? -2.094  3.396   -7.768  1.00 7.02  ? 237  TYR A CD2 1 
ATOM   653  C CE1 . TYR A 1 87  ? 0.229   4.649   -6.907  1.00 11.36 ? 237  TYR A CE1 1 
ATOM   654  C CE2 . TYR A 1 87  ? -1.845  4.717   -8.112  1.00 7.46  ? 237  TYR A CE2 1 
ATOM   655  C CZ  . TYR A 1 87  ? -0.683  5.338   -7.682  1.00 9.61  ? 237  TYR A CZ  1 
ATOM   656  O OH  . TYR A 1 87  ? -0.479  6.647   -8.047  1.00 9.89  ? 237  TYR A OH  1 
ATOM   657  N N   . ARG A 1 88  ? -0.200  -1.519  -6.516  1.00 6.47  ? 238  ARG A N   1 
ATOM   658  C CA  . ARG A 1 88  ? -0.094  -2.879  -5.948  1.00 8.99  ? 238  ARG A CA  1 
ATOM   659  C C   . ARG A 1 88  ? 0.728   -2.774  -4.672  1.00 8.91  ? 238  ARG A C   1 
ATOM   660  O O   . ARG A 1 88  ? 1.706   -2.033  -4.556  1.00 7.07  ? 238  ARG A O   1 
ATOM   661  C CB  . ARG A 1 88  ? 0.509   -3.897  -6.920  1.00 6.39  ? 238  ARG A CB  1 
ATOM   662  C CG  . ARG A 1 88  ? 0.596   -5.348  -6.512  1.00 6.93  ? 238  ARG A CG  1 
ATOM   663  C CD  . ARG A 1 88  ? 1.147   -6.276  -7.625  1.00 5.48  ? 238  ARG A CD  1 
ATOM   664  N NE  . ARG A 1 88  ? 2.575   -6.022  -7.774  1.00 6.44  ? 238  ARG A NE  1 
ATOM   665  C CZ  . ARG A 1 88  ? 3.087   -5.216  -8.701  1.00 7.04  ? 238  ARG A CZ  1 
ATOM   666  N NH1 . ARG A 1 88  ? 2.362   -4.595  -9.609  1.00 6.85  ? 238  ARG A NH1 1 
ATOM   667  N NH2 . ARG A 1 88  ? 4.411   -5.053  -8.715  1.00 10.87 ? 238  ARG A NH2 1 
ATOM   668  N N   . CYS A 1 89  ? 0.291   -3.554  -3.687  1.00 5.83  ? 239  CYS A N   1 
ATOM   669  C CA  . CYS A 1 89  ? 0.964   -3.744  -2.429  1.00 5.70  ? 239  CYS A CA  1 
ATOM   670  C C   . CYS A 1 89  ? 1.500   -5.175  -2.363  1.00 4.59  ? 239  CYS A C   1 
ATOM   671  O O   . CYS A 1 89  ? 0.709   -6.110  -2.508  1.00 7.17  ? 239  CYS A O   1 
ATOM   672  C CB  . CYS A 1 89  ? 0.025   -3.506  -1.232  1.00 5.97  ? 239  CYS A CB  1 
ATOM   673  S SG  . CYS A 1 89  ? 0.797   -3.663  0.384   1.00 7.67  ? 239  CYS A SG  1 
ATOM   674  N N   . GLU A 1 90  ? 2.813   -5.278  -2.134  1.00 6.31  ? 240  GLU A N   1 
ATOM   675  C CA  . GLU A 1 90  ? 3.396   -6.612  -1.973  1.00 5.41  ? 240  GLU A CA  1 
ATOM   676  C C   . GLU A 1 90  ? 3.936   -6.799  -0.565  1.00 4.19  ? 240  GLU A C   1 
ATOM   677  O O   . GLU A 1 90  ? 4.617   -5.945  -0.011  1.00 7.96  ? 240  GLU A O   1 
ATOM   678  C CB  . GLU A 1 90  ? 4.551   -6.868  -2.957  1.00 6.28  ? 240  GLU A CB  1 
ATOM   679  C CG  . GLU A 1 90  ? 4.145   -6.671  -4.414  1.00 9.46  ? 240  GLU A CG  1 
ATOM   680  C CD  . GLU A 1 90  ? 5.234   -7.054  -5.411  1.00 13.11 ? 240  GLU A CD  1 
ATOM   681  O OE1 . GLU A 1 90  ? 6.387   -7.275  -4.987  1.00 12.46 ? 240  GLU A OE1 1 
ATOM   682  O OE2 . GLU A 1 90  ? 4.918   -7.137  -6.625  1.00 12.56 ? 240  GLU A OE2 1 
ATOM   683  N N   . VAL A 1 91  ? 3.637   -7.946  0.047   1.00 5.51  ? 241  VAL A N   1 
ATOM   684  C CA  A VAL A 1 91  ? 4.233   -8.170  1.369   0.61 7.97  ? 241  VAL A CA  1 
ATOM   685  C CA  B VAL A 1 91  ? 4.193   -8.189  1.378   0.39 7.45  ? 241  VAL A CA  1 
ATOM   686  C C   . VAL A 1 91  ? 4.930   -9.514  1.392   1.00 5.80  ? 241  VAL A C   1 
ATOM   687  O O   . VAL A 1 91  ? 4.538   -10.504 0.780   1.00 8.26  ? 241  VAL A O   1 
ATOM   688  C CB  A VAL A 1 91  ? 3.194   -8.062  2.493   0.61 5.75  ? 241  VAL A CB  1 
ATOM   689  C CB  B VAL A 1 91  ? 3.117   -8.182  2.477   0.39 5.95  ? 241  VAL A CB  1 
ATOM   690  C CG1 A VAL A 1 91  ? 3.735   -8.621  3.793   0.61 7.76  ? 241  VAL A CG1 1 
ATOM   691  C CG1 B VAL A 1 91  ? 2.413   -6.834  2.513   0.39 9.26  ? 241  VAL A CG1 1 
ATOM   692  C CG2 A VAL A 1 91  ? 2.796   -6.602  2.673   0.61 8.50  ? 241  VAL A CG2 1 
ATOM   693  C CG2 B VAL A 1 91  ? 2.111   -9.301  2.260   0.39 7.86  ? 241  VAL A CG2 1 
ATOM   694  N N   . SER A 1 92  ? 6.042   -9.567  2.128   1.00 6.78  ? 242  SER A N   1 
ATOM   695  C CA  A SER A 1 92  ? 6.801   -10.785 2.297   0.63 8.12  ? 242  SER A CA  1 
ATOM   696  C CA  B SER A 1 92  ? 6.740   -10.826 2.300   0.37 8.94  ? 242  SER A CA  1 
ATOM   697  C C   . SER A 1 92  ? 7.024   -11.088 3.775   1.00 9.84  ? 242  SER A C   1 
ATOM   698  O O   . SER A 1 92  ? 7.237   -10.189 4.580   1.00 10.96 ? 242  SER A O   1 
ATOM   699  C CB  A SER A 1 92  ? 8.162   -10.709 1.591   0.63 12.16 ? 242  SER A CB  1 
ATOM   700  C CB  B SER A 1 92  ? 8.060   -10.864 1.524   0.37 11.73 ? 242  SER A CB  1 
ATOM   701  O OG  A SER A 1 92  ? 8.007   -10.358 0.223   0.63 12.59 ? 242  SER A OG  1 
ATOM   702  O OG  B SER A 1 92  ? 8.970   -9.942  2.093   0.37 9.04  ? 242  SER A OG  1 
ATOM   703  N N   . THR A 1 93  ? 7.014   -12.373 4.113   1.00 9.00  ? 243  THR A N   1 
ATOM   704  C CA  . THR A 1 93  ? 7.453   -12.879 5.396   1.00 7.53  ? 243  THR A CA  1 
ATOM   705  C C   . THR A 1 93  ? 8.572   -13.890 5.137   1.00 10.24 ? 243  THR A C   1 
ATOM   706  O O   . THR A 1 93  ? 8.913   -14.168 3.997   1.00 10.52 ? 243  THR A O   1 
ATOM   707  C CB  . THR A 1 93  ? 6.339   -13.559 6.206   1.00 10.18 ? 243  THR A CB  1 
ATOM   708  O OG1 . THR A 1 93  ? 5.871   -14.691 5.460   1.00 11.46 ? 243  THR A OG1 1 
ATOM   709  C CG2 . THR A 1 93  ? 5.166   -12.606 6.384   1.00 9.52  ? 243  THR A CG2 1 
ATOM   710  N N   . LYS A 1 94  ? 9.122   -14.426 6.217   1.00 10.52 ? 244  LYS A N   1 
ATOM   711  C CA  . LYS A 1 94  ? 10.117  -15.484 6.033   1.00 15.42 ? 244  LYS A CA  1 
ATOM   712  C C   . LYS A 1 94  ? 9.559   -16.616 5.179   1.00 12.82 ? 244  LYS A C   1 
ATOM   713  O O   . LYS A 1 94  ? 10.342  -17.251 4.462   1.00 17.16 ? 244  LYS A O   1 
ATOM   714  C CB  . LYS A 1 94  ? 10.571  -16.014 7.401   1.00 14.85 ? 244  LYS A CB  1 
ATOM   715  C CG  . LYS A 1 94  ? 11.806  -16.901 7.400   1.00 22.64 ? 244  LYS A CG  1 
ATOM   716  C CD  . LYS A 1 94  ? 11.997  -17.568 8.766   1.00 26.58 ? 244  LYS A CD  1 
ATOM   717  N N   . ASP A 1 95  ? 8.244   -16.869 5.217   1.00 10.06 ? 245  ASP A N   1 
ATOM   718  C CA  . ASP A 1 95  ? 7.703   -18.085 4.632   1.00 13.95 ? 245  ASP A CA  1 
ATOM   719  C C   . ASP A 1 95  ? 6.709   -17.867 3.497   1.00 12.09 ? 245  ASP A C   1 
ATOM   720  O O   . ASP A 1 95  ? 6.369   -18.816 2.784   1.00 12.31 ? 245  ASP A O   1 
ATOM   721  C CB  . ASP A 1 95  ? 6.964   -18.908 5.702   1.00 21.02 ? 245  ASP A CB  1 
ATOM   722  C CG  . ASP A 1 95  ? 7.822   -19.253 6.905   1.00 21.79 ? 245  ASP A CG  1 
ATOM   723  O OD1 . ASP A 1 95  ? 8.850   -19.939 6.720   1.00 29.68 ? 245  ASP A OD1 1 
ATOM   724  O OD2 . ASP A 1 95  ? 7.434   -18.833 8.017   1.00 32.67 ? 245  ASP A OD2 1 
ATOM   725  N N   . LYS A 1 96  ? 6.220   -16.644 3.313   1.00 7.24  ? 246  LYS A N   1 
ATOM   726  C CA  . LYS A 1 96  ? 5.179   -16.403 2.327   1.00 7.44  ? 246  LYS A CA  1 
ATOM   727  C C   . LYS A 1 96  ? 5.377   -15.090 1.582   1.00 7.58  ? 246  LYS A C   1 
ATOM   728  O O   . LYS A 1 96  ? 6.112   -14.202 2.030   1.00 8.11  ? 246  LYS A O   1 
ATOM   729  C CB  . LYS A 1 96  ? 3.804   -16.350 3.016   1.00 8.63  ? 246  LYS A CB  1 
ATOM   730  C CG  . LYS A 1 96  ? 3.315   -17.701 3.509   1.00 10.24 ? 246  LYS A CG  1 
ATOM   731  C CD  . LYS A 1 96  ? 2.056   -17.578 4.356   1.00 16.45 ? 246  LYS A CD  1 
ATOM   732  C CE  . LYS A 1 96  ? 1.587   -18.930 4.891   1.00 17.06 ? 246  LYS A CE  1 
ATOM   733  N NZ  . LYS A 1 96  ? 0.236   -18.784 5.529   1.00 19.08 ? 246  LYS A NZ  1 
ATOM   734  N N   . PHE A 1 97  ? 4.711   -14.986 0.464   1.00 7.08  ? 247  PHE A N   1 
ATOM   735  C CA  A PHE A 1 97  ? 4.560   -13.757 -0.298  0.59 6.28  ? 247  PHE A CA  1 
ATOM   736  C CA  B PHE A 1 97  ? 4.567   -13.781 -0.327  0.41 6.73  ? 247  PHE A CA  1 
ATOM   737  C C   . PHE A 1 97  ? 3.080   -13.545 -0.597  1.00 7.17  ? 247  PHE A C   1 
ATOM   738  O O   . PHE A 1 97  ? 2.314   -14.477 -0.773  1.00 7.69  ? 247  PHE A O   1 
ATOM   739  C CB  A PHE A 1 97  ? 5.388   -13.846 -1.572  0.59 8.50  ? 247  PHE A CB  1 
ATOM   740  C CB  B PHE A 1 97  ? 5.192   -13.805 -1.713  0.41 6.17  ? 247  PHE A CB  1 
ATOM   741  C CG  A PHE A 1 97  ? 5.339   -12.683 -2.526  0.59 8.99  ? 247  PHE A CG  1 
ATOM   742  C CG  B PHE A 1 97  ? 6.694   -13.696 -1.824  0.41 7.42  ? 247  PHE A CG  1 
ATOM   743  C CD1 A PHE A 1 97  ? 6.077   -11.536 -2.274  0.59 13.00 ? 247  PHE A CD1 1 
ATOM   744  C CD1 B PHE A 1 97  ? 7.359   -12.566 -1.383  0.41 12.90 ? 247  PHE A CD1 1 
ATOM   745  C CD2 A PHE A 1 97  ? 4.558   -12.737 -3.668  0.59 8.73  ? 247  PHE A CD2 1 
ATOM   746  C CD2 B PHE A 1 97  ? 7.399   -14.753 -2.381  0.41 5.58  ? 247  PHE A CD2 1 
ATOM   747  C CE1 A PHE A 1 97  ? 6.024   -10.478 -3.154  0.59 10.88 ? 247  PHE A CE1 1 
ATOM   748  C CE1 B PHE A 1 97  ? 8.737   -12.480 -1.496  0.41 12.15 ? 247  PHE A CE1 1 
ATOM   749  C CE2 A PHE A 1 97  ? 4.494   -11.676 -4.557  0.59 16.52 ? 247  PHE A CE2 1 
ATOM   750  C CE2 B PHE A 1 97  ? 8.779   -14.666 -2.490  0.41 7.09  ? 247  PHE A CE2 1 
ATOM   751  C CZ  A PHE A 1 97  ? 5.232   -10.536 -4.285  0.59 16.62 ? 247  PHE A CZ  1 
ATOM   752  C CZ  B PHE A 1 97  ? 9.428   -13.536 -2.038  0.41 4.97  ? 247  PHE A CZ  1 
ATOM   753  N N   . ASP A 1 98  ? 2.703   -12.259 -0.657  1.00 5.95  ? 248  ASP A N   1 
ATOM   754  C CA  . ASP A 1 98  ? 1.329   -11.984 -1.087  1.00 4.63  ? 248  ASP A CA  1 
ATOM   755  C C   . ASP A 1 98  ? 1.295   -10.614 -1.727  1.00 6.22  ? 248  ASP A C   1 
ATOM   756  O O   . ASP A 1 98  ? 2.236   -9.808  -1.583  1.00 8.52  ? 248  ASP A O   1 
ATOM   757  C CB  . ASP A 1 98  ? 0.401   -12.098 0.118   1.00 8.72  ? 248  ASP A CB  1 
ATOM   758  C CG  . ASP A 1 98  ? -1.026  -12.419 -0.253  1.00 8.20  ? 248  ASP A CG  1 
ATOM   759  O OD1 . ASP A 1 98  ? -1.420  -12.434 -1.424  1.00 7.74  ? 248  ASP A OD1 1 
ATOM   760  O OD2 . ASP A 1 98  ? -1.808  -12.653 0.685   1.00 8.68  ? 248  ASP A OD2 1 
ATOM   761  N N   . CYS A 1 99  ? 0.225   -10.327 -2.448  1.00 6.91  ? 249  CYS A N   1 
ATOM   762  C CA  . CYS A 1 99  ? 0.086   -8.971  -2.963  1.00 7.51  ? 249  CYS A CA  1 
ATOM   763  C C   . CYS A 1 99  ? -1.392  -8.677  -3.191  1.00 6.93  ? 249  CYS A C   1 
ATOM   764  O O   . CYS A 1 99  ? -2.275  -9.519  -3.085  1.00 8.05  ? 249  CYS A O   1 
ATOM   765  C CB  . CYS A 1 99  ? 0.907   -8.754  -4.226  1.00 12.18 ? 249  CYS A CB  1 
ATOM   766  S SG  . CYS A 1 99  ? 0.200   -9.594  -5.654  1.00 17.35 ? 249  CYS A SG  1 
ATOM   767  N N   . SER A 1 100 ? -1.655  -7.421  -3.491  1.00 6.81  ? 250  SER A N   1 
ATOM   768  C CA  . SER A 1 100 ? -3.010  -6.908  -3.499  1.00 5.03  ? 250  SER A CA  1 
ATOM   769  C C   . SER A 1 100 ? -3.082  -5.696  -4.415  1.00 5.47  ? 250  SER A C   1 
ATOM   770  O O   . SER A 1 100 ? -2.332  -4.739  -4.227  1.00 8.41  ? 250  SER A O   1 
ATOM   771  C CB  . SER A 1 100 ? -3.395  -6.555  -2.056  1.00 10.91 ? 250  SER A CB  1 
ATOM   772  O OG  . SER A 1 100 ? -4.814  -6.598  -1.892  1.00 11.94 ? 250  SER A OG  1 
ATOM   773  N N   . ASN A 1 101 ? -3.982  -5.727  -5.377  1.00 4.24  ? 251  ASN A N   1 
ATOM   774  C CA  . ASN A 1 101 ? -4.166  -4.637  -6.325  1.00 3.68  ? 251  ASN A CA  1 
ATOM   775  C C   . ASN A 1 101 ? -5.212  -3.654  -5.853  1.00 5.16  ? 251  ASN A C   1 
ATOM   776  O O   . ASN A 1 101 ? -6.208  -4.005  -5.193  1.00 8.42  ? 251  ASN A O   1 
ATOM   777  C CB  . ASN A 1 101 ? -4.604  -5.272  -7.671  1.00 5.79  ? 251  ASN A CB  1 
ATOM   778  C CG  . ASN A 1 101 ? -3.416  -5.878  -8.404  1.00 5.00  ? 251  ASN A CG  1 
ATOM   779  O OD1 . ASN A 1 101 ? -2.816  -5.173  -9.207  1.00 8.27  ? 251  ASN A OD1 1 
ATOM   780  N ND2 . ASN A 1 101 ? -3.070  -7.132  -8.153  1.00 8.76  ? 251  ASN A ND2 1 
ATOM   781  N N   . PHE A 1 102 ? -5.031  -2.391  -6.218  1.00 4.81  ? 252  PHE A N   1 
ATOM   782  C CA  . PHE A 1 102 ? -6.001  -1.358  -5.902  1.00 6.24  ? 252  PHE A CA  1 
ATOM   783  C C   . PHE A 1 102 ? -5.805  -0.197  -6.859  1.00 6.86  ? 252  PHE A C   1 
ATOM   784  O O   . PHE A 1 102 ? -4.805  -0.148  -7.586  1.00 7.36  ? 252  PHE A O   1 
ATOM   785  C CB  . PHE A 1 102 ? -5.870  -0.861  -4.453  1.00 6.71  ? 252  PHE A CB  1 
ATOM   786  C CG  . PHE A 1 102 ? -4.546  -0.219  -4.078  1.00 5.55  ? 252  PHE A CG  1 
ATOM   787  C CD1 . PHE A 1 102 ? -3.399  -0.964  -3.838  1.00 6.35  ? 252  PHE A CD1 1 
ATOM   788  C CD2 . PHE A 1 102 ? -4.490  1.173   -3.965  1.00 12.28 ? 252  PHE A CD2 1 
ATOM   789  C CE1 . PHE A 1 102 ? -2.217  -0.325  -3.495  1.00 6.21  ? 252  PHE A CE1 1 
ATOM   790  C CE2 . PHE A 1 102 ? -3.322  1.843   -3.607  1.00 4.84  ? 252  PHE A CE2 1 
ATOM   791  C CZ  . PHE A 1 102 ? -2.199  1.060   -3.347  1.00 6.97  ? 252  PHE A CZ  1 
ATOM   792  N N   . ASN A 1 103 ? -6.770  0.719   -6.836  1.00 6.32  ? 253  ASN A N   1 
ATOM   793  C CA  . ASN A 1 103 ? -6.704  1.832   -7.780  1.00 7.32  ? 253  ASN A CA  1 
ATOM   794  C C   . ASN A 1 103 ? -6.843  3.183   -7.093  1.00 9.50  ? 253  ASN A C   1 
ATOM   795  O O   . ASN A 1 103 ? -7.512  3.315   -6.066  1.00 9.46  ? 253  ASN A O   1 
ATOM   796  C CB  . ASN A 1 103 ? -7.842  1.668   -8.809  1.00 10.88 ? 253  ASN A CB  1 
ATOM   797  C CG  . ASN A 1 103 ? -7.538  0.468   -9.695  1.00 14.45 ? 253  ASN A CG  1 
ATOM   798  O OD1 . ASN A 1 103 ? -6.813  0.475   -10.679 1.00 25.65 ? 253  ASN A OD1 1 
ATOM   799  N ND2 . ASN A 1 103 ? -8.104  -0.679  -9.310  1.00 32.80 ? 253  ASN A ND2 1 
ATOM   800  N N   . LEU A 1 104 ? -6.214  4.194   -7.683  1.00 7.60  ? 254  LEU A N   1 
ATOM   801  C CA  . LEU A 1 104 ? -6.429  5.558   -7.233  1.00 7.83  ? 254  LEU A CA  1 
ATOM   802  C C   . LEU A 1 104 ? -7.051  6.350   -8.380  1.00 7.03  ? 254  LEU A C   1 
ATOM   803  O O   . LEU A 1 104 ? -6.549  6.244   -9.493  1.00 10.22 ? 254  LEU A O   1 
ATOM   804  C CB  . LEU A 1 104 ? -5.129  6.211   -6.803  1.00 7.72  ? 254  LEU A CB  1 
ATOM   805  C CG  . LEU A 1 104 ? -5.225  7.724   -6.534  1.00 7.36  ? 254  LEU A CG  1 
ATOM   806  C CD1 . LEU A 1 104 ? -6.157  7.990   -5.368  1.00 9.99  ? 254  LEU A CD1 1 
ATOM   807  C CD2 . LEU A 1 104 ? -3.810  8.230   -6.306  1.00 9.52  ? 254  LEU A CD2 1 
ATOM   808  N N   . THR A 1 105 ? -8.093  7.116   -8.099  1.00 10.39 ? 255  THR A N   1 
ATOM   809  C CA  . THR A 1 105 ? -8.631  8.033   -9.090  1.00 11.39 ? 255  THR A CA  1 
ATOM   810  C C   . THR A 1 105 ? -8.501  9.451   -8.543  1.00 10.90 ? 255  THR A C   1 
ATOM   811  O O   . THR A 1 105 ? -8.975  9.728   -7.450  1.00 14.40 ? 255  THR A O   1 
ATOM   812  C CB  . THR A 1 105 ? -10.101 7.777   -9.438  1.00 11.69 ? 255  THR A CB  1 
ATOM   813  O OG1 . THR A 1 105 ? -10.274 6.432   -9.904  1.00 12.78 ? 255  THR A OG1 1 
ATOM   814  C CG2 . THR A 1 105 ? -10.581 8.669   -10.580 1.00 13.09 ? 255  THR A CG2 1 
ATOM   815  N N   . VAL A 1 106 ? -7.867  10.307  -9.341  1.00 10.05 ? 256  VAL A N   1 
ATOM   816  C CA  . VAL A 1 106 ? -7.763  11.717  -8.996  1.00 11.98 ? 256  VAL A CA  1 
ATOM   817  C C   . VAL A 1 106 ? -8.805  12.489  -9.793  1.00 10.22 ? 256  VAL A C   1 
ATOM   818  O O   . VAL A 1 106 ? -8.870  12.389  -11.028 1.00 15.25 ? 256  VAL A O   1 
ATOM   819  C CB  . VAL A 1 106 ? -6.365  12.279  -9.273  1.00 14.98 ? 256  VAL A CB  1 
ATOM   820  C CG1 . VAL A 1 106 ? -6.303  13.757  -8.857  1.00 12.14 ? 256  VAL A CG1 1 
ATOM   821  C CG2 . VAL A 1 106 ? -5.288  11.478  -8.551  1.00 16.57 ? 256  VAL A CG2 1 
ATOM   822  N N   . HIS A 1 107 ? -9.631  13.230  -9.081  1.00 11.23 ? 257  HIS A N   1 
ATOM   823  C CA  . HIS A 1 107 ? -10.685 13.993  -9.749  1.00 17.30 ? 257  HIS A CA  1 
ATOM   824  C C   . HIS A 1 107 ? -10.379 15.490  -9.836  1.00 20.62 ? 257  HIS A C   1 
ATOM   825  O O   . HIS A 1 107 ? -9.849  16.059  -8.882  1.00 17.93 ? 257  HIS A O   1 
ATOM   826  C CB  . HIS A 1 107 ? -12.023 13.808  -9.030  1.00 15.18 ? 257  HIS A CB  1 
ATOM   827  C CG  . HIS A 1 107 ? -12.538 12.407  -8.965  1.00 18.41 ? 257  HIS A CG  1 
ATOM   828  N ND1 . HIS A 1 107 ? -13.126 11.771  -10.047 1.00 25.13 ? 257  HIS A ND1 1 
ATOM   829  C CD2 . HIS A 1 107 ? -12.574 11.508  -7.953  1.00 21.98 ? 257  HIS A CD2 1 
ATOM   830  C CE1 . HIS A 1 107 ? -13.493 10.551  -9.702  1.00 21.18 ? 257  HIS A CE1 1 
ATOM   831  N NE2 . HIS A 1 107 ? -13.167 10.361  -8.430  1.00 17.52 ? 257  HIS A NE2 1 
ATOM   832  N N   . GLU A 1 108 ? -10.731 16.090  -10.958 1.00 20.25 ? 258  GLU A N   1 
ATOM   833  C CA  . GLU A 1 108 ? -10.598 17.505  -11.273 1.00 32.85 ? 258  GLU A CA  1 
ATOM   834  C C   . GLU A 1 108 ? -9.235  17.836  -11.883 1.00 45.71 ? 258  GLU A C   1 
ATOM   835  O O   . GLU A 1 108 ? -9.181  18.283  -13.036 1.00 60.49 ? 258  GLU A O   1 
ATOM   836  C CB  . GLU A 1 108 ? -10.827 18.405  -10.056 1.00 26.97 ? 258  GLU A CB  1 
ATOM   837  C CG  . GLU A 1 108 ? -12.277 18.480  -9.623  1.00 25.84 ? 258  GLU A CG  1 
ATOM   838  C CD  . GLU A 1 108 ? -12.607 19.844  -9.039  1.00 32.82 ? 258  GLU A CD  1 
ATOM   839  O OE1 . GLU A 1 108 ? -13.308 20.632  -9.716  1.00 30.52 ? 258  GLU A OE1 1 
ATOM   840  O OE2 . GLU A 1 108 ? -12.164 20.137  -7.909  1.00 51.97 ? 258  GLU A OE2 1 
HETATM 841  O O   . HOH B 2 .   ? -12.100 -16.353 -5.835  1.00 14.03 ? 1001 HOH A O   1 
HETATM 842  O O   . HOH B 2 .   ? -10.854 -13.048 -1.150  1.00 21.16 ? 1002 HOH A O   1 
HETATM 843  O O   . HOH B 2 .   ? -11.017 -19.189 4.057   1.00 27.30 ? 1003 HOH A O   1 
HETATM 844  O O   . HOH B 2 .   ? -13.143 -14.590 1.299   1.00 34.86 ? 1004 HOH A O   1 
HETATM 845  O O   . HOH B 2 .   ? -6.927  -15.742 -1.194  1.00 12.32 ? 1005 HOH A O   1 
HETATM 846  O O   . HOH B 2 .   ? -4.048  -19.904 4.949   1.00 41.01 ? 1006 HOH A O   1 
HETATM 847  O O   . HOH B 2 .   ? -6.829  -13.355 2.906   1.00 27.79 ? 1007 HOH A O   1 
HETATM 848  O O   . HOH B 2 .   ? -4.015  -13.366 7.374   1.00 37.48 ? 1008 HOH A O   1 
HETATM 849  O O   . HOH B 2 .   ? -1.518  -12.009 8.225   1.00 11.51 ? 1009 HOH A O   1 
HETATM 850  O O   . HOH B 2 .   ? -10.268 -6.505  7.712   1.00 22.32 ? 1010 HOH A O   1 
HETATM 851  O O   . HOH B 2 .   ? -9.394  -9.425  8.747   1.00 42.42 ? 1011 HOH A O   1 
HETATM 852  O O   . HOH B 2 .   ? -8.134  -13.422 -0.610  1.00 23.92 ? 1012 HOH A O   1 
HETATM 853  O O   . HOH B 2 .   ? -13.106 -3.977  1.785   1.00 29.49 ? 1013 HOH A O   1 
HETATM 854  O O   . HOH B 2 .   ? -13.417 -0.440  0.049   1.00 23.99 ? 1014 HOH A O   1 
HETATM 855  O O   . HOH B 2 .   ? -6.341  1.167   1.820   1.00 6.75  ? 1015 HOH A O   1 
HETATM 856  O O   . HOH B 2 .   ? -11.917 -1.189  -2.661  1.00 13.49 ? 1016 HOH A O   1 
HETATM 857  O O   . HOH B 2 .   ? -11.905 -2.499  -8.069  1.00 23.48 ? 1017 HOH A O   1 
HETATM 858  O O   . HOH B 2 .   ? -13.413 -1.283  -4.706  1.00 27.18 ? 1018 HOH A O   1 
HETATM 859  O O   . HOH B 2 .   ? -13.729 1.409   -6.759  1.00 26.35 ? 1019 HOH A O   1 
HETATM 860  O O   . HOH B 2 .   ? -12.710 4.115   -4.511  1.00 38.23 ? 1020 HOH A O   1 
HETATM 861  O O   . HOH B 2 .   ? -10.154 4.474   -7.594  1.00 15.78 ? 1021 HOH A O   1 
HETATM 862  O O   . HOH B 2 .   ? -16.543 8.977   -8.606  1.00 22.89 ? 1022 HOH A O   1 
HETATM 863  O O   . HOH B 2 .   ? -9.821  15.066  -2.059  1.00 27.76 ? 1023 HOH A O   1 
HETATM 864  O O   . HOH B 2 .   ? -14.987 16.015  -3.118  1.00 28.37 ? 1024 HOH A O   1 
HETATM 865  O O   . HOH B 2 .   ? -6.976  21.723  -6.803  1.00 36.41 ? 1025 HOH A O   1 
HETATM 866  O O   . HOH B 2 .   ? -8.008  19.915  -3.297  1.00 30.98 ? 1026 HOH A O   1 
HETATM 867  O O   . HOH B 2 .   ? -3.008  17.596  0.003   1.00 15.87 ? 1027 HOH A O   1 
HETATM 868  O O   . HOH B 2 .   ? -7.161  16.266  1.426   1.00 23.23 ? 1028 HOH A O   1 
HETATM 869  O O   . HOH B 2 .   ? -8.121  14.578  0.092   1.00 42.17 ? 1029 HOH A O   1 
HETATM 870  O O   . HOH B 2 .   ? -8.784  11.543  0.977   1.00 32.14 ? 1030 HOH A O   1 
HETATM 871  O O   . HOH B 2 .   ? -7.523  3.640   1.575   1.00 10.12 ? 1031 HOH A O   1 
HETATM 872  O O   . HOH B 2 .   ? -6.998  8.831   3.602   1.00 15.53 ? 1032 HOH A O   1 
HETATM 873  O O   . HOH B 2 .   ? -4.052  9.208   7.148   1.00 16.67 ? 1033 HOH A O   1 
HETATM 874  O O   . HOH B 2 .   ? -7.250  4.792   4.587   1.00 16.56 ? 1034 HOH A O   1 
HETATM 875  O O   . HOH B 2 .   ? -5.786  3.253   6.546   1.00 13.80 ? 1035 HOH A O   1 
HETATM 876  O O   . HOH B 2 .   ? -6.708  -0.909  3.728   1.00 12.58 ? 1036 HOH A O   1 
HETATM 877  O O   . HOH B 2 .   ? -5.246  -1.484  6.377   1.00 15.82 ? 1037 HOH A O   1 
HETATM 878  O O   . HOH B 2 .   ? -4.354  0.517   13.914  1.00 18.89 ? 1038 HOH A O   1 
HETATM 879  O O   . HOH B 2 .   ? -4.811  3.439   10.659  1.00 19.64 ? 1039 HOH A O   1 
HETATM 880  O O   . HOH B 2 .   ? -3.822  -2.178  13.293  1.00 17.11 ? 1040 HOH A O   1 
HETATM 881  O O   . HOH B 2 .   ? 0.647   -13.402 9.137   1.00 27.76 ? 1041 HOH A O   1 
HETATM 882  O O   . HOH B 2 .   ? 3.022   -12.754 16.701  1.00 35.21 ? 1042 HOH A O   1 
HETATM 883  O O   . HOH B 2 .   ? 4.735   -12.595 10.420  1.00 25.18 ? 1043 HOH A O   1 
HETATM 884  O O   . HOH B 2 .   ? 3.326   -14.764 15.629  1.00 32.16 ? 1044 HOH A O   1 
HETATM 885  O O   . HOH B 2 .   ? 10.688  -14.045 10.753  1.00 23.79 ? 1045 HOH A O   1 
HETATM 886  O O   . HOH B 2 .   ? 8.732   -13.134 14.221  1.00 33.41 ? 1046 HOH A O   1 
HETATM 887  O O   . HOH B 2 .   ? 10.010  -10.764 7.058   1.00 19.55 ? 1047 HOH A O   1 
HETATM 888  O O   . HOH B 2 .   ? 11.801  -7.358  8.810   1.00 18.15 ? 1048 HOH A O   1 
HETATM 889  O O   . HOH B 2 .   ? 8.803   -4.128  7.654   1.00 17.14 ? 1049 HOH A O   1 
HETATM 890  O O   . HOH B 2 .   ? 7.696   -7.243  -0.072  1.00 20.16 ? 1050 HOH A O   1 
HETATM 891  O O   . HOH B 2 .   ? 9.191   -0.639  0.028   1.00 25.41 ? 1051 HOH A O   1 
HETATM 892  O O   . HOH B 2 .   ? 10.905  -3.821  0.623   1.00 22.59 ? 1052 HOH A O   1 
HETATM 893  O O   . HOH B 2 .   ? 7.869   0.441   -1.781  1.00 15.42 ? 1053 HOH A O   1 
HETATM 894  O O   . HOH B 2 .   ? 3.588   2.493   -13.494 1.00 22.05 ? 1054 HOH A O   1 
HETATM 895  O O   . HOH B 2 .   ? 1.882   8.545   -10.583 1.00 17.39 ? 1055 HOH A O   1 
HETATM 896  O O   . HOH B 2 .   ? 1.460   5.959   -14.203 1.00 25.99 ? 1056 HOH A O   1 
HETATM 897  O O   . HOH B 2 .   ? 0.008   -2.267  -9.845  1.00 32.61 ? 1057 HOH A O   1 
HETATM 898  O O   . HOH B 2 .   ? 3.057   -1.466  -15.650 1.00 17.87 ? 1058 HOH A O   1 
HETATM 899  O O   . HOH B 2 .   ? 4.006   -8.820  -19.724 1.00 21.04 ? 1059 HOH A O   1 
HETATM 900  O O   . HOH B 2 .   ? 5.439   -10.131 -16.841 1.00 26.89 ? 1060 HOH A O   1 
HETATM 901  O O   . HOH B 2 .   ? 5.341   -0.479  -14.607 1.00 18.25 ? 1061 HOH A O   1 
HETATM 902  O O   . HOH B 2 .   ? 11.246  -2.396  -11.154 1.00 22.99 ? 1062 HOH A O   1 
HETATM 903  O O   . HOH B 2 .   ? 10.690  1.543   -12.486 1.00 28.60 ? 1063 HOH A O   1 
HETATM 904  O O   . HOH B 2 .   ? 12.219  -2.583  -7.653  1.00 42.89 ? 1064 HOH A O   1 
HETATM 905  O O   . HOH B 2 .   ? 13.579  -0.660  -6.466  1.00 21.73 ? 1065 HOH A O   1 
HETATM 906  O O   . HOH B 2 .   ? 11.256  1.615   -9.762  1.00 15.55 ? 1066 HOH A O   1 
HETATM 907  O O   . HOH B 2 .   ? 13.911  3.100   -3.508  1.00 23.77 ? 1067 HOH A O   1 
HETATM 908  O O   . HOH B 2 .   ? 13.757  6.861   -2.247  1.00 30.94 ? 1068 HOH A O   1 
HETATM 909  O O   . HOH B 2 .   ? 11.967  5.749   -9.672  1.00 10.65 ? 1069 HOH A O   1 
HETATM 910  O O   . HOH B 2 .   ? 8.137   11.097  -6.866  1.00 34.08 ? 1070 HOH A O   1 
HETATM 911  O O   . HOH B 2 .   ? 4.656   13.703  1.357   1.00 39.78 ? 1071 HOH A O   1 
HETATM 912  O O   . HOH B 2 .   ? 3.096   19.580  -3.592  1.00 43.34 ? 1072 HOH A O   1 
HETATM 913  O O   . HOH B 2 .   ? 6.878   12.657  -3.997  1.00 20.69 ? 1073 HOH A O   1 
HETATM 914  O O   . HOH B 2 .   ? 7.037   7.740   7.888   1.00 34.03 ? 1074 HOH A O   1 
HETATM 915  O O   . HOH B 2 .   ? 8.622   7.872   3.590   1.00 23.62 ? 1075 HOH A O   1 
HETATM 916  O O   . HOH B 2 .   ? 8.359   -2.743  5.272   1.00 9.95  ? 1076 HOH A O   1 
HETATM 917  O O   . HOH B 2 .   ? 7.527   1.180   3.691   1.00 13.28 ? 1077 HOH A O   1 
HETATM 918  O O   . HOH B 2 .   ? 8.739   0.882   11.689  1.00 28.98 ? 1078 HOH A O   1 
HETATM 919  O O   . HOH B 2 .   ? 4.544   1.488   3.784   1.00 7.43  ? 1079 HOH A O   1 
HETATM 920  O O   . HOH B 2 .   ? 8.230   3.657   8.397   1.00 15.24 ? 1080 HOH A O   1 
HETATM 921  O O   . HOH B 2 .   ? 9.820   0.064   7.269   1.00 23.97 ? 1081 HOH A O   1 
HETATM 922  O O   . HOH B 2 .   ? 1.781   4.586   13.896  0.50 17.20 ? 1082 HOH A O   1 
HETATM 923  O O   . HOH B 2 .   ? 0.156   0.464   14.039  1.00 11.10 ? 1083 HOH A O   1 
HETATM 924  O O   . HOH B 2 .   ? 4.737   -2.534  9.693   1.00 15.01 ? 1084 HOH A O   1 
HETATM 925  O O   . HOH B 2 .   ? 2.011   2.480   9.775   1.00 9.72  ? 1085 HOH A O   1 
HETATM 926  O O   . HOH B 2 .   ? 1.458   1.237   16.331  1.00 14.46 ? 1086 HOH A O   1 
HETATM 927  O O   . HOH B 2 .   ? 4.809   -8.219  20.301  1.00 28.65 ? 1087 HOH A O   1 
HETATM 928  O O   . HOH B 2 .   ? 4.075   -10.438 16.354  1.00 23.93 ? 1088 HOH A O   1 
HETATM 929  O O   . HOH B 2 .   ? 5.550   0.699   15.622  1.00 13.32 ? 1089 HOH A O   1 
HETATM 930  O O   . HOH B 2 .   ? -0.984  0.985   18.469  1.00 22.31 ? 1090 HOH A O   1 
HETATM 931  O O   . HOH B 2 .   ? -4.937  -2.728  19.806  1.00 19.91 ? 1091 HOH A O   1 
HETATM 932  O O   . HOH B 2 .   ? -15.712 -0.153  1.450   1.00 24.26 ? 1092 HOH A O   1 
HETATM 933  O O   . HOH B 2 .   ? 6.296   -2.880  24.517  1.00 21.81 ? 1093 HOH A O   1 
HETATM 934  O O   . HOH B 2 .   ? 2.282   -1.003  20.051  1.00 18.49 ? 1094 HOH A O   1 
HETATM 935  O O   . HOH B 2 .   ? 6.251   -3.499  21.493  1.00 22.86 ? 1095 HOH A O   1 
HETATM 936  O O   . HOH B 2 .   ? -0.280  -2.118  22.400  1.00 40.87 ? 1096 HOH A O   1 
HETATM 937  O O   . HOH B 2 .   ? -4.911  -4.104  14.966  1.00 15.92 ? 1097 HOH A O   1 
HETATM 938  O O   . HOH B 2 .   ? -5.366  -9.111  16.771  1.00 26.88 ? 1098 HOH A O   1 
HETATM 939  O O   . HOH B 2 .   ? -2.582  -10.822 15.131  1.00 30.55 ? 1099 HOH A O   1 
HETATM 940  O O   . HOH B 2 .   ? -3.578  -10.781 19.768  1.00 41.94 ? 1100 HOH A O   1 
HETATM 941  O O   . HOH B 2 .   ? -3.252  -12.177 17.704  1.00 35.42 ? 1101 HOH A O   1 
HETATM 942  O O   . HOH B 2 .   ? -1.057  -2.089  13.557  1.00 9.59  ? 1102 HOH A O   1 
HETATM 943  O O   . HOH B 2 .   ? -0.917  -15.615 10.893  1.00 23.39 ? 1103 HOH A O   1 
HETATM 944  O O   . HOH B 2 .   ? 8.315   -5.982  15.915  1.00 26.62 ? 1104 HOH A O   1 
HETATM 945  O O   . HOH B 2 .   ? 6.442   -10.049 15.054  1.00 19.94 ? 1105 HOH A O   1 
HETATM 946  O O   . HOH B 2 .   ? 11.549  -4.596  8.105   1.00 24.96 ? 1106 HOH A O   1 
HETATM 947  O O   . HOH B 2 .   ? 7.491   -3.080  10.087  1.00 22.51 ? 1107 HOH A O   1 
HETATM 948  O O   . HOH B 2 .   ? 13.011  -9.783  6.890   1.00 25.87 ? 1108 HOH A O   1 
HETATM 949  O O   . HOH B 2 .   ? 1.398   7.248   9.233   1.00 11.49 ? 1109 HOH A O   1 
HETATM 950  O O   . HOH B 2 .   ? -1.677  7.557   9.679   1.00 15.55 ? 1110 HOH A O   1 
HETATM 951  O O   . HOH B 2 .   ? -4.053  4.467   8.131   1.00 13.40 ? 1111 HOH A O   1 
HETATM 952  O O   . HOH B 2 .   ? -0.015  5.159   11.923  1.00 12.69 ? 1112 HOH A O   1 
HETATM 953  O O   . HOH B 2 .   ? 1.248   2.734   -14.489 1.00 27.08 ? 1113 HOH A O   1 
HETATM 954  O O   . HOH B 2 .   ? 3.955   5.187   -13.393 1.00 25.94 ? 1114 HOH A O   1 
HETATM 955  O O   . HOH B 2 .   ? -0.161  7.039   -15.746 1.00 56.24 ? 1115 HOH A O   1 
HETATM 956  O O   . HOH B 2 .   ? 10.866  -4.329  -9.086  1.00 26.53 ? 1116 HOH A O   1 
HETATM 957  O O   . HOH B 2 .   ? 2.855   12.155  1.512   1.00 20.20 ? 1117 HOH A O   1 
HETATM 958  O O   . HOH B 2 .   ? 13.920  8.354   0.469   1.00 22.92 ? 1118 HOH A O   1 
HETATM 959  O O   . HOH B 2 .   ? 0.345   18.078  -12.344 1.00 44.35 ? 1119 HOH A O   1 
HETATM 960  O O   . HOH B 2 .   ? 10.018  1.986   9.030   1.00 32.62 ? 1120 HOH A O   1 
HETATM 961  O O   . HOH B 2 .   ? 10.724  -2.093  3.892   1.00 27.72 ? 1121 HOH A O   1 
HETATM 962  O O   . HOH B 2 .   ? -2.119  1.952   14.315  1.00 16.09 ? 1122 HOH A O   1 
HETATM 963  O O   . HOH B 2 .   ? 9.766   2.708   4.247   1.00 30.57 ? 1123 HOH A O   1 
HETATM 964  O O   . HOH B 2 .   ? 10.600  6.598   3.267   1.00 32.08 ? 1124 HOH A O   1 
HETATM 965  O O   . HOH B 2 .   ? 9.276   -1.015  10.178  1.00 31.09 ? 1125 HOH A O   1 
HETATM 966  O O   . HOH B 2 .   ? -2.392  2.713   16.873  1.00 15.93 ? 1126 HOH A O   1 
HETATM 967  O O   . HOH B 2 .   ? -6.052  -4.855  21.630  1.00 27.89 ? 1127 HOH A O   1 
HETATM 968  O O   . HOH B 2 .   ? 6.934   -6.975  20.446  1.00 42.05 ? 1128 HOH A O   1 
HETATM 969  O O   . HOH B 2 .   ? -0.420  15.693  -13.117 1.00 19.87 ? 1129 HOH A O   1 
HETATM 970  O O   . HOH B 2 .   ? -0.961  -12.728 15.043  1.00 19.81 ? 1130 HOH A O   1 
HETATM 971  O O   . HOH B 2 .   ? -4.332  -10.821 13.250  1.00 28.11 ? 1131 HOH A O   1 
HETATM 972  O O   . HOH B 2 .   ? -6.427  11.639  -13.665 1.00 17.98 ? 1132 HOH A O   1 
HETATM 973  O O   . HOH B 2 .   ? -2.139  -14.738 13.542  1.00 20.02 ? 1133 HOH A O   1 
HETATM 974  O O   . HOH B 2 .   ? -2.458  4.189   12.755  1.00 13.00 ? 1134 HOH A O   1 
HETATM 975  O O   . HOH B 2 .   ? -5.169  7.183   7.963   1.00 21.88 ? 1135 HOH A O   1 
HETATM 976  O O   . HOH B 2 .   ? 11.624  -2.289  10.895  1.00 34.05 ? 1136 HOH A O   1 
HETATM 977  O O   . HOH B 2 .   ? -3.630  -2.606  -9.663  1.00 9.97  ? 1137 HOH A O   1 
HETATM 978  O O   . HOH B 2 .   ? -3.115  -0.383  -15.565 1.00 47.60 ? 1138 HOH A O   1 
HETATM 979  O O   . HOH B 2 .   ? -0.753  -2.566  -11.980 1.00 15.63 ? 1139 HOH A O   1 
HETATM 980  O O   . HOH B 2 .   ? -1.311  2.877   -13.803 1.00 44.51 ? 1140 HOH A O   1 
HETATM 981  O O   . HOH B 2 .   ? 2.973   12.210  4.210   1.00 22.77 ? 1141 HOH A O   1 
HETATM 982  O O   . HOH B 2 .   ? 2.169   7.868   -7.647  1.00 18.18 ? 1142 HOH A O   1 
HETATM 983  O O   . HOH B 2 .   ? 11.597  2.576   1.660   1.00 39.01 ? 1143 HOH A O   1 
HETATM 984  O O   . HOH B 2 .   ? 4.489   7.438   -8.854  1.00 26.68 ? 1144 HOH A O   1 
HETATM 985  O O   . HOH B 2 .   ? 2.609   10.167  -6.011  1.00 19.15 ? 1145 HOH A O   1 
HETATM 986  O O   . HOH B 2 .   ? 6.685   -8.080  -8.648  1.00 28.92 ? 1146 HOH A O   1 
HETATM 987  O O   . HOH B 2 .   ? 7.893   -7.392  -2.915  1.00 23.57 ? 1147 HOH A O   1 
HETATM 988  O O   . HOH B 2 .   ? 11.870  -9.694  2.134   1.00 29.05 ? 1148 HOH A O   1 
HETATM 989  O O   . HOH B 2 .   ? 10.507  -11.049 4.310   1.00 23.66 ? 1149 HOH A O   1 
HETATM 990  O O   . HOH B 2 .   ? 9.925   -8.087  0.341   1.00 26.89 ? 1150 HOH A O   1 
HETATM 991  O O   . HOH B 2 .   ? 4.050   -16.020 6.920   1.00 16.64 ? 1151 HOH A O   1 
HETATM 992  O O   . HOH B 2 .   ? 11.339  -19.418 2.743   1.00 25.72 ? 1152 HOH A O   1 
HETATM 993  O O   . HOH B 2 .   ? 12.991  -17.451 4.191   1.00 26.84 ? 1153 HOH A O   1 
HETATM 994  O O   . HOH B 2 .   ? 8.793   -12.758 8.713   1.00 24.04 ? 1154 HOH A O   1 
HETATM 995  O O   . HOH B 2 .   ? 5.011   -21.222 3.025   1.00 24.62 ? 1155 HOH A O   1 
HETATM 996  O O   . HOH B 2 .   ? -0.014  -16.794 7.656   1.00 34.17 ? 1156 HOH A O   1 
HETATM 997  O O   . HOH B 2 .   ? -1.598  -18.258 3.702   1.00 26.68 ? 1157 HOH A O   1 
HETATM 998  O O   . HOH B 2 .   ? -4.232  -12.052 1.774   1.00 11.40 ? 1158 HOH A O   1 
HETATM 999  O O   . HOH B 2 .   ? -3.844  -12.489 -2.479  1.00 8.08  ? 1159 HOH A O   1 
HETATM 1000 O O   . HOH B 2 .   ? -6.529  -4.813  -2.749  1.00 12.03 ? 1160 HOH A O   1 
HETATM 1001 O O   . HOH B 2 .   ? -0.418  -4.923  -10.600 1.00 8.67  ? 1161 HOH A O   1 
HETATM 1002 O O   . HOH B 2 .   ? -5.846  -7.829  -5.672  1.00 10.80 ? 1162 HOH A O   1 
HETATM 1003 O O   . HOH B 2 .   ? -8.869  -2.509  -7.809  1.00 36.85 ? 1163 HOH A O   1 
HETATM 1004 O O   . HOH B 2 .   ? -6.194  -2.454  -10.047 1.00 22.28 ? 1164 HOH A O   1 
HETATM 1005 O O   . HOH B 2 .   ? -10.028 10.772  -13.363 1.00 35.87 ? 1165 HOH A O   1 
HETATM 1006 O O   . HOH B 2 .   ? -7.387  14.022  -12.728 1.00 24.40 ? 1166 HOH A O   1 
HETATM 1007 O O   . HOH B 2 .   ? -12.039 12.081  -12.264 1.00 42.61 ? 1167 HOH A O   1 
HETATM 1008 O O   . HOH B 2 .   ? -11.901 14.513  -13.206 1.00 24.12 ? 1168 HOH A O   1 
HETATM 1009 O O   . HOH B 2 .   ? -8.456  20.375  -10.993 1.00 22.25 ? 1169 HOH A O   1 
HETATM 1010 O O   . HOH B 2 .   ? -11.945 20.180  -14.679 1.00 27.98 ? 1170 HOH A O   1 
# 
